data_8ONN
#
_entry.id   8ONN
#
_cell.length_a   141.102
_cell.length_b   51.335
_cell.length_c   205.289
_cell.angle_alpha   90.00
_cell.angle_beta   110.03
_cell.angle_gamma   90.00
#
_symmetry.space_group_name_H-M   'C 1 2 1'
#
loop_
_entity.id
_entity.type
_entity.pdbx_description
1 polymer 'Aminotransferase class IV'
2 non-polymer '3-[(~{E})-[2-methyl-3-oxidanyl-5-(phosphonooxymethyl)pyridin-4-yl]methylideneamino]oxypropanoic acid'
3 water water
#
_entity_poly.entity_id   1
_entity_poly.type   'polypeptide(L)'
_entity_poly.pdbx_seq_one_letter_code
;GHMNLCYIDGKFLPLEEAKLPVTDLIIQRGVGVFETISTHSRRPLMLTPHLKRLEGSATASSIVMPATLDEMARIIREGI
KKMGCETMVRPYITGGDSFGKDHLFSSSRYFVIFAEIRKPDPILYEKGVALHPINAERYLPSTKSINYMLSFTGQRDSKG
AYEILYCPEGEIVEGSHSTFFLIKNGHLITAPTSRALSGTTRQIVLELARRGNIQVEERCPLLTELPEAEEAFITGTVKE
LLPVVRIGDQIIGNGVPGKLTKHLHQVYLSSIVEWLE
;
_entity_poly.pdbx_strand_id   A,B,C,D,E
#
# COMPACT_ATOMS: atom_id res chain seq x y z
N HIS A 2 12.17 15.49 -36.37
CA HIS A 2 11.20 14.82 -35.48
C HIS A 2 10.50 15.84 -34.55
N MET A 3 9.30 15.51 -34.08
CA MET A 3 8.53 16.39 -33.17
C MET A 3 8.98 16.04 -31.75
N ASN A 4 9.90 16.81 -31.20
CA ASN A 4 10.41 16.57 -29.83
C ASN A 4 9.30 16.92 -28.82
N LEU A 5 9.32 16.32 -27.64
CA LEU A 5 8.32 16.52 -26.57
C LEU A 5 8.97 17.18 -25.34
N CYS A 6 8.14 17.91 -24.61
CA CYS A 6 8.35 18.33 -23.25
C CYS A 6 7.17 17.93 -22.37
N TYR A 7 7.41 17.07 -21.40
CA TYR A 7 6.47 16.84 -20.29
C TYR A 7 6.56 17.96 -19.24
N ILE A 8 5.44 18.64 -18.97
CA ILE A 8 5.32 19.78 -18.02
C ILE A 8 3.85 19.89 -17.61
N ASP A 9 3.53 20.10 -16.33
CA ASP A 9 2.14 20.25 -15.81
C ASP A 9 1.28 19.04 -16.20
N GLY A 10 1.80 17.80 -16.11
CA GLY A 10 1.02 16.58 -16.41
C GLY A 10 0.81 16.26 -17.89
N LYS A 11 1.29 17.08 -18.84
CA LYS A 11 0.96 16.85 -20.30
C LYS A 11 2.27 16.75 -21.06
N PHE A 12 2.32 15.90 -22.09
CA PHE A 12 3.38 15.82 -23.12
C PHE A 12 3.02 16.88 -24.16
N LEU A 13 3.75 18.00 -24.20
CA LEU A 13 3.54 19.10 -25.16
C LEU A 13 4.56 18.89 -26.27
N PRO A 14 4.31 19.37 -27.50
CA PRO A 14 5.39 19.68 -28.42
C PRO A 14 6.41 20.59 -27.74
N LEU A 15 7.72 20.29 -27.88
CA LEU A 15 8.81 20.98 -27.11
C LEU A 15 8.71 22.51 -27.32
N GLU A 16 8.42 22.91 -28.56
CA GLU A 16 8.46 24.29 -29.08
C GLU A 16 7.33 25.09 -28.38
N GLU A 17 6.32 24.49 -27.80
CA GLU A 17 5.16 25.15 -27.13
C GLU A 17 5.36 25.16 -25.61
N ALA A 18 6.30 24.40 -25.02
CA ALA A 18 6.34 24.27 -23.54
C ALA A 18 7.04 25.50 -22.99
N LYS A 19 6.47 26.13 -21.98
CA LYS A 19 7.04 27.38 -21.36
C LYS A 19 7.09 27.23 -19.84
N LEU A 20 7.94 28.03 -19.22
CA LEU A 20 8.22 28.06 -17.78
C LEU A 20 7.99 29.48 -17.28
N PRO A 21 7.36 29.64 -16.11
CA PRO A 21 7.13 31.00 -15.54
C PRO A 21 8.46 31.71 -15.26
N VAL A 22 8.60 33.02 -15.53
CA VAL A 22 9.87 33.75 -15.29
C VAL A 22 10.05 33.94 -13.81
N THR A 23 9.03 33.70 -12.97
CA THR A 23 9.21 33.72 -11.49
C THR A 23 10.16 32.63 -11.06
N ASP A 24 10.24 31.55 -11.83
CA ASP A 24 11.03 30.36 -11.46
C ASP A 24 12.52 30.77 -11.39
N LEU A 25 13.15 30.42 -10.27
CA LEU A 25 14.53 30.87 -9.95
C LEU A 25 15.55 30.07 -10.78
N ILE A 26 15.15 29.06 -11.54
CA ILE A 26 16.04 28.50 -12.60
C ILE A 26 16.34 29.60 -13.62
N ILE A 27 15.38 30.42 -13.99
CA ILE A 27 15.62 31.54 -14.95
C ILE A 27 16.42 32.66 -14.23
N GLN A 28 15.96 33.14 -13.09
CA GLN A 28 16.47 34.42 -12.50
C GLN A 28 17.83 34.19 -11.87
N ARG A 29 18.06 33.02 -11.30
CA ARG A 29 19.22 32.74 -10.42
C ARG A 29 19.93 31.43 -10.76
N GLY A 30 19.55 30.70 -11.84
CA GLY A 30 20.25 29.46 -12.25
C GLY A 30 20.01 28.33 -11.29
N VAL A 31 18.96 28.35 -10.48
CA VAL A 31 18.68 27.22 -9.56
C VAL A 31 17.94 26.10 -10.34
N GLY A 32 18.69 25.11 -10.79
CA GLY A 32 18.14 23.91 -11.41
C GLY A 32 19.15 22.79 -11.50
N VAL A 33 18.63 21.56 -11.60
CA VAL A 33 19.49 20.37 -11.78
C VAL A 33 18.85 19.54 -12.87
N PHE A 34 19.63 18.74 -13.58
CA PHE A 34 19.10 17.89 -14.67
C PHE A 34 20.01 16.65 -14.83
N GLU A 35 19.49 15.70 -15.56
CA GLU A 35 20.27 14.55 -16.08
C GLU A 35 20.02 14.40 -17.58
N THR A 36 20.96 13.72 -18.24
CA THR A 36 20.80 13.24 -19.62
C THR A 36 20.74 11.73 -19.51
N ILE A 37 19.65 11.15 -20.06
CA ILE A 37 19.40 9.71 -20.17
C ILE A 37 19.25 9.41 -21.66
N SER A 38 19.80 8.28 -22.12
CA SER A 38 19.80 7.92 -23.54
C SER A 38 19.18 6.53 -23.66
N THR A 39 18.76 6.17 -24.85
CA THR A 39 18.19 4.83 -25.19
C THR A 39 19.14 4.05 -26.06
N HIS A 40 19.21 2.74 -25.84
CA HIS A 40 19.67 1.73 -26.82
C HIS A 40 18.44 0.84 -27.12
N SER A 41 18.03 0.73 -28.38
CA SER A 41 16.78 0.01 -28.81
C SER A 41 15.55 0.49 -28.00
N ARG A 42 15.44 1.82 -27.74
CA ARG A 42 14.22 2.46 -27.15
C ARG A 42 14.16 2.13 -25.64
N ARG A 43 15.23 1.56 -25.03
CA ARG A 43 15.27 1.25 -23.59
C ARG A 43 16.21 2.25 -22.90
N PRO A 44 15.78 2.93 -21.82
CA PRO A 44 16.66 3.89 -21.16
C PRO A 44 17.83 3.17 -20.51
N LEU A 45 19.06 3.73 -20.69
CA LEU A 45 20.28 3.13 -20.17
C LEU A 45 20.53 3.72 -18.76
N MET A 46 20.73 2.84 -17.77
CA MET A 46 21.03 3.27 -16.37
C MET A 46 20.01 4.30 -15.84
N LEU A 47 18.72 4.09 -16.10
CA LEU A 47 17.63 5.02 -15.65
C LEU A 47 17.71 5.20 -14.14
N THR A 48 17.72 4.14 -13.34
CA THR A 48 17.69 4.24 -11.86
C THR A 48 18.93 5.02 -11.39
N PRO A 49 20.17 4.61 -11.80
CA PRO A 49 21.37 5.34 -11.40
C PRO A 49 21.27 6.85 -11.77
N HIS A 50 20.70 7.15 -12.97
CA HIS A 50 20.45 8.56 -13.39
C HIS A 50 19.42 9.23 -12.46
N LEU A 51 18.31 8.58 -12.17
CA LEU A 51 17.31 9.25 -11.29
C LEU A 51 17.83 9.47 -9.85
N LYS A 52 18.75 8.61 -9.40
CA LYS A 52 19.35 8.69 -8.04
C LYS A 52 20.32 9.89 -8.06
N ARG A 53 21.03 10.09 -9.18
CA ARG A 53 22.00 11.20 -9.31
C ARG A 53 21.20 12.53 -9.40
N LEU A 54 20.08 12.52 -10.07
CA LEU A 54 19.16 13.70 -10.16
C LEU A 54 18.72 14.06 -8.75
N GLU A 55 18.25 13.08 -7.94
CA GLU A 55 17.81 13.36 -6.55
C GLU A 55 18.99 13.88 -5.74
N GLY A 56 20.20 13.29 -5.90
CA GLY A 56 21.37 13.73 -5.12
C GLY A 56 21.77 15.13 -5.53
N SER A 57 21.68 15.52 -6.82
CA SER A 57 21.86 16.90 -7.33
C SER A 57 20.83 17.81 -6.67
N ALA A 58 19.57 17.41 -6.63
CA ALA A 58 18.48 18.23 -6.03
C ALA A 58 18.80 18.44 -4.56
N THR A 59 19.09 17.35 -3.85
CA THR A 59 19.26 17.40 -2.38
C THR A 59 20.48 18.27 -2.08
N ALA A 60 21.59 18.10 -2.84
CA ALA A 60 22.83 18.88 -2.68
C ALA A 60 22.59 20.39 -2.93
N SER A 61 21.57 20.78 -3.72
CA SER A 61 21.23 22.18 -4.06
C SER A 61 20.07 22.69 -3.20
N SER A 62 19.69 21.95 -2.12
CA SER A 62 18.65 22.32 -1.15
C SER A 62 17.29 22.41 -1.84
N ILE A 63 17.06 21.55 -2.87
CA ILE A 63 15.81 21.53 -3.63
C ILE A 63 15.04 20.31 -3.17
N VAL A 64 13.79 20.52 -2.73
CA VAL A 64 12.92 19.40 -2.30
C VAL A 64 12.37 18.81 -3.60
N MET A 65 12.54 17.50 -3.79
CA MET A 65 12.02 16.77 -4.98
C MET A 65 10.54 17.09 -5.16
N PRO A 66 10.11 17.62 -6.32
CA PRO A 66 8.68 17.81 -6.56
C PRO A 66 7.92 16.56 -7.06
N ALA A 67 8.58 15.41 -7.30
CA ALA A 67 7.88 14.12 -7.68
C ALA A 67 8.71 12.95 -7.16
N THR A 68 8.15 11.75 -7.05
CA THR A 68 8.92 10.56 -6.62
C THR A 68 9.81 10.09 -7.77
N LEU A 69 10.86 9.33 -7.48
CA LEU A 69 11.69 8.70 -8.54
C LEU A 69 10.84 7.78 -9.39
N ASP A 70 9.91 7.04 -8.78
CA ASP A 70 9.03 6.11 -9.54
CA ASP A 70 9.02 6.11 -9.54
C ASP A 70 8.14 6.92 -10.50
N GLU A 71 7.62 8.10 -10.11
CA GLU A 71 6.78 8.92 -11.04
C GLU A 71 7.67 9.43 -12.21
N MET A 72 8.89 9.85 -11.92
CA MET A 72 9.83 10.39 -12.96
C MET A 72 10.14 9.26 -13.96
N ALA A 73 10.39 8.05 -13.45
CA ALA A 73 10.65 6.83 -14.22
C ALA A 73 9.46 6.55 -15.14
N ARG A 74 8.23 6.60 -14.62
CA ARG A 74 6.99 6.31 -15.41
C ARG A 74 6.89 7.35 -16.53
N ILE A 75 7.11 8.65 -16.26
CA ILE A 75 6.99 9.72 -17.28
C ILE A 75 8.05 9.50 -18.35
N ILE A 76 9.30 9.21 -17.95
CA ILE A 76 10.43 8.95 -18.88
C ILE A 76 10.03 7.81 -19.82
N ARG A 77 9.54 6.71 -19.28
CA ARG A 77 9.15 5.48 -20.07
C ARG A 77 8.05 5.87 -21.06
N GLU A 78 7.01 6.57 -20.58
CA GLU A 78 5.84 6.91 -21.41
C GLU A 78 6.33 7.83 -22.55
N GLY A 79 7.20 8.80 -22.28
CA GLY A 79 7.60 9.75 -23.32
C GLY A 79 8.48 9.11 -24.35
N ILE A 80 9.35 8.17 -23.97
CA ILE A 80 10.16 7.37 -24.93
C ILE A 80 9.18 6.63 -25.87
N LYS A 81 8.14 6.03 -25.34
CA LYS A 81 7.14 5.29 -26.16
C LYS A 81 6.44 6.28 -27.11
N LYS A 82 6.05 7.49 -26.65
CA LYS A 82 5.35 8.44 -27.55
C LYS A 82 6.32 8.99 -28.62
N MET A 83 7.62 9.05 -28.36
CA MET A 83 8.63 9.50 -29.37
C MET A 83 8.72 8.50 -30.55
N GLY A 84 8.63 7.21 -30.26
CA GLY A 84 8.67 6.13 -31.27
C GLY A 84 10.07 6.00 -31.88
N CYS A 85 11.12 6.52 -31.24
CA CYS A 85 12.48 6.62 -31.81
C CYS A 85 13.48 6.56 -30.66
N GLU A 86 14.76 6.38 -31.01
CA GLU A 86 15.86 6.45 -30.06
C GLU A 86 15.90 7.91 -29.52
N THR A 87 15.92 8.05 -28.21
CA THR A 87 15.64 9.29 -27.49
C THR A 87 16.77 9.68 -26.55
N MET A 88 17.10 10.96 -26.52
CA MET A 88 17.82 11.65 -25.42
C MET A 88 16.76 12.32 -24.53
N VAL A 89 16.75 11.97 -23.25
CA VAL A 89 15.72 12.38 -22.27
C VAL A 89 16.43 13.24 -21.24
N ARG A 90 15.89 14.42 -20.98
CA ARG A 90 16.43 15.37 -19.98
C ARG A 90 15.36 15.77 -18.98
N PRO A 91 15.29 15.13 -17.80
CA PRO A 91 14.46 15.65 -16.70
C PRO A 91 15.21 16.80 -15.99
N TYR A 92 14.51 17.92 -15.78
CA TYR A 92 14.96 19.17 -15.16
C TYR A 92 14.16 19.35 -13.83
N ILE A 93 14.85 19.64 -12.73
CA ILE A 93 14.22 20.01 -11.44
C ILE A 93 14.58 21.47 -11.18
N THR A 94 13.58 22.36 -11.12
CA THR A 94 13.83 23.81 -10.96
C THR A 94 13.80 24.20 -9.48
N GLY A 95 14.32 25.37 -9.12
CA GLY A 95 14.17 25.93 -7.77
C GLY A 95 12.73 26.37 -7.45
N GLY A 96 11.94 26.72 -8.47
CA GLY A 96 10.61 27.34 -8.25
C GLY A 96 10.67 28.80 -7.85
N ASP A 97 9.62 29.34 -7.27
CA ASP A 97 9.47 30.82 -7.07
C ASP A 97 10.24 31.31 -5.86
N SER A 98 10.47 30.48 -4.84
CA SER A 98 11.14 30.98 -3.60
C SER A 98 12.10 29.99 -2.91
N PHE A 99 13.09 30.60 -2.27
CA PHE A 99 13.95 30.02 -1.22
C PHE A 99 13.30 30.41 0.13
N GLY A 100 12.67 29.44 0.82
CA GLY A 100 12.04 29.63 2.15
C GLY A 100 13.02 30.08 3.24
N LYS A 101 12.50 30.63 4.36
CA LYS A 101 13.23 30.88 5.64
C LYS A 101 13.98 29.61 6.09
N ASP A 102 13.47 28.40 5.77
CA ASP A 102 14.07 27.09 6.11
C ASP A 102 15.25 26.70 5.20
N HIS A 103 15.76 27.61 4.33
CA HIS A 103 16.93 27.39 3.43
C HIS A 103 16.71 26.17 2.49
N LEU A 104 15.46 26.01 2.05
CA LEU A 104 14.96 24.95 1.12
C LEU A 104 14.15 25.60 0.01
N PHE A 105 14.32 25.12 -1.23
CA PHE A 105 13.41 25.40 -2.36
C PHE A 105 12.28 24.41 -2.29
N SER A 106 11.10 24.84 -1.77
CA SER A 106 9.97 23.94 -1.44
C SER A 106 8.93 23.87 -2.57
N SER A 107 8.93 24.80 -3.52
CA SER A 107 7.93 24.87 -4.61
C SER A 107 8.62 24.62 -5.96
N SER A 108 9.56 23.67 -5.97
CA SER A 108 10.25 23.18 -7.18
C SER A 108 9.24 22.82 -8.28
N ARG A 109 9.53 23.13 -9.55
CA ARG A 109 8.82 22.60 -10.73
C ARG A 109 9.69 21.55 -11.42
N TYR A 110 9.10 20.82 -12.37
CA TYR A 110 9.84 19.75 -13.11
C TYR A 110 9.27 19.64 -14.50
N PHE A 111 10.17 19.29 -15.41
CA PHE A 111 9.79 19.02 -16.83
C PHE A 111 10.87 18.13 -17.40
N VAL A 112 10.46 17.41 -18.44
CA VAL A 112 11.25 16.36 -19.10
C VAL A 112 11.19 16.63 -20.61
N ILE A 113 12.35 16.92 -21.17
CA ILE A 113 12.54 17.13 -22.64
C ILE A 113 12.92 15.77 -23.20
N PHE A 114 12.23 15.36 -24.24
CA PHE A 114 12.48 14.16 -25.06
C PHE A 114 12.85 14.64 -26.47
N ALA A 115 14.09 14.39 -26.90
CA ALA A 115 14.55 14.70 -28.28
C ALA A 115 15.07 13.43 -28.95
N GLU A 116 14.98 13.39 -30.28
CA GLU A 116 15.64 12.35 -31.10
C GLU A 116 17.14 12.39 -30.78
N ILE A 117 17.74 11.25 -30.51
CA ILE A 117 19.15 11.10 -30.08
C ILE A 117 20.03 11.61 -31.24
N ARG A 118 21.09 12.35 -30.91
CA ARG A 118 22.06 12.96 -31.81
C ARG A 118 23.39 12.37 -31.29
N LYS A 119 23.66 11.14 -31.71
CA LYS A 119 24.92 10.41 -31.42
C LYS A 119 26.05 11.02 -32.23
N PRO A 120 27.31 11.02 -31.75
CA PRO A 120 28.44 11.42 -32.60
C PRO A 120 28.42 10.65 -33.95
N ASP A 121 28.77 11.36 -35.02
CA ASP A 121 28.77 10.79 -36.39
C ASP A 121 29.77 9.66 -36.41
N PRO A 122 29.54 8.56 -37.18
CA PRO A 122 30.53 7.51 -37.32
C PRO A 122 31.97 8.00 -37.53
N ILE A 123 32.15 9.07 -38.27
CA ILE A 123 33.52 9.59 -38.61
C ILE A 123 34.22 10.12 -37.33
N LEU A 124 33.52 10.57 -36.34
CA LEU A 124 34.20 11.04 -35.06
C LEU A 124 34.66 9.79 -34.29
N TYR A 125 34.01 8.63 -34.36
CA TYR A 125 34.58 7.39 -33.77
C TYR A 125 35.79 6.88 -34.57
N GLU A 126 35.79 7.05 -35.89
CA GLU A 126 36.86 6.56 -36.80
C GLU A 126 38.12 7.42 -36.60
N LYS A 127 38.01 8.76 -36.62
CA LYS A 127 39.16 9.69 -36.56
C LYS A 127 39.36 10.15 -35.13
N GLY A 128 38.39 10.02 -34.21
CA GLY A 128 38.47 10.65 -32.89
C GLY A 128 38.36 12.16 -32.89
N VAL A 129 38.43 12.79 -31.70
CA VAL A 129 38.09 14.24 -31.53
C VAL A 129 39.20 14.97 -30.83
N ALA A 130 39.16 16.30 -30.92
CA ALA A 130 40.04 17.25 -30.23
C ALA A 130 39.32 17.89 -29.05
N LEU A 131 40.01 18.10 -27.96
CA LEU A 131 39.54 18.78 -26.75
C LEU A 131 40.41 20.00 -26.53
N HIS A 132 39.78 21.10 -26.08
CA HIS A 132 40.39 22.39 -25.74
C HIS A 132 40.54 22.43 -24.21
N PRO A 133 41.78 22.42 -23.68
CA PRO A 133 42.00 22.46 -22.24
C PRO A 133 41.81 23.89 -21.73
N ILE A 134 41.21 24.06 -20.54
CA ILE A 134 41.15 25.36 -19.84
C ILE A 134 41.61 25.18 -18.39
N ASN A 135 42.16 26.23 -17.81
CA ASN A 135 42.50 26.31 -16.36
C ASN A 135 41.24 26.74 -15.56
N ALA A 136 40.34 25.80 -15.35
CA ALA A 136 39.10 25.94 -14.57
C ALA A 136 38.55 24.57 -14.23
N GLU A 137 37.62 24.50 -13.28
CA GLU A 137 36.96 23.23 -12.87
C GLU A 137 35.49 23.47 -12.55
N ARG A 138 34.69 22.39 -12.43
CA ARG A 138 33.28 22.44 -11.97
C ARG A 138 33.29 22.39 -10.42
N TYR A 139 32.74 23.42 -9.75
CA TYR A 139 32.49 23.49 -8.28
C TYR A 139 31.40 22.45 -7.97
N LEU A 140 31.53 21.71 -6.86
CA LEU A 140 30.53 20.72 -6.36
C LEU A 140 30.31 19.66 -7.47
N PRO A 141 31.40 19.00 -7.93
CA PRO A 141 31.35 18.17 -9.12
C PRO A 141 30.37 16.98 -9.09
N SER A 142 30.01 16.46 -7.91
CA SER A 142 28.94 15.42 -7.72
C SER A 142 27.56 15.89 -8.19
N THR A 143 27.28 17.20 -8.17
CA THR A 143 25.98 17.87 -8.52
C THR A 143 26.01 18.29 -9.98
N LYS A 144 25.08 17.76 -10.79
CA LYS A 144 24.83 18.22 -12.17
C LYS A 144 23.77 19.35 -12.06
N SER A 145 24.19 20.57 -11.89
CA SER A 145 23.31 21.74 -12.08
C SER A 145 23.13 22.08 -13.54
N ILE A 146 22.19 22.98 -13.90
CA ILE A 146 22.00 23.54 -15.29
C ILE A 146 23.12 24.49 -15.70
N ASN A 147 24.02 24.99 -14.83
CA ASN A 147 24.96 26.06 -15.26
C ASN A 147 26.07 25.38 -16.11
N TYR A 148 25.94 25.49 -17.43
CA TYR A 148 26.95 25.07 -18.44
C TYR A 148 27.41 26.29 -19.21
N MET A 149 27.25 27.50 -18.67
CA MET A 149 27.79 28.76 -19.26
C MET A 149 29.27 28.58 -19.66
N LEU A 150 30.11 28.00 -18.81
CA LEU A 150 31.59 27.84 -19.07
C LEU A 150 31.83 26.79 -20.17
N SER A 151 30.93 25.83 -20.42
CA SER A 151 31.06 24.88 -21.57
C SER A 151 31.06 25.62 -22.92
N PHE A 152 30.50 26.84 -22.94
CA PHE A 152 30.27 27.65 -24.17
C PHE A 152 31.35 28.72 -24.26
N THR A 153 31.45 29.57 -23.24
CA THR A 153 32.37 30.75 -23.22
C THR A 153 33.83 30.25 -23.33
N GLY A 154 34.13 29.09 -22.74
CA GLY A 154 35.44 28.39 -22.81
C GLY A 154 35.82 27.91 -24.21
N GLN A 155 34.88 27.78 -25.17
CA GLN A 155 35.11 27.62 -26.65
C GLN A 155 35.45 29.02 -27.26
N ARG A 156 35.24 29.27 -28.58
CA ARG A 156 35.24 30.64 -29.22
C ARG A 156 36.69 31.15 -29.46
N ASP A 157 37.65 30.93 -28.54
CA ASP A 157 39.12 30.88 -28.79
C ASP A 157 39.63 29.42 -28.77
N SER A 158 38.83 28.44 -29.28
CA SER A 158 39.01 26.96 -29.15
C SER A 158 39.52 26.16 -30.38
N LYS A 159 39.55 26.67 -31.63
CA LYS A 159 40.14 25.96 -32.83
C LYS A 159 39.29 24.75 -33.31
N GLY A 160 37.94 24.82 -33.19
CA GLY A 160 37.02 23.76 -33.68
C GLY A 160 37.01 22.47 -32.82
N ALA A 161 37.46 22.53 -31.55
CA ALA A 161 37.42 21.44 -30.54
C ALA A 161 35.99 20.92 -30.33
N TYR A 162 35.85 19.61 -30.15
CA TYR A 162 34.57 18.93 -29.86
C TYR A 162 34.05 19.35 -28.48
N GLU A 163 34.95 19.42 -27.50
CA GLU A 163 34.52 19.71 -26.12
C GLU A 163 35.67 20.41 -25.38
N ILE A 164 35.36 21.16 -24.34
CA ILE A 164 36.41 21.71 -23.46
C ILE A 164 36.76 20.63 -22.40
N LEU A 165 37.99 20.70 -21.89
CA LEU A 165 38.55 19.80 -20.89
C LEU A 165 39.02 20.64 -19.72
N TYR A 166 38.51 20.34 -18.54
CA TYR A 166 38.77 21.07 -17.28
C TYR A 166 40.13 20.58 -16.78
N CYS A 167 41.13 21.45 -16.84
CA CYS A 167 42.56 21.19 -16.51
C CYS A 167 43.03 22.21 -15.47
N PRO A 168 42.41 22.26 -14.28
CA PRO A 168 42.82 23.20 -13.23
C PRO A 168 44.26 22.91 -12.79
N GLU A 169 45.15 23.90 -12.93
CA GLU A 169 46.58 23.82 -12.52
C GLU A 169 47.28 22.68 -13.26
N GLY A 170 46.88 22.44 -14.53
CA GLY A 170 47.38 21.35 -15.37
C GLY A 170 46.93 19.96 -14.94
N GLU A 171 46.02 19.78 -13.95
CA GLU A 171 45.47 18.45 -13.59
C GLU A 171 44.24 18.19 -14.45
N ILE A 172 44.18 17.12 -15.25
CA ILE A 172 43.01 16.82 -16.14
C ILE A 172 41.97 16.26 -15.20
N VAL A 173 40.78 16.87 -15.13
CA VAL A 173 39.69 16.35 -14.27
C VAL A 173 38.67 15.63 -15.20
N GLU A 174 37.98 16.39 -16.05
CA GLU A 174 36.88 15.84 -16.85
C GLU A 174 36.50 16.81 -17.98
N GLY A 175 35.72 16.34 -18.93
CA GLY A 175 35.18 17.19 -20.01
C GLY A 175 33.95 17.87 -19.57
N SER A 176 33.51 18.87 -20.31
CA SER A 176 32.30 19.70 -19.99
C SER A 176 31.04 18.84 -19.94
N HIS A 177 31.00 17.71 -20.67
CA HIS A 177 29.87 16.76 -20.77
C HIS A 177 30.43 15.33 -20.70
N SER A 178 31.53 15.05 -20.01
CA SER A 178 32.24 13.74 -20.22
C SER A 178 33.16 13.36 -19.06
N THR A 179 33.31 12.06 -18.83
CA THR A 179 34.46 11.47 -18.11
C THR A 179 35.64 11.42 -19.08
N PHE A 180 36.83 11.75 -18.66
CA PHE A 180 38.08 11.67 -19.44
C PHE A 180 38.90 10.47 -18.91
N PHE A 181 39.36 9.67 -19.86
CA PHE A 181 40.26 8.51 -19.65
C PHE A 181 41.54 8.74 -20.45
N LEU A 182 42.67 8.57 -19.78
CA LEU A 182 43.98 8.44 -20.46
C LEU A 182 44.42 6.97 -20.42
N ILE A 183 45.14 6.53 -21.47
CA ILE A 183 45.77 5.19 -21.58
C ILE A 183 47.30 5.40 -21.67
N LYS A 184 48.04 4.97 -20.66
CA LYS A 184 49.53 5.06 -20.57
C LYS A 184 50.03 3.66 -20.17
N ASN A 185 51.02 3.10 -20.91
CA ASN A 185 51.53 1.69 -20.81
C ASN A 185 50.38 0.71 -20.55
N GLY A 186 49.35 0.73 -21.40
CA GLY A 186 48.18 -0.14 -21.32
C GLY A 186 47.37 -0.07 -19.99
N HIS A 187 47.54 0.97 -19.14
CA HIS A 187 46.71 1.29 -17.94
C HIS A 187 45.70 2.41 -18.25
N LEU A 188 44.50 2.34 -17.72
CA LEU A 188 43.45 3.39 -17.72
C LEU A 188 43.70 4.35 -16.56
N ILE A 189 43.72 5.64 -16.85
CA ILE A 189 43.96 6.69 -15.82
C ILE A 189 42.79 7.71 -15.91
N THR A 190 42.07 7.88 -14.80
CA THR A 190 40.85 8.72 -14.79
C THR A 190 40.70 9.36 -13.44
N ALA A 191 40.26 10.61 -13.40
CA ALA A 191 40.16 11.42 -12.16
C ALA A 191 39.27 10.70 -11.15
N PRO A 192 39.55 10.73 -9.82
CA PRO A 192 38.68 10.04 -8.84
C PRO A 192 37.37 10.81 -8.75
N THR A 193 36.34 10.22 -8.17
CA THR A 193 34.98 10.85 -8.01
C THR A 193 34.93 12.01 -6.98
N SER A 194 36.00 12.24 -6.24
CA SER A 194 36.19 13.45 -5.37
C SER A 194 36.41 14.67 -6.26
N ARG A 195 36.81 14.49 -7.54
CA ARG A 195 37.05 15.64 -8.47
C ARG A 195 36.10 15.63 -9.68
N ALA A 196 35.62 14.47 -10.15
CA ALA A 196 34.79 14.34 -11.38
C ALA A 196 33.41 13.77 -11.05
N LEU A 197 32.38 14.20 -11.78
CA LEU A 197 31.01 13.62 -11.72
C LEU A 197 31.15 12.09 -11.82
N SER A 198 30.37 11.37 -11.03
CA SER A 198 30.40 9.89 -10.93
C SER A 198 29.63 9.36 -12.15
N GLY A 199 30.25 9.44 -13.33
CA GLY A 199 29.52 9.10 -14.57
C GLY A 199 29.00 7.68 -14.60
N THR A 200 27.86 7.45 -15.27
CA THR A 200 27.24 6.11 -15.42
C THR A 200 28.09 5.29 -16.38
N THR A 201 28.53 5.91 -17.47
CA THR A 201 29.47 5.32 -18.42
C THR A 201 30.78 4.99 -17.73
N ARG A 202 31.37 5.93 -16.98
CA ARG A 202 32.62 5.69 -16.23
C ARG A 202 32.51 4.42 -15.40
N GLN A 203 31.38 4.28 -14.66
CA GLN A 203 31.14 3.10 -13.79
C GLN A 203 31.10 1.84 -14.67
N ILE A 204 30.41 1.90 -15.80
CA ILE A 204 30.37 0.72 -16.72
C ILE A 204 31.80 0.44 -17.26
N VAL A 205 32.57 1.49 -17.58
CA VAL A 205 33.96 1.29 -18.09
C VAL A 205 34.82 0.64 -17.01
N LEU A 206 34.74 1.08 -15.76
CA LEU A 206 35.55 0.43 -14.67
C LEU A 206 35.23 -1.10 -14.60
N GLU A 207 33.96 -1.45 -14.69
CA GLU A 207 33.51 -2.87 -14.72
C GLU A 207 34.07 -3.64 -15.95
N LEU A 208 34.13 -2.98 -17.12
CA LEU A 208 34.69 -3.65 -18.32
C LEU A 208 36.20 -3.81 -18.18
N ALA A 209 36.89 -2.85 -17.57
CA ALA A 209 38.31 -2.93 -17.21
C ALA A 209 38.57 -4.12 -16.27
N ARG A 210 37.72 -4.33 -15.25
CA ARG A 210 37.85 -5.53 -14.34
C ARG A 210 37.69 -6.81 -15.16
N ARG A 211 36.65 -6.92 -16.02
CA ARG A 211 36.36 -8.11 -16.88
C ARG A 211 37.52 -8.33 -17.86
N GLY A 212 38.21 -7.26 -18.29
CA GLY A 212 39.29 -7.35 -19.29
C GLY A 212 40.68 -7.46 -18.67
N ASN A 213 40.79 -7.38 -17.33
CA ASN A 213 42.08 -7.37 -16.60
C ASN A 213 42.91 -6.12 -16.95
N ILE A 214 42.25 -4.99 -17.21
CA ILE A 214 42.95 -3.66 -17.40
C ILE A 214 43.03 -2.96 -16.06
N GLN A 215 44.24 -2.65 -15.61
CA GLN A 215 44.45 -1.86 -14.36
C GLN A 215 43.84 -0.48 -14.62
N VAL A 216 43.16 0.05 -13.62
CA VAL A 216 42.64 1.45 -13.53
C VAL A 216 43.35 2.17 -12.38
N GLU A 217 44.01 3.30 -12.63
CA GLU A 217 44.50 4.24 -11.56
C GLU A 217 43.49 5.39 -11.49
N GLU A 218 42.73 5.48 -10.38
CA GLU A 218 41.85 6.63 -10.08
C GLU A 218 42.74 7.79 -9.55
N ARG A 219 43.39 8.51 -10.48
CA ARG A 219 44.07 9.81 -10.24
C ARG A 219 43.86 10.73 -11.44
N CYS A 220 44.02 12.03 -11.26
CA CYS A 220 43.98 13.06 -12.32
C CYS A 220 45.20 12.88 -13.20
N PRO A 221 45.04 12.57 -14.52
CA PRO A 221 46.20 12.65 -15.43
C PRO A 221 46.62 14.11 -15.57
N LEU A 222 47.86 14.39 -15.87
CA LEU A 222 48.36 15.79 -16.05
C LEU A 222 48.47 16.06 -17.54
N LEU A 223 48.23 17.30 -17.97
CA LEU A 223 48.54 17.74 -19.36
C LEU A 223 49.99 17.34 -19.70
N THR A 224 50.95 17.52 -18.76
CA THR A 224 52.39 17.22 -19.02
C THR A 224 52.66 15.71 -19.24
N GLU A 225 51.74 14.79 -18.92
CA GLU A 225 51.86 13.33 -19.19
C GLU A 225 51.45 12.93 -20.61
N LEU A 226 50.75 13.79 -21.33
CA LEU A 226 50.12 13.45 -22.62
C LEU A 226 51.12 13.01 -23.67
N PRO A 227 52.32 13.61 -23.84
CA PRO A 227 53.34 13.04 -24.74
C PRO A 227 53.61 11.53 -24.54
N GLU A 228 53.54 11.00 -23.30
CA GLU A 228 53.82 9.57 -22.99
C GLU A 228 52.55 8.70 -23.09
N ALA A 229 51.36 9.27 -23.31
CA ALA A 229 50.10 8.51 -23.48
C ALA A 229 50.09 7.85 -24.84
N GLU A 230 49.43 6.70 -24.92
CA GLU A 230 49.18 5.95 -26.18
C GLU A 230 47.80 6.40 -26.69
N GLU A 231 46.81 6.47 -25.80
CA GLU A 231 45.40 6.77 -26.22
C GLU A 231 44.72 7.63 -25.17
N ALA A 232 43.54 8.06 -25.53
CA ALA A 232 42.63 8.78 -24.65
C ALA A 232 41.25 8.64 -25.20
N PHE A 233 40.25 8.75 -24.33
CA PHE A 233 38.84 8.80 -24.72
C PHE A 233 38.01 9.47 -23.65
N ILE A 234 36.85 9.96 -24.04
CA ILE A 234 35.82 10.58 -23.18
C ILE A 234 34.57 9.72 -23.24
N THR A 235 33.77 9.73 -22.13
CA THR A 235 32.58 8.92 -22.01
C THR A 235 31.39 9.75 -21.54
N GLY A 236 30.24 9.38 -22.02
CA GLY A 236 28.94 9.72 -21.49
C GLY A 236 27.87 8.90 -22.17
N THR A 237 26.64 9.05 -21.71
CA THR A 237 25.57 8.07 -22.05
C THR A 237 25.24 8.21 -23.54
N VAL A 238 25.34 9.42 -24.12
CA VAL A 238 25.04 9.64 -25.56
C VAL A 238 26.30 9.26 -26.34
N LYS A 239 27.45 9.85 -26.01
CA LYS A 239 28.69 9.71 -26.80
C LYS A 239 29.34 8.32 -26.69
N GLU A 240 29.02 7.56 -25.64
CA GLU A 240 29.49 6.15 -25.44
C GLU A 240 30.95 6.26 -25.09
N LEU A 241 31.87 5.61 -25.82
CA LEU A 241 33.33 5.85 -25.67
C LEU A 241 33.77 6.51 -26.98
N LEU A 242 34.29 7.73 -26.90
CA LEU A 242 34.65 8.53 -28.08
C LEU A 242 36.13 8.78 -28.01
N PRO A 243 36.89 8.33 -29.02
CA PRO A 243 38.34 8.53 -28.99
C PRO A 243 38.69 10.02 -28.98
N VAL A 244 39.75 10.36 -28.26
CA VAL A 244 40.33 11.70 -28.19
C VAL A 244 41.73 11.55 -28.75
N VAL A 245 42.00 12.17 -29.90
CA VAL A 245 43.33 12.08 -30.58
C VAL A 245 44.16 13.36 -30.36
N ARG A 246 43.61 14.45 -29.82
CA ARG A 246 44.39 15.70 -29.61
C ARG A 246 43.85 16.50 -28.43
N ILE A 247 44.74 17.06 -27.61
CA ILE A 247 44.35 17.97 -26.52
C ILE A 247 45.21 19.20 -26.62
N GLY A 248 44.56 20.32 -26.93
CA GLY A 248 45.24 21.57 -27.36
C GLY A 248 46.08 21.27 -28.60
N ASP A 249 47.38 21.52 -28.54
CA ASP A 249 48.36 21.40 -29.64
C ASP A 249 49.04 20.03 -29.51
N GLN A 250 48.65 19.19 -28.56
CA GLN A 250 49.36 17.93 -28.25
C GLN A 250 48.58 16.75 -28.87
N ILE A 251 49.19 16.06 -29.82
CA ILE A 251 48.65 14.84 -30.46
C ILE A 251 48.81 13.72 -29.44
N ILE A 252 47.82 12.87 -29.30
CA ILE A 252 47.82 11.66 -28.41
C ILE A 252 48.34 10.48 -29.24
N GLY A 253 49.49 9.91 -28.86
CA GLY A 253 50.27 8.87 -29.59
C GLY A 253 50.32 9.19 -31.07
N ASN A 254 49.82 8.31 -31.93
CA ASN A 254 49.89 8.52 -33.41
C ASN A 254 48.74 9.42 -33.91
N GLY A 255 47.77 9.81 -33.10
CA GLY A 255 46.71 10.73 -33.57
C GLY A 255 45.59 10.06 -34.34
N VAL A 256 45.38 8.75 -34.22
CA VAL A 256 44.15 8.02 -34.63
C VAL A 256 43.74 7.18 -33.44
N PRO A 257 42.48 6.71 -33.37
CA PRO A 257 42.00 5.93 -32.21
C PRO A 257 42.91 4.72 -32.00
N GLY A 258 43.17 4.38 -30.73
CA GLY A 258 44.07 3.31 -30.30
C GLY A 258 43.28 2.01 -30.16
N LYS A 259 44.01 0.91 -29.99
CA LYS A 259 43.42 -0.47 -29.93
C LYS A 259 42.57 -0.62 -28.68
N LEU A 260 43.04 -0.14 -27.51
CA LEU A 260 42.30 -0.40 -26.24
C LEU A 260 41.02 0.43 -26.20
N THR A 261 40.99 1.63 -26.82
CA THR A 261 39.79 2.48 -26.90
C THR A 261 38.78 1.73 -27.76
N LYS A 262 39.16 1.32 -28.96
CA LYS A 262 38.26 0.63 -29.94
C LYS A 262 37.79 -0.69 -29.30
N HIS A 263 38.69 -1.42 -28.66
CA HIS A 263 38.35 -2.68 -27.96
C HIS A 263 37.23 -2.39 -26.93
N LEU A 264 37.43 -1.40 -26.06
CA LEU A 264 36.50 -1.15 -24.93
C LEU A 264 35.16 -0.64 -25.43
N HIS A 265 35.17 0.13 -26.53
CA HIS A 265 33.93 0.62 -27.17
C HIS A 265 33.14 -0.60 -27.70
N GLN A 266 33.80 -1.53 -28.40
CA GLN A 266 33.15 -2.78 -28.92
C GLN A 266 32.61 -3.60 -27.72
N VAL A 267 33.37 -3.76 -26.63
CA VAL A 267 32.86 -4.47 -25.42
C VAL A 267 31.68 -3.68 -24.79
N TYR A 268 31.78 -2.37 -24.73
CA TYR A 268 30.72 -1.51 -24.14
C TYR A 268 29.44 -1.81 -24.92
N LEU A 269 29.48 -1.75 -26.25
CA LEU A 269 28.25 -1.93 -27.07
C LEU A 269 27.65 -3.33 -26.97
N SER A 270 28.51 -4.36 -26.89
CA SER A 270 28.15 -5.80 -26.78
C SER A 270 27.44 -6.08 -25.47
N SER A 271 27.85 -5.35 -24.43
CA SER A 271 27.53 -5.66 -23.01
C SER A 271 26.41 -4.79 -22.51
N ILE A 272 25.96 -3.78 -23.28
CA ILE A 272 25.16 -2.64 -22.74
C ILE A 272 23.83 -3.13 -22.17
N VAL A 273 23.29 -4.26 -22.70
CA VAL A 273 21.94 -4.79 -22.40
C VAL A 273 21.79 -4.96 -20.89
N GLU A 274 22.82 -5.40 -20.22
CA GLU A 274 22.89 -5.55 -18.74
C GLU A 274 22.41 -4.28 -17.99
N TRP A 275 22.66 -3.07 -18.49
CA TRP A 275 22.36 -1.85 -17.74
C TRP A 275 21.11 -1.17 -18.33
N LEU A 276 20.45 -1.75 -19.33
CA LEU A 276 19.20 -1.15 -19.85
C LEU A 276 18.07 -1.53 -18.91
N GLU A 277 17.06 -0.67 -18.85
CA GLU A 277 15.82 -0.86 -18.03
C GLU A 277 14.65 -0.61 -19.02
N MET B 3 2.52 45.62 -7.10
CA MET B 3 2.35 44.32 -7.82
C MET B 3 3.23 44.29 -9.10
N ASN B 4 3.82 43.16 -9.36
CA ASN B 4 5.10 43.07 -10.13
C ASN B 4 4.76 42.96 -11.62
N LEU B 5 5.57 43.53 -12.49
CA LEU B 5 5.40 43.51 -13.97
C LEU B 5 6.60 42.83 -14.59
N CYS B 6 6.38 42.25 -15.77
CA CYS B 6 7.41 41.70 -16.65
C CYS B 6 7.14 42.22 -18.06
N TYR B 7 8.07 42.97 -18.62
CA TYR B 7 8.06 43.27 -20.08
C TYR B 7 8.67 42.09 -20.83
N ILE B 8 7.92 41.51 -21.77
CA ILE B 8 8.30 40.32 -22.56
C ILE B 8 7.47 40.35 -23.86
N ASP B 9 8.10 40.10 -25.02
CA ASP B 9 7.40 40.04 -26.34
C ASP B 9 6.58 41.31 -26.61
N GLY B 10 7.13 42.50 -26.31
CA GLY B 10 6.49 43.78 -26.65
C GLY B 10 5.35 44.23 -25.73
N LYS B 11 4.96 43.46 -24.69
CA LYS B 11 3.83 43.81 -23.80
C LYS B 11 4.34 43.82 -22.35
N PHE B 12 3.81 44.72 -21.52
CA PHE B 12 3.95 44.70 -20.04
C PHE B 12 2.90 43.73 -19.49
N LEU B 13 3.33 42.55 -19.02
CA LEU B 13 2.43 41.54 -18.41
C LEU B 13 2.55 41.69 -16.90
N PRO B 14 1.52 41.30 -16.12
CA PRO B 14 1.74 40.95 -14.72
C PRO B 14 2.83 39.86 -14.66
N LEU B 15 3.77 39.95 -13.71
CA LEU B 15 4.97 39.05 -13.61
C LEU B 15 4.54 37.57 -13.62
N GLU B 16 3.45 37.28 -12.91
CA GLU B 16 2.98 35.92 -12.57
C GLU B 16 2.47 35.27 -13.85
N GLU B 17 2.13 36.03 -14.91
CA GLU B 17 1.66 35.51 -16.22
C GLU B 17 2.81 35.35 -17.24
N ALA B 18 3.99 35.94 -17.04
CA ALA B 18 5.07 35.90 -18.04
C ALA B 18 5.71 34.49 -18.00
N LYS B 19 5.95 33.93 -19.17
CA LYS B 19 6.62 32.63 -19.34
C LYS B 19 7.67 32.76 -20.42
N LEU B 20 8.66 31.87 -20.38
CA LEU B 20 9.72 31.77 -21.39
C LEU B 20 9.77 30.35 -21.94
N PRO B 21 10.00 30.15 -23.25
CA PRO B 21 10.00 28.80 -23.82
C PRO B 21 11.16 27.98 -23.25
N VAL B 22 10.95 26.67 -23.01
CA VAL B 22 11.98 25.83 -22.34
C VAL B 22 13.06 25.49 -23.36
N THR B 23 12.88 25.81 -24.66
CA THR B 23 13.95 25.71 -25.68
C THR B 23 15.07 26.66 -25.30
N ASP B 24 14.77 27.76 -24.64
CA ASP B 24 15.75 28.83 -24.37
C ASP B 24 16.86 28.24 -23.48
N LEU B 25 18.10 28.48 -23.90
CA LEU B 25 19.29 27.93 -23.20
C LEU B 25 19.53 28.60 -21.84
N ILE B 26 18.79 29.65 -21.49
CA ILE B 26 18.86 30.20 -20.09
C ILE B 26 18.33 29.11 -19.16
N ILE B 27 17.30 28.41 -19.59
CA ILE B 27 16.68 27.34 -18.78
C ILE B 27 17.58 26.11 -18.84
N GLN B 28 17.91 25.62 -20.04
CA GLN B 28 18.53 24.30 -20.17
C GLN B 28 19.99 24.34 -19.74
N ARG B 29 20.70 25.45 -19.96
CA ARG B 29 22.18 25.53 -19.84
C ARG B 29 22.64 26.81 -19.09
N GLY B 30 21.77 27.54 -18.40
CA GLY B 30 22.19 28.76 -17.61
C GLY B 30 22.73 29.91 -18.46
N VAL B 31 22.41 30.00 -19.74
CA VAL B 31 22.96 31.04 -20.63
C VAL B 31 22.02 32.25 -20.55
N GLY B 32 22.41 33.18 -19.70
CA GLY B 32 21.68 34.43 -19.48
C GLY B 32 22.53 35.41 -18.70
N VAL B 33 22.35 36.68 -18.96
CA VAL B 33 22.94 37.78 -18.18
C VAL B 33 21.80 38.72 -17.76
N PHE B 34 21.99 39.43 -16.65
CA PHE B 34 21.04 40.47 -16.18
C PHE B 34 21.81 41.59 -15.46
N GLU B 35 21.11 42.66 -15.20
CA GLU B 35 21.51 43.75 -14.29
C GLU B 35 20.37 44.06 -13.34
N THR B 36 20.70 44.64 -12.19
CA THR B 36 19.72 45.18 -11.22
C THR B 36 19.90 46.71 -11.25
N ILE B 37 18.81 47.41 -11.53
CA ILE B 37 18.70 48.89 -11.58
C ILE B 37 17.66 49.28 -10.53
N SER B 38 17.94 50.31 -9.76
CA SER B 38 17.01 50.78 -8.72
C SER B 38 16.71 52.25 -8.99
N THR B 39 15.62 52.74 -8.45
CA THR B 39 15.16 54.15 -8.55
C THR B 39 15.36 54.82 -7.19
N HIS B 40 15.76 56.09 -7.26
CA HIS B 40 15.59 57.11 -6.19
C HIS B 40 14.70 58.23 -6.79
N SER B 41 13.64 58.62 -6.08
CA SER B 41 12.67 59.63 -6.55
C SER B 41 12.12 59.30 -7.94
N ARG B 42 11.81 58.02 -8.21
CA ARG B 42 11.09 57.56 -9.44
C ARG B 42 12.03 57.69 -10.66
N ARG B 43 13.34 57.92 -10.47
CA ARG B 43 14.33 58.08 -11.56
C ARG B 43 15.35 56.92 -11.48
N PRO B 44 15.67 56.22 -12.58
CA PRO B 44 16.64 55.13 -12.52
C PRO B 44 18.04 55.63 -12.20
N LEU B 45 18.73 54.95 -11.28
CA LEU B 45 20.13 55.23 -10.89
C LEU B 45 21.11 54.51 -11.82
N MET B 46 22.06 55.26 -12.38
CA MET B 46 23.15 54.78 -13.28
C MET B 46 22.55 53.91 -14.43
N LEU B 47 21.48 54.33 -15.08
CA LEU B 47 20.80 53.48 -16.10
C LEU B 47 21.80 53.12 -17.21
N THR B 48 22.46 54.12 -17.81
CA THR B 48 23.35 53.89 -18.97
C THR B 48 24.50 53.00 -18.50
N PRO B 49 25.23 53.32 -17.40
CA PRO B 49 26.29 52.44 -16.93
C PRO B 49 25.81 50.98 -16.73
N HIS B 50 24.57 50.79 -16.22
CA HIS B 50 23.97 49.44 -16.06
C HIS B 50 23.73 48.83 -17.43
N LEU B 51 23.14 49.56 -18.39
CA LEU B 51 22.87 48.98 -19.72
C LEU B 51 24.18 48.65 -20.44
N LYS B 52 25.24 49.40 -20.20
CA LYS B 52 26.58 49.16 -20.83
C LYS B 52 27.16 47.87 -20.21
N ARG B 53 26.99 47.66 -18.90
CA ARG B 53 27.52 46.47 -18.22
C ARG B 53 26.69 45.24 -18.70
N LEU B 54 25.38 45.39 -18.92
CA LEU B 54 24.51 44.33 -19.47
C LEU B 54 25.02 43.93 -20.86
N GLU B 55 25.28 44.90 -21.75
CA GLU B 55 25.90 44.61 -23.07
C GLU B 55 27.25 43.92 -22.90
N GLY B 56 28.10 44.40 -21.99
CA GLY B 56 29.43 43.80 -21.74
C GLY B 56 29.32 42.36 -21.26
N SER B 57 28.35 42.07 -20.38
CA SER B 57 28.03 40.70 -19.91
C SER B 57 27.57 39.86 -21.10
N ALA B 58 26.69 40.40 -21.94
CA ALA B 58 26.19 39.64 -23.13
C ALA B 58 27.37 39.31 -24.05
N THR B 59 28.17 40.31 -24.39
CA THR B 59 29.29 40.18 -25.35
C THR B 59 30.27 39.16 -24.78
N ALA B 60 30.59 39.25 -23.46
CA ALA B 60 31.53 38.33 -22.79
C ALA B 60 31.02 36.84 -22.84
N SER B 61 29.71 36.62 -22.92
CA SER B 61 29.04 35.29 -22.96
C SER B 61 28.69 34.90 -24.41
N SER B 62 29.20 35.61 -25.43
CA SER B 62 28.99 35.34 -26.86
C SER B 62 27.50 35.48 -27.22
N ILE B 63 26.77 36.38 -26.57
CA ILE B 63 25.33 36.65 -26.82
C ILE B 63 25.20 37.93 -27.61
N VAL B 64 24.53 37.87 -28.77
CA VAL B 64 24.29 39.10 -29.60
C VAL B 64 23.08 39.76 -28.94
N MET B 65 23.20 41.06 -28.62
CA MET B 65 22.09 41.88 -28.08
C MET B 65 20.83 41.69 -28.95
N PRO B 66 19.68 41.31 -28.37
CA PRO B 66 18.41 41.26 -29.11
C PRO B 66 17.65 42.59 -29.24
N ALA B 67 18.16 43.68 -28.61
CA ALA B 67 17.55 45.03 -28.67
C ALA B 67 18.65 46.04 -28.44
N THR B 68 18.45 47.27 -28.90
CA THR B 68 19.41 48.40 -28.71
C THR B 68 19.35 48.85 -27.26
N LEU B 69 20.43 49.46 -26.79
CA LEU B 69 20.46 50.02 -25.42
C LEU B 69 19.38 51.11 -25.30
N ASP B 70 19.16 51.91 -26.36
CA ASP B 70 18.12 52.97 -26.37
C ASP B 70 16.72 52.34 -26.22
N GLU B 71 16.43 51.20 -26.86
CA GLU B 71 15.08 50.58 -26.70
C GLU B 71 14.92 50.03 -25.29
N MET B 72 15.97 49.42 -24.73
CA MET B 72 15.97 48.88 -23.33
C MET B 72 15.68 50.04 -22.38
N ALA B 73 16.37 51.18 -22.55
CA ALA B 73 16.21 52.40 -21.73
C ALA B 73 14.73 52.87 -21.78
N ARG B 74 14.16 52.97 -22.99
CA ARG B 74 12.75 53.40 -23.18
C ARG B 74 11.79 52.44 -22.43
N ILE B 75 11.99 51.12 -22.54
CA ILE B 75 11.14 50.09 -21.87
C ILE B 75 11.25 50.25 -20.36
N ILE B 76 12.49 50.39 -19.87
CA ILE B 76 12.76 50.53 -18.40
C ILE B 76 12.00 51.76 -17.89
N ARG B 77 12.10 52.90 -18.58
CA ARG B 77 11.42 54.17 -18.20
C ARG B 77 9.90 53.97 -18.18
N GLU B 78 9.34 53.34 -19.21
CA GLU B 78 7.87 53.15 -19.34
C GLU B 78 7.40 52.26 -18.17
N GLY B 79 8.16 51.21 -17.84
CA GLY B 79 7.73 50.29 -16.76
C GLY B 79 7.77 50.97 -15.41
N ILE B 80 8.82 51.78 -15.17
CA ILE B 80 8.96 52.61 -13.94
C ILE B 80 7.73 53.51 -13.82
N LYS B 81 7.30 54.15 -14.90
CA LYS B 81 6.12 55.06 -14.89
C LYS B 81 4.88 54.24 -14.51
N LYS B 82 4.67 53.04 -15.08
CA LYS B 82 3.47 52.22 -14.73
C LYS B 82 3.50 51.81 -13.24
N MET B 83 4.68 51.55 -12.67
CA MET B 83 4.81 50.97 -11.30
C MET B 83 4.32 51.92 -10.22
N GLY B 84 4.59 53.22 -10.36
CA GLY B 84 4.07 54.28 -9.46
C GLY B 84 4.60 54.17 -8.03
N CYS B 85 5.79 53.61 -7.90
CA CYS B 85 6.52 53.43 -6.63
C CYS B 85 8.01 53.36 -6.97
N GLU B 86 8.85 53.40 -5.96
CA GLU B 86 10.30 53.14 -6.10
C GLU B 86 10.44 51.65 -6.46
N THR B 87 11.21 51.38 -7.52
CA THR B 87 11.19 50.12 -8.31
C THR B 87 12.61 49.56 -8.41
N MET B 88 12.74 48.25 -8.21
CA MET B 88 13.88 47.40 -8.60
C MET B 88 13.56 46.80 -9.98
N VAL B 89 14.44 47.04 -10.94
CA VAL B 89 14.22 46.70 -12.38
C VAL B 89 15.33 45.71 -12.73
N ARG B 90 14.96 44.58 -13.35
CA ARG B 90 15.95 43.57 -13.76
C ARG B 90 15.73 43.22 -15.23
N PRO B 91 16.47 43.83 -16.19
CA PRO B 91 16.51 43.32 -17.55
C PRO B 91 17.38 42.05 -17.62
N TYR B 92 16.84 41.03 -18.31
CA TYR B 92 17.43 39.70 -18.54
C TYR B 92 17.71 39.57 -20.07
N ILE B 93 18.93 39.14 -20.44
CA ILE B 93 19.24 38.76 -21.83
C ILE B 93 19.47 37.25 -21.83
N THR B 94 18.67 36.48 -22.56
CA THR B 94 18.79 35.00 -22.62
C THR B 94 19.68 34.61 -23.79
N GLY B 95 20.20 33.38 -23.80
CA GLY B 95 20.93 32.88 -24.96
C GLY B 95 20.00 32.57 -26.14
N GLY B 96 18.71 32.32 -25.89
CA GLY B 96 17.78 31.89 -26.95
C GLY B 96 17.98 30.39 -27.28
N ASP B 97 17.51 29.99 -28.46
CA ASP B 97 17.33 28.56 -28.77
C ASP B 97 18.64 27.91 -29.21
N SER B 98 19.61 28.65 -29.77
CA SER B 98 20.80 28.00 -30.38
C SER B 98 22.09 28.77 -30.17
N PHE B 99 23.14 27.97 -30.04
CA PHE B 99 24.55 28.36 -30.24
C PHE B 99 24.90 28.03 -31.69
N GLY B 100 24.99 29.06 -32.56
CA GLY B 100 25.30 28.90 -34.00
C GLY B 100 26.68 28.28 -34.26
N LYS B 101 26.87 27.79 -35.50
CA LYS B 101 28.16 27.47 -36.17
C LYS B 101 29.25 28.53 -35.82
N ASP B 102 28.86 29.80 -35.80
CA ASP B 102 29.72 30.98 -35.57
C ASP B 102 30.11 31.19 -34.09
N HIS B 103 29.82 30.26 -33.17
CA HIS B 103 30.14 30.32 -31.71
C HIS B 103 29.49 31.57 -31.08
N LEU B 104 28.27 31.93 -31.52
CA LEU B 104 27.47 33.08 -31.05
C LEU B 104 26.01 32.64 -30.80
N PHE B 105 25.39 33.19 -29.78
CA PHE B 105 23.93 33.09 -29.54
C PHE B 105 23.24 34.20 -30.30
N SER B 106 22.68 33.91 -31.48
CA SER B 106 22.10 34.93 -32.41
C SER B 106 20.60 35.20 -32.22
N SER B 107 19.85 34.40 -31.47
CA SER B 107 18.37 34.49 -31.36
C SER B 107 18.00 34.71 -29.90
N SER B 108 18.80 35.49 -29.20
CA SER B 108 18.61 35.94 -27.81
C SER B 108 17.17 36.45 -27.60
N ARG B 109 16.55 36.14 -26.46
CA ARG B 109 15.32 36.81 -25.96
C ARG B 109 15.71 37.78 -24.86
N TYR B 110 14.77 38.64 -24.50
CA TYR B 110 14.94 39.62 -23.40
C TYR B 110 13.63 39.81 -22.68
N PHE B 111 13.74 40.12 -21.39
CA PHE B 111 12.57 40.49 -20.56
C PHE B 111 13.08 41.33 -19.40
N VAL B 112 12.16 42.12 -18.86
CA VAL B 112 12.44 43.13 -17.81
C VAL B 112 11.43 42.95 -16.71
N ILE B 113 11.90 42.56 -15.53
CA ILE B 113 11.06 42.41 -14.31
C ILE B 113 11.13 43.74 -13.56
N PHE B 114 9.97 44.26 -13.21
CA PHE B 114 9.74 45.47 -12.38
C PHE B 114 9.08 45.01 -11.08
N ALA B 115 9.74 45.19 -9.93
CA ALA B 115 9.19 44.91 -8.57
C ALA B 115 9.31 46.15 -7.68
N GLU B 116 8.43 46.32 -6.69
CA GLU B 116 8.61 47.32 -5.62
C GLU B 116 9.97 47.06 -4.95
N ILE B 117 10.79 48.09 -4.73
CA ILE B 117 12.13 48.01 -4.08
C ILE B 117 11.95 47.43 -2.66
N ARG B 118 12.81 46.51 -2.26
CA ARG B 118 12.73 45.80 -0.94
C ARG B 118 14.05 46.12 -0.21
N LYS B 119 14.14 47.32 0.33
CA LYS B 119 15.34 47.89 0.98
C LYS B 119 15.54 47.21 2.33
N PRO B 120 16.79 46.97 2.78
CA PRO B 120 16.98 46.39 4.12
C PRO B 120 16.32 47.28 5.18
N ASP B 121 15.75 46.68 6.23
CA ASP B 121 15.09 47.40 7.34
C ASP B 121 16.10 48.35 7.99
N PRO B 122 15.68 49.56 8.43
CA PRO B 122 16.57 50.47 9.19
C PRO B 122 17.44 49.79 10.24
N ILE B 123 16.91 48.77 10.93
CA ILE B 123 17.62 48.14 12.09
C ILE B 123 18.92 47.45 11.61
N LEU B 124 18.95 46.96 10.36
CA LEU B 124 20.16 46.30 9.82
C LEU B 124 21.28 47.34 9.58
N TYR B 125 20.96 48.58 9.25
CA TYR B 125 21.97 49.66 9.11
C TYR B 125 22.45 50.11 10.50
N GLU B 126 21.56 50.12 11.51
CA GLU B 126 21.88 50.58 12.89
C GLU B 126 22.84 49.56 13.56
N LYS B 127 22.50 48.26 13.52
CA LYS B 127 23.26 47.20 14.21
C LYS B 127 24.28 46.56 13.26
N GLY B 128 24.13 46.70 11.94
CA GLY B 128 25.04 46.07 10.95
C GLY B 128 24.72 44.59 10.78
N VAL B 129 25.38 43.88 9.86
CA VAL B 129 25.05 42.45 9.58
C VAL B 129 26.28 41.56 9.71
N ALA B 130 26.04 40.25 9.77
CA ALA B 130 27.03 39.15 9.71
C ALA B 130 27.04 38.55 8.31
N LEU B 131 28.22 38.17 7.84
CA LEU B 131 28.46 37.40 6.60
C LEU B 131 29.04 36.03 6.97
N HIS B 132 28.65 35.00 6.21
CA HIS B 132 29.12 33.61 6.34
C HIS B 132 30.16 33.39 5.23
N PRO B 133 31.46 33.21 5.58
CA PRO B 133 32.51 33.04 4.58
C PRO B 133 32.49 31.60 4.11
N ILE B 134 32.72 31.36 2.80
CA ILE B 134 32.86 29.98 2.23
C ILE B 134 34.08 29.94 1.31
N ASN B 135 34.66 28.75 1.17
CA ASN B 135 35.87 28.48 0.38
C ASN B 135 35.50 28.23 -1.09
N ALA B 136 35.13 29.28 -1.83
CA ALA B 136 34.68 29.21 -3.25
C ALA B 136 34.55 30.62 -3.81
N GLU B 137 34.55 30.79 -5.13
CA GLU B 137 34.24 32.11 -5.78
C GLU B 137 33.32 31.95 -6.98
N ARG B 138 32.82 33.09 -7.52
CA ARG B 138 32.05 33.18 -8.78
C ARG B 138 32.98 33.03 -10.01
N TYR B 139 32.70 32.06 -10.90
CA TYR B 139 33.37 31.82 -12.19
C TYR B 139 33.06 33.00 -13.12
N LEU B 140 34.04 33.47 -13.91
CA LEU B 140 33.90 34.56 -14.93
C LEU B 140 33.38 35.83 -14.26
N PRO B 141 34.03 36.29 -13.16
CA PRO B 141 33.40 37.25 -12.23
C PRO B 141 32.98 38.61 -12.81
N SER B 142 33.63 39.06 -13.88
CA SER B 142 33.31 40.36 -14.55
C SER B 142 31.96 40.28 -15.28
N THR B 143 31.47 39.06 -15.62
CA THR B 143 30.16 38.81 -16.26
C THR B 143 29.10 38.61 -15.19
N LYS B 144 28.00 39.36 -15.29
CA LYS B 144 26.82 39.15 -14.41
C LYS B 144 25.90 38.14 -15.11
N SER B 145 26.20 36.86 -14.94
CA SER B 145 25.35 35.78 -15.44
C SER B 145 24.22 35.59 -14.43
N ILE B 146 23.21 34.77 -14.84
CA ILE B 146 22.10 34.33 -13.94
C ILE B 146 22.54 33.28 -12.92
N ASN B 147 23.74 32.70 -12.98
CA ASN B 147 24.14 31.62 -12.04
C ASN B 147 24.44 32.23 -10.65
N TYR B 148 23.48 32.11 -9.73
CA TYR B 148 23.61 32.45 -8.30
C TYR B 148 23.44 31.18 -7.44
N MET B 149 23.59 29.96 -7.99
CA MET B 149 23.24 28.72 -7.23
C MET B 149 24.00 28.67 -5.90
N LEU B 150 25.29 29.02 -5.90
CA LEU B 150 26.15 29.05 -4.68
C LEU B 150 25.66 30.06 -3.61
N SER B 151 24.95 31.13 -3.99
CA SER B 151 24.40 32.13 -3.05
C SER B 151 23.32 31.51 -2.15
N PHE B 152 22.76 30.36 -2.56
CA PHE B 152 21.65 29.68 -1.88
C PHE B 152 22.21 28.50 -1.10
N THR B 153 22.86 27.57 -1.80
CA THR B 153 23.40 26.30 -1.23
C THR B 153 24.36 26.62 -0.05
N GLY B 154 25.10 27.75 -0.11
CA GLY B 154 26.09 28.15 0.91
C GLY B 154 25.46 28.55 2.25
N GLN B 155 24.15 28.90 2.30
CA GLN B 155 23.51 29.42 3.54
C GLN B 155 23.02 28.27 4.47
N ARG B 156 22.88 27.01 3.99
CA ARG B 156 22.31 25.85 4.75
C ARG B 156 22.86 25.75 6.20
N ASP B 157 24.17 26.02 6.42
CA ASP B 157 24.92 25.85 7.70
C ASP B 157 25.44 27.21 8.19
N SER B 158 24.67 28.30 8.02
CA SER B 158 25.14 29.75 7.99
C SER B 158 24.80 30.61 9.23
N LYS B 159 24.26 30.06 10.32
CA LYS B 159 23.88 30.77 11.58
C LYS B 159 22.60 31.64 11.42
N GLY B 160 22.08 31.91 10.22
CA GLY B 160 21.22 33.08 9.93
C GLY B 160 22.02 34.36 9.64
N ALA B 161 23.26 34.24 9.14
CA ALA B 161 24.05 35.30 8.45
C ALA B 161 23.26 35.96 7.29
N TYR B 162 23.41 37.26 7.09
CA TYR B 162 22.66 38.06 6.08
C TYR B 162 22.99 37.62 4.65
N GLU B 163 24.26 37.38 4.38
CA GLU B 163 24.71 37.04 3.01
C GLU B 163 25.98 36.18 3.12
N ILE B 164 26.26 35.37 2.12
CA ILE B 164 27.52 34.58 2.11
C ILE B 164 28.61 35.47 1.50
N LEU B 165 29.85 35.19 1.86
CA LEU B 165 31.06 35.91 1.37
C LEU B 165 31.99 34.89 0.73
N TYR B 166 32.33 35.12 -0.55
CA TYR B 166 33.27 34.28 -1.30
C TYR B 166 34.70 34.57 -0.79
N CYS B 167 35.29 33.60 -0.09
CA CYS B 167 36.64 33.61 0.52
C CYS B 167 37.46 32.42 0.00
N PRO B 168 37.71 32.32 -1.34
CA PRO B 168 38.51 31.22 -1.89
C PRO B 168 39.95 31.24 -1.34
N GLU B 169 40.36 30.16 -0.66
CA GLU B 169 41.70 29.97 -0.07
C GLU B 169 41.99 31.10 0.93
N GLY B 170 40.96 31.54 1.67
CA GLY B 170 41.03 32.66 2.62
C GLY B 170 41.22 34.03 1.99
N GLU B 171 41.12 34.22 0.66
CA GLU B 171 41.11 35.58 0.04
C GLU B 171 39.67 36.09 -0.04
N ILE B 172 39.33 37.24 0.58
CA ILE B 172 37.95 37.80 0.51
C ILE B 172 37.78 38.43 -0.87
N VAL B 173 36.80 38.00 -1.66
CA VAL B 173 36.55 38.57 -3.02
C VAL B 173 35.33 39.50 -2.96
N GLU B 174 34.14 38.93 -2.77
CA GLU B 174 32.86 39.72 -2.84
C GLU B 174 31.74 38.88 -2.20
N GLY B 175 30.62 39.53 -1.93
CA GLY B 175 29.42 38.85 -1.39
C GLY B 175 28.65 38.21 -2.54
N SER B 176 27.65 37.41 -2.19
CA SER B 176 26.79 36.71 -3.19
C SER B 176 25.95 37.71 -3.99
N HIS B 177 25.62 38.87 -3.43
CA HIS B 177 24.78 39.96 -4.03
C HIS B 177 25.43 41.33 -3.77
N SER B 178 26.75 41.41 -3.59
CA SER B 178 27.39 42.67 -3.09
C SER B 178 28.90 42.76 -3.42
N THR B 179 29.38 44.01 -3.56
CA THR B 179 30.81 44.35 -3.46
C THR B 179 31.15 44.36 -1.98
N PHE B 180 32.34 43.86 -1.61
CA PHE B 180 32.85 43.85 -0.22
C PHE B 180 33.95 44.91 -0.09
N PHE B 181 33.86 45.72 0.96
CA PHE B 181 34.88 46.73 1.38
C PHE B 181 35.33 46.42 2.80
N LEU B 182 36.65 46.32 3.02
CA LEU B 182 37.26 46.33 4.37
C LEU B 182 37.87 47.71 4.62
N ILE B 183 37.83 48.17 5.88
CA ILE B 183 38.47 49.43 6.37
C ILE B 183 39.58 49.08 7.38
N LYS B 184 40.83 49.33 7.03
CA LYS B 184 42.06 49.04 7.86
C LYS B 184 42.95 50.29 7.82
N ASN B 185 43.41 50.76 9.01
CA ASN B 185 44.09 52.08 9.28
C ASN B 185 43.51 53.18 8.37
N GLY B 186 42.19 53.39 8.43
CA GLY B 186 41.45 54.38 7.64
C GLY B 186 41.61 54.30 6.11
N HIS B 187 42.05 53.16 5.53
CA HIS B 187 42.09 52.84 4.07
C HIS B 187 40.89 51.94 3.69
N LEU B 188 40.33 52.11 2.49
CA LEU B 188 39.33 51.20 1.85
C LEU B 188 40.07 50.07 1.11
N ILE B 189 39.68 48.82 1.33
CA ILE B 189 40.31 47.67 0.66
C ILE B 189 39.18 46.83 0.00
N THR B 190 39.26 46.62 -1.30
CA THR B 190 38.24 45.90 -2.08
C THR B 190 38.90 45.15 -3.22
N ALA B 191 38.41 43.95 -3.54
CA ALA B 191 38.96 43.06 -4.58
C ALA B 191 39.04 43.80 -5.91
N PRO B 192 40.08 43.59 -6.75
CA PRO B 192 40.17 44.26 -8.06
C PRO B 192 39.10 43.68 -8.99
N THR B 193 38.85 44.32 -10.14
CA THR B 193 37.77 43.93 -11.09
C THR B 193 38.14 42.68 -11.91
N SER B 194 39.39 42.19 -11.87
CA SER B 194 39.74 40.85 -12.45
C SER B 194 39.09 39.74 -11.60
N ARG B 195 38.74 40.04 -10.33
CA ARG B 195 38.24 39.02 -9.35
C ARG B 195 36.79 39.28 -8.90
N ALA B 196 36.27 40.55 -8.91
CA ALA B 196 34.90 40.91 -8.46
C ALA B 196 34.14 41.58 -9.60
N LEU B 197 32.79 41.52 -9.55
CA LEU B 197 31.92 42.25 -10.50
C LEU B 197 32.30 43.74 -10.38
N SER B 198 32.35 44.46 -11.49
CA SER B 198 32.54 45.92 -11.58
C SER B 198 31.21 46.59 -11.19
N GLY B 199 30.82 46.50 -9.92
CA GLY B 199 29.60 47.11 -9.39
C GLY B 199 29.48 48.61 -9.68
N THR B 200 28.26 49.09 -9.91
CA THR B 200 27.91 50.51 -10.06
C THR B 200 28.04 51.19 -8.71
N THR B 201 27.62 50.53 -7.63
CA THR B 201 27.80 51.07 -6.26
C THR B 201 29.30 51.14 -5.94
N ARG B 202 30.07 50.08 -6.25
CA ARG B 202 31.54 50.06 -6.07
C ARG B 202 32.15 51.30 -6.74
N GLN B 203 31.80 51.51 -8.01
CA GLN B 203 32.33 52.62 -8.83
C GLN B 203 31.97 53.94 -8.13
N ILE B 204 30.73 54.09 -7.65
CA ILE B 204 30.31 55.34 -7.02
C ILE B 204 31.13 55.49 -5.73
N VAL B 205 31.31 54.42 -4.95
CA VAL B 205 32.11 54.51 -3.69
C VAL B 205 33.56 54.87 -4.02
N LEU B 206 34.21 54.24 -5.01
CA LEU B 206 35.60 54.62 -5.39
C LEU B 206 35.70 56.10 -5.74
N GLU B 207 34.71 56.65 -6.45
CA GLU B 207 34.64 58.08 -6.80
C GLU B 207 34.49 58.93 -5.53
N LEU B 208 33.66 58.52 -4.56
CA LEU B 208 33.50 59.26 -3.27
C LEU B 208 34.82 59.21 -2.48
N ALA B 209 35.52 58.08 -2.46
CA ALA B 209 36.85 57.89 -1.86
C ALA B 209 37.87 58.85 -2.47
N ARG B 210 37.88 59.00 -3.81
CA ARG B 210 38.79 59.94 -4.54
C ARG B 210 38.46 61.37 -4.08
N ARG B 211 37.18 61.77 -4.09
CA ARG B 211 36.71 63.11 -3.64
C ARG B 211 37.03 63.34 -2.16
N GLY B 212 37.06 62.29 -1.34
CA GLY B 212 37.27 62.38 0.12
C GLY B 212 38.72 62.17 0.51
N ASN B 213 39.61 61.89 -0.46
CA ASN B 213 41.06 61.63 -0.24
C ASN B 213 41.25 60.35 0.60
N ILE B 214 40.36 59.36 0.48
CA ILE B 214 40.49 58.05 1.18
C ILE B 214 41.24 57.15 0.21
N GLN B 215 42.37 56.59 0.68
CA GLN B 215 43.20 55.64 -0.12
C GLN B 215 42.30 54.44 -0.35
N VAL B 216 42.35 53.91 -1.57
CA VAL B 216 41.73 52.63 -1.99
C VAL B 216 42.88 51.67 -2.40
N GLU B 217 43.00 50.52 -1.75
CA GLU B 217 43.85 49.38 -2.24
C GLU B 217 42.95 48.38 -2.97
N GLU B 218 43.12 48.27 -4.29
CA GLU B 218 42.38 47.31 -5.15
C GLU B 218 43.10 45.95 -5.05
N ARG B 219 42.91 45.26 -3.92
CA ARG B 219 43.40 43.89 -3.67
C ARG B 219 42.35 43.13 -2.85
N CYS B 220 42.42 41.81 -2.88
CA CYS B 220 41.62 40.92 -2.00
C CYS B 220 42.12 41.06 -0.57
N PRO B 221 41.30 41.52 0.40
CA PRO B 221 41.70 41.40 1.82
C PRO B 221 41.69 39.92 2.20
N LEU B 222 42.46 39.52 3.20
CA LEU B 222 42.45 38.09 3.67
C LEU B 222 41.60 37.98 4.92
N LEU B 223 40.98 36.81 5.14
CA LEU B 223 40.31 36.49 6.43
C LEU B 223 41.28 36.73 7.59
N THR B 224 42.57 36.39 7.47
CA THR B 224 43.61 36.83 8.48
C THR B 224 43.95 38.29 8.09
N GLU B 225 43.91 39.26 8.98
CA GLU B 225 43.80 40.71 8.66
C GLU B 225 42.50 41.18 9.27
N LEU B 226 41.41 40.38 9.32
CA LEU B 226 40.14 40.86 9.96
C LEU B 226 40.34 41.26 11.43
N PRO B 227 41.10 40.53 12.28
CA PRO B 227 41.42 41.01 13.64
C PRO B 227 41.95 42.47 13.72
N GLU B 228 42.72 42.93 12.72
CA GLU B 228 43.38 44.26 12.69
C GLU B 228 42.46 45.28 11.99
N ALA B 229 41.39 44.86 11.29
CA ALA B 229 40.48 45.79 10.58
C ALA B 229 39.57 46.51 11.56
N GLU B 230 39.21 47.75 11.23
CA GLU B 230 38.36 48.64 12.05
C GLU B 230 36.89 48.47 11.65
N GLU B 231 36.58 48.45 10.35
CA GLU B 231 35.19 48.37 9.83
C GLU B 231 35.11 47.48 8.60
N ALA B 232 33.90 47.23 8.13
CA ALA B 232 33.65 46.58 6.83
C ALA B 232 32.25 46.89 6.40
N PHE B 233 31.97 46.78 5.09
CA PHE B 233 30.62 47.02 4.55
C PHE B 233 30.53 46.39 3.18
N ILE B 234 29.29 46.14 2.77
CA ILE B 234 28.93 45.58 1.44
C ILE B 234 28.11 46.61 0.70
N THR B 235 28.19 46.64 -0.63
CA THR B 235 27.43 47.60 -1.47
C THR B 235 26.65 46.91 -2.59
N GLY B 236 25.51 47.48 -2.90
CA GLY B 236 24.72 47.22 -4.11
C GLY B 236 23.65 48.29 -4.28
N THR B 237 23.00 48.35 -5.43
CA THR B 237 22.12 49.49 -5.80
C THR B 237 20.89 49.53 -4.87
N VAL B 238 20.41 48.39 -4.38
CA VAL B 238 19.25 48.34 -3.42
C VAL B 238 19.79 48.59 -2.02
N LYS B 239 20.79 47.82 -1.55
CA LYS B 239 21.22 47.90 -0.11
C LYS B 239 22.07 49.17 0.14
N GLU B 240 22.58 49.84 -0.87
CA GLU B 240 23.36 51.09 -0.74
C GLU B 240 24.69 50.69 -0.08
N LEU B 241 25.04 51.28 1.08
CA LEU B 241 26.18 50.81 1.90
C LEU B 241 25.60 50.19 3.17
N LEU B 242 25.94 48.93 3.42
CA LEU B 242 25.37 48.17 4.56
C LEU B 242 26.53 47.74 5.44
N PRO B 243 26.55 48.18 6.71
CA PRO B 243 27.65 47.81 7.61
C PRO B 243 27.70 46.30 7.84
N VAL B 244 28.92 45.78 7.91
CA VAL B 244 29.25 44.38 8.25
C VAL B 244 30.03 44.41 9.55
N VAL B 245 29.45 43.90 10.64
CA VAL B 245 30.05 43.87 12.00
C VAL B 245 30.61 42.49 12.38
N ARG B 246 30.38 41.42 11.60
CA ARG B 246 30.93 40.06 11.90
C ARG B 246 31.13 39.26 10.61
N ILE B 247 32.25 38.57 10.48
CA ILE B 247 32.47 37.63 9.35
C ILE B 247 32.87 36.29 9.98
N GLY B 248 32.01 35.26 9.86
CA GLY B 248 32.14 33.96 10.56
C GLY B 248 32.32 34.13 12.07
N ASP B 249 33.47 33.69 12.59
CA ASP B 249 33.89 33.70 14.02
C ASP B 249 34.55 35.04 14.38
N GLN B 250 34.72 35.97 13.44
CA GLN B 250 35.54 37.21 13.63
C GLN B 250 34.59 38.43 13.76
N ILE B 251 34.52 39.04 14.94
CA ILE B 251 33.82 40.33 15.19
C ILE B 251 34.71 41.44 14.58
N ILE B 252 34.14 42.41 13.87
CA ILE B 252 34.89 43.52 13.19
C ILE B 252 35.02 44.71 14.16
N GLY B 253 36.25 45.09 14.57
CA GLY B 253 36.52 46.32 15.38
C GLY B 253 35.64 46.38 16.61
N ASN B 254 34.81 47.39 16.79
CA ASN B 254 33.88 47.56 17.95
C ASN B 254 32.62 46.68 17.85
N GLY B 255 32.41 45.88 16.78
CA GLY B 255 31.18 45.09 16.55
C GLY B 255 29.92 45.90 16.28
N VAL B 256 30.01 47.20 16.02
CA VAL B 256 28.88 48.11 15.66
C VAL B 256 29.34 48.88 14.42
N PRO B 257 28.40 49.46 13.62
CA PRO B 257 28.80 50.10 12.36
C PRO B 257 29.81 51.21 12.67
N GLY B 258 30.81 51.37 11.79
CA GLY B 258 31.95 52.27 12.03
C GLY B 258 31.68 53.63 11.44
N LYS B 259 32.51 54.62 11.78
CA LYS B 259 32.29 56.05 11.41
C LYS B 259 32.51 56.21 9.91
N LEU B 260 33.53 55.58 9.30
CA LEU B 260 33.80 55.80 7.84
C LEU B 260 32.68 55.13 7.01
N THR B 261 32.09 54.05 7.49
CA THR B 261 30.97 53.36 6.79
C THR B 261 29.77 54.33 6.81
N LYS B 262 29.40 54.83 8.01
CA LYS B 262 28.24 55.76 8.16
C LYS B 262 28.50 57.03 7.37
N HIS B 263 29.73 57.51 7.40
CA HIS B 263 30.13 58.74 6.65
C HIS B 263 29.88 58.50 5.16
N LEU B 264 30.34 57.39 4.61
CA LEU B 264 30.25 57.12 3.15
C LEU B 264 28.79 56.89 2.74
N HIS B 265 27.99 56.31 3.63
CA HIS B 265 26.56 56.12 3.38
C HIS B 265 25.85 57.47 3.28
N GLN B 266 26.11 58.38 4.24
CA GLN B 266 25.56 59.76 4.22
C GLN B 266 26.03 60.48 2.92
N VAL B 267 27.31 60.37 2.56
CA VAL B 267 27.83 61.03 1.33
C VAL B 267 27.19 60.36 0.09
N TYR B 268 27.05 59.03 0.09
CA TYR B 268 26.42 58.29 -1.03
C TYR B 268 25.02 58.88 -1.24
N LEU B 269 24.20 58.97 -0.20
CA LEU B 269 22.79 59.43 -0.35
C LEU B 269 22.71 60.91 -0.79
N SER B 270 23.61 61.79 -0.30
CA SER B 270 23.70 63.24 -0.64
C SER B 270 24.05 63.43 -2.11
N SER B 271 24.88 62.54 -2.64
CA SER B 271 25.61 62.69 -3.94
C SER B 271 24.91 61.91 -5.05
N ILE B 272 23.88 61.13 -4.73
CA ILE B 272 23.28 60.13 -5.65
C ILE B 272 22.63 60.85 -6.84
N VAL B 273 22.16 62.09 -6.63
CA VAL B 273 21.36 62.90 -7.61
C VAL B 273 22.17 63.03 -8.90
N GLU B 274 23.48 63.14 -8.80
CA GLU B 274 24.43 63.23 -9.95
C GLU B 274 24.23 62.08 -10.96
N TRP B 275 23.96 60.87 -10.49
CA TRP B 275 23.94 59.68 -11.39
C TRP B 275 22.51 59.22 -11.67
N LEU B 276 21.48 59.98 -11.23
CA LEU B 276 20.08 59.68 -11.61
C LEU B 276 19.89 60.14 -13.04
N GLU B 277 19.08 59.38 -13.81
CA GLU B 277 18.69 59.73 -15.19
C GLU B 277 17.15 59.84 -15.18
N MET C 3 -17.52 20.97 9.85
CA MET C 3 -17.72 20.23 8.53
C MET C 3 -16.56 19.24 8.33
N ASN C 4 -16.82 17.95 8.17
CA ASN C 4 -15.71 17.02 7.84
C ASN C 4 -15.29 17.24 6.39
N LEU C 5 -13.97 17.22 6.12
CA LEU C 5 -13.42 17.45 4.78
C LEU C 5 -12.70 16.17 4.36
N CYS C 6 -12.62 15.98 3.06
CA CYS C 6 -11.83 14.95 2.38
C CYS C 6 -11.06 15.61 1.25
N TYR C 7 -9.74 15.59 1.32
CA TYR C 7 -8.91 15.93 0.14
C TYR C 7 -8.79 14.71 -0.76
N ILE C 8 -9.15 14.85 -2.04
CA ILE C 8 -9.10 13.77 -3.08
C ILE C 8 -9.05 14.42 -4.47
N ASP C 9 -8.19 13.91 -5.36
CA ASP C 9 -8.00 14.43 -6.75
C ASP C 9 -7.73 15.94 -6.73
N GLY C 10 -6.89 16.46 -5.82
CA GLY C 10 -6.47 17.87 -5.85
C GLY C 10 -7.46 18.87 -5.23
N LYS C 11 -8.66 18.46 -4.78
CA LYS C 11 -9.67 19.41 -4.22
C LYS C 11 -10.04 18.98 -2.79
N PHE C 12 -10.28 19.98 -1.91
CA PHE C 12 -10.90 19.77 -0.58
C PHE C 12 -12.41 19.67 -0.76
N LEU C 13 -13.00 18.48 -0.61
CA LEU C 13 -14.46 18.27 -0.74
C LEU C 13 -15.01 18.21 0.68
N PRO C 14 -16.30 18.54 0.90
CA PRO C 14 -17.04 17.96 2.02
C PRO C 14 -16.92 16.43 2.00
N LEU C 15 -16.67 15.79 3.15
CA LEU C 15 -16.39 14.31 3.27
C LEU C 15 -17.50 13.48 2.60
N GLU C 16 -18.73 13.91 2.78
CA GLU C 16 -19.98 13.23 2.36
C GLU C 16 -20.06 13.25 0.82
N GLU C 17 -19.34 14.11 0.12
CA GLU C 17 -19.26 14.12 -1.37
C GLU C 17 -18.07 13.31 -1.93
N ALA C 18 -17.08 12.91 -1.13
CA ALA C 18 -15.91 12.18 -1.66
C ALA C 18 -16.30 10.74 -2.00
N LYS C 19 -15.92 10.28 -3.18
CA LYS C 19 -16.12 8.89 -3.63
C LYS C 19 -14.82 8.32 -4.19
N LEU C 20 -14.74 7.00 -4.22
CA LEU C 20 -13.59 6.20 -4.70
C LEU C 20 -14.11 5.20 -5.69
N PRO C 21 -13.39 4.99 -6.84
CA PRO C 21 -13.84 4.02 -7.84
C PRO C 21 -13.82 2.61 -7.22
N VAL C 22 -14.76 1.74 -7.60
CA VAL C 22 -14.81 0.35 -7.11
C VAL C 22 -13.68 -0.46 -7.71
N THR C 23 -13.04 0.03 -8.77
CA THR C 23 -11.91 -0.68 -9.42
C THR C 23 -10.76 -0.70 -8.40
N ASP C 24 -10.71 0.28 -7.49
CA ASP C 24 -9.57 0.42 -6.55
C ASP C 24 -9.49 -0.85 -5.71
N LEU C 25 -8.29 -1.43 -5.62
CA LEU C 25 -8.08 -2.71 -4.89
C LEU C 25 -8.14 -2.51 -3.38
N ILE C 26 -8.24 -1.28 -2.87
CA ILE C 26 -8.58 -1.06 -1.45
C ILE C 26 -9.98 -1.66 -1.20
N ILE C 27 -10.89 -1.47 -2.11
CA ILE C 27 -12.29 -1.97 -1.97
C ILE C 27 -12.31 -3.46 -2.22
N GLN C 28 -11.79 -3.91 -3.37
CA GLN C 28 -11.99 -5.29 -3.83
C GLN C 28 -11.14 -6.26 -2.99
N ARG C 29 -9.95 -5.84 -2.53
CA ARG C 29 -8.92 -6.77 -1.98
C ARG C 29 -8.21 -6.19 -0.75
N GLY C 30 -8.72 -5.12 -0.13
CA GLY C 30 -8.19 -4.61 1.14
C GLY C 30 -6.83 -3.96 1.02
N VAL C 31 -6.39 -3.57 -0.17
CA VAL C 31 -5.03 -2.99 -0.35
C VAL C 31 -5.07 -1.49 -0.04
N GLY C 32 -4.77 -1.14 1.20
CA GLY C 32 -4.59 0.22 1.61
C GLY C 32 -3.82 0.33 2.92
N VAL C 33 -3.20 1.46 3.10
CA VAL C 33 -2.53 1.82 4.38
C VAL C 33 -2.99 3.23 4.73
N PHE C 34 -2.95 3.55 6.01
CA PHE C 34 -3.33 4.87 6.50
C PHE C 34 -2.57 5.19 7.81
N GLU C 35 -2.66 6.43 8.22
CA GLU C 35 -2.20 6.91 9.54
C GLU C 35 -3.30 7.75 10.19
N THR C 36 -3.29 7.83 11.51
CA THR C 36 -4.09 8.79 12.30
C THR C 36 -3.11 9.79 12.92
N ILE C 37 -3.32 11.08 12.59
CA ILE C 37 -2.55 12.25 13.08
C ILE C 37 -3.51 13.13 13.87
N SER C 38 -3.06 13.68 14.99
CA SER C 38 -3.89 14.54 15.85
C SER C 38 -3.20 15.89 15.98
N THR C 39 -3.95 16.90 16.41
CA THR C 39 -3.43 18.24 16.74
C THR C 39 -3.47 18.47 18.24
N HIS C 40 -2.50 19.26 18.75
CA HIS C 40 -2.58 20.03 20.01
C HIS C 40 -2.40 21.51 19.65
N SER C 41 -3.32 22.39 20.06
CA SER C 41 -3.30 23.83 19.65
C SER C 41 -3.17 23.96 18.12
N ARG C 42 -3.87 23.09 17.34
CA ARG C 42 -4.01 23.19 15.86
C ARG C 42 -2.68 22.86 15.19
N ARG C 43 -1.72 22.25 15.90
CA ARG C 43 -0.41 21.83 15.33
C ARG C 43 -0.34 20.31 15.25
N PRO C 44 -0.03 19.72 14.08
CA PRO C 44 -0.01 18.26 13.97
C PRO C 44 1.12 17.68 14.83
N LEU C 45 0.82 16.61 15.58
CA LEU C 45 1.76 15.95 16.52
C LEU C 45 2.51 14.88 15.76
N MET C 46 3.84 14.87 15.84
CA MET C 46 4.72 13.84 15.20
C MET C 46 4.38 13.67 13.70
N LEU C 47 4.22 14.77 12.98
CA LEU C 47 3.82 14.74 11.56
C LEU C 47 4.83 13.94 10.77
N THR C 48 6.10 14.28 10.89
CA THR C 48 7.17 13.61 10.07
C THR C 48 7.16 12.10 10.41
N PRO C 49 7.28 11.71 11.71
CA PRO C 49 7.26 10.30 12.07
C PRO C 49 5.99 9.57 11.55
N HIS C 50 4.82 10.21 11.55
CA HIS C 50 3.57 9.64 10.97
C HIS C 50 3.75 9.49 9.46
N LEU C 51 4.24 10.51 8.76
CA LEU C 51 4.36 10.38 7.28
C LEU C 51 5.40 9.30 6.90
N LYS C 52 6.41 9.09 7.74
CA LYS C 52 7.47 8.07 7.52
C LYS C 52 6.88 6.71 7.77
N ARG C 53 5.98 6.57 8.75
CA ARG C 53 5.33 5.28 9.08
C ARG C 53 4.34 4.95 7.94
N LEU C 54 3.65 5.94 7.39
CA LEU C 54 2.74 5.81 6.24
C LEU C 54 3.55 5.30 5.06
N GLU C 55 4.70 5.89 4.76
CA GLU C 55 5.59 5.41 3.67
C GLU C 55 6.06 3.97 3.95
N GLY C 56 6.45 3.66 5.19
CA GLY C 56 6.90 2.34 5.61
C GLY C 56 5.79 1.31 5.44
N SER C 57 4.53 1.66 5.77
CA SER C 57 3.34 0.84 5.56
C SER C 57 3.13 0.61 4.07
N ALA C 58 3.23 1.66 3.27
CA ALA C 58 3.09 1.56 1.80
C ALA C 58 4.15 0.60 1.24
N THR C 59 5.42 0.88 1.59
CA THR C 59 6.58 0.12 1.06
C THR C 59 6.40 -1.36 1.43
N ALA C 60 6.02 -1.64 2.69
CA ALA C 60 5.83 -3.00 3.21
C ALA C 60 4.68 -3.74 2.46
N SER C 61 3.68 -3.02 1.92
CA SER C 61 2.50 -3.52 1.18
C SER C 61 2.71 -3.49 -0.33
N SER C 62 3.94 -3.25 -0.81
CA SER C 62 4.31 -3.20 -2.26
C SER C 62 3.54 -2.07 -2.95
N ILE C 63 3.24 -0.98 -2.23
CA ILE C 63 2.52 0.19 -2.79
C ILE C 63 3.54 1.31 -3.03
N VAL C 64 3.59 1.81 -4.27
CA VAL C 64 4.41 2.98 -4.66
C VAL C 64 3.68 4.18 -4.10
N MET C 65 4.37 5.00 -3.31
CA MET C 65 3.81 6.30 -2.85
C MET C 65 3.32 7.11 -4.04
N PRO C 66 2.04 7.54 -4.03
CA PRO C 66 1.49 8.32 -5.15
C PRO C 66 1.76 9.82 -5.03
N ALA C 67 2.34 10.30 -3.93
CA ALA C 67 2.87 11.65 -3.77
C ALA C 67 4.10 11.65 -2.87
N THR C 68 4.84 12.76 -2.80
CA THR C 68 6.02 12.90 -1.90
C THR C 68 5.52 13.14 -0.47
N LEU C 69 6.34 12.85 0.53
CA LEU C 69 6.04 13.16 1.96
C LEU C 69 5.88 14.67 2.13
N ASP C 70 6.64 15.49 1.42
CA ASP C 70 6.47 16.97 1.42
C ASP C 70 5.07 17.39 0.88
N GLU C 71 4.56 16.74 -0.18
CA GLU C 71 3.19 17.08 -0.70
C GLU C 71 2.14 16.64 0.33
N MET C 72 2.31 15.48 0.95
CA MET C 72 1.36 14.97 1.97
C MET C 72 1.31 15.97 3.15
N ALA C 73 2.48 16.42 3.58
CA ALA C 73 2.67 17.42 4.66
C ALA C 73 1.91 18.71 4.31
N ARG C 74 2.12 19.23 3.11
CA ARG C 74 1.46 20.47 2.63
C ARG C 74 -0.07 20.30 2.67
N ILE C 75 -0.59 19.17 2.17
CA ILE C 75 -2.08 18.94 2.13
C ILE C 75 -2.64 18.88 3.55
N ILE C 76 -1.95 18.12 4.41
CA ILE C 76 -2.37 17.95 5.83
C ILE C 76 -2.44 19.33 6.49
N ARG C 77 -1.38 20.15 6.35
CA ARG C 77 -1.31 21.51 6.96
C ARG C 77 -2.47 22.37 6.44
N GLU C 78 -2.72 22.36 5.13
CA GLU C 78 -3.76 23.23 4.51
C GLU C 78 -5.11 22.79 5.08
N GLY C 79 -5.38 21.47 5.17
CA GLY C 79 -6.70 21.03 5.65
C GLY C 79 -6.92 21.38 7.13
N ILE C 80 -5.88 21.27 7.95
CA ILE C 80 -5.89 21.70 9.38
C ILE C 80 -6.30 23.17 9.47
N LYS C 81 -5.70 24.01 8.64
CA LYS C 81 -6.00 25.46 8.60
C LYS C 81 -7.48 25.66 8.20
N LYS C 82 -7.99 24.95 7.18
CA LYS C 82 -9.41 25.12 6.74
C LYS C 82 -10.36 24.65 7.84
N MET C 83 -10.01 23.64 8.65
CA MET C 83 -10.90 23.15 9.73
C MET C 83 -11.01 24.22 10.83
N GLY C 84 -9.89 24.87 11.17
CA GLY C 84 -9.81 25.99 12.13
C GLY C 84 -10.12 25.57 13.55
N CYS C 85 -9.87 24.30 13.86
CA CYS C 85 -10.22 23.65 15.15
C CYS C 85 -9.21 22.52 15.35
N GLU C 86 -9.31 21.85 16.49
CA GLU C 86 -8.47 20.65 16.79
C GLU C 86 -8.99 19.54 15.85
N THR C 87 -8.07 18.91 15.13
CA THR C 87 -8.34 18.05 13.96
C THR C 87 -7.70 16.68 14.15
N MET C 88 -8.47 15.64 13.81
CA MET C 88 -8.00 14.25 13.56
C MET C 88 -7.88 14.14 12.06
N VAL C 89 -6.68 13.76 11.60
CA VAL C 89 -6.30 13.74 10.15
C VAL C 89 -5.98 12.31 9.83
N ARG C 90 -6.58 11.79 8.78
CA ARG C 90 -6.29 10.41 8.29
CA ARG C 90 -6.25 10.43 8.28
C ARG C 90 -5.89 10.47 6.81
N PRO C 91 -4.60 10.46 6.45
CA PRO C 91 -4.19 10.19 5.08
C PRO C 91 -4.31 8.71 4.75
N TYR C 92 -4.91 8.38 3.60
CA TYR C 92 -5.12 6.99 3.09
C TYR C 92 -4.33 6.80 1.79
N ILE C 93 -3.57 5.72 1.67
CA ILE C 93 -2.89 5.32 0.40
C ILE C 93 -3.56 4.03 -0.08
N THR C 94 -4.19 4.07 -1.25
CA THR C 94 -4.90 2.89 -1.82
C THR C 94 -3.96 2.10 -2.73
N GLY C 95 -4.29 0.84 -3.02
CA GLY C 95 -3.55 0.08 -4.05
C GLY C 95 -3.77 0.61 -5.46
N GLY C 96 -4.93 1.24 -5.74
CA GLY C 96 -5.28 1.65 -7.11
C GLY C 96 -5.80 0.44 -7.93
N ASP C 97 -5.83 0.59 -9.24
CA ASP C 97 -6.58 -0.36 -10.11
C ASP C 97 -5.77 -1.63 -10.39
N SER C 98 -4.44 -1.67 -10.22
CA SER C 98 -3.66 -2.88 -10.66
C SER C 98 -2.49 -3.20 -9.76
N PHE C 99 -2.18 -4.49 -9.71
CA PHE C 99 -0.88 -5.05 -9.30
C PHE C 99 -0.15 -5.32 -10.61
N GLY C 100 0.87 -4.54 -10.93
CA GLY C 100 1.74 -4.72 -12.12
C GLY C 100 2.50 -6.03 -12.15
N LYS C 101 2.97 -6.40 -13.36
CA LYS C 101 4.01 -7.42 -13.68
C LYS C 101 5.20 -7.27 -12.71
N ASP C 102 5.56 -6.05 -12.31
CA ASP C 102 6.70 -5.73 -11.41
C ASP C 102 6.41 -6.01 -9.92
N HIS C 103 5.30 -6.66 -9.55
CA HIS C 103 4.88 -6.99 -8.16
C HIS C 103 4.80 -5.71 -7.27
N LEU C 104 4.33 -4.62 -7.88
CA LEU C 104 4.11 -3.28 -7.27
C LEU C 104 2.72 -2.75 -7.67
N PHE C 105 2.03 -2.10 -6.75
CA PHE C 105 0.85 -1.24 -7.03
C PHE C 105 1.38 0.14 -7.39
N SER C 106 1.42 0.48 -8.67
CA SER C 106 2.13 1.66 -9.22
C SER C 106 1.10 2.75 -9.52
N SER C 107 -0.22 2.47 -9.51
CA SER C 107 -1.27 3.46 -9.81
C SER C 107 -2.10 3.76 -8.55
N SER C 108 -1.43 3.76 -7.37
CA SER C 108 -2.01 4.12 -6.07
C SER C 108 -2.82 5.43 -6.13
N ARG C 109 -3.97 5.51 -5.46
CA ARG C 109 -4.69 6.77 -5.15
C ARG C 109 -4.43 7.17 -3.71
N TYR C 110 -4.77 8.43 -3.38
CA TYR C 110 -4.63 8.93 -2.02
C TYR C 110 -5.71 9.96 -1.71
N PHE C 111 -6.05 10.03 -0.43
CA PHE C 111 -7.03 11.00 0.08
C PHE C 111 -6.78 11.18 1.57
N VAL C 112 -7.19 12.35 2.04
CA VAL C 112 -6.97 12.80 3.45
C VAL C 112 -8.29 13.25 4.04
N ILE C 113 -8.73 12.57 5.09
CA ILE C 113 -9.97 12.87 5.82
C ILE C 113 -9.55 13.76 6.98
N PHE C 114 -10.26 14.88 7.14
CA PHE C 114 -10.12 15.85 8.25
C PHE C 114 -11.43 15.84 9.02
N ALA C 115 -11.39 15.43 10.29
CA ALA C 115 -12.56 15.51 11.21
C ALA C 115 -12.20 16.32 12.47
N GLU C 116 -13.20 16.93 13.11
CA GLU C 116 -13.02 17.50 14.46
C GLU C 116 -12.61 16.36 15.39
N ILE C 117 -11.56 16.58 16.19
CA ILE C 117 -10.96 15.55 17.09
C ILE C 117 -12.04 15.14 18.12
N ARG C 118 -12.13 13.85 18.44
CA ARG C 118 -13.04 13.26 19.42
C ARG C 118 -12.14 12.63 20.49
N LYS C 119 -11.68 13.44 21.43
CA LYS C 119 -10.84 13.01 22.58
C LYS C 119 -11.71 12.24 23.58
N PRO C 120 -11.19 11.22 24.29
CA PRO C 120 -12.01 10.55 25.32
C PRO C 120 -12.48 11.59 26.37
N ASP C 121 -13.72 11.44 26.86
CA ASP C 121 -14.34 12.28 27.92
C ASP C 121 -13.39 12.39 29.10
N PRO C 122 -13.28 13.57 29.76
CA PRO C 122 -12.46 13.65 30.98
C PRO C 122 -12.72 12.54 32.01
N ILE C 123 -13.98 12.08 32.10
CA ILE C 123 -14.41 11.05 33.09
C ILE C 123 -13.67 9.72 32.87
N LEU C 124 -13.31 9.39 31.64
CA LEU C 124 -12.59 8.11 31.34
C LEU C 124 -11.16 8.16 31.86
N TYR C 125 -10.53 9.32 31.94
CA TYR C 125 -9.18 9.47 32.56
C TYR C 125 -9.29 9.38 34.09
N GLU C 126 -10.36 9.89 34.68
CA GLU C 126 -10.57 9.89 36.16
C GLU C 126 -10.87 8.45 36.63
N LYS C 127 -11.80 7.73 35.98
CA LYS C 127 -12.27 6.38 36.39
C LYS C 127 -11.43 5.29 35.69
N GLY C 128 -10.81 5.58 34.54
CA GLY C 128 -10.08 4.56 33.74
C GLY C 128 -11.04 3.69 32.94
N VAL C 129 -10.53 2.81 32.08
CA VAL C 129 -11.37 1.99 31.17
C VAL C 129 -11.13 0.49 31.33
N ALA C 130 -12.08 -0.29 30.83
CA ALA C 130 -11.98 -1.77 30.65
C ALA C 130 -11.59 -2.10 29.21
N LEU C 131 -10.74 -3.12 29.09
CA LEU C 131 -10.42 -3.83 27.83
C LEU C 131 -10.98 -5.24 27.83
N HIS C 132 -11.39 -5.72 26.66
CA HIS C 132 -11.81 -7.11 26.37
C HIS C 132 -10.61 -7.81 25.72
N PRO C 133 -10.00 -8.82 26.36
CA PRO C 133 -8.91 -9.59 25.76
C PRO C 133 -9.48 -10.60 24.76
N ILE C 134 -8.82 -10.80 23.60
CA ILE C 134 -9.09 -11.90 22.65
C ILE C 134 -7.80 -12.63 22.27
N ASN C 135 -7.97 -13.89 21.88
CA ASN C 135 -6.88 -14.79 21.45
C ASN C 135 -6.65 -14.59 19.95
N ALA C 136 -6.03 -13.47 19.58
CA ALA C 136 -5.66 -13.11 18.19
C ALA C 136 -4.65 -11.96 18.24
N GLU C 137 -4.00 -11.69 17.12
CA GLU C 137 -3.00 -10.63 16.97
C GLU C 137 -3.15 -9.95 15.59
N ARG C 138 -2.48 -8.79 15.44
CA ARG C 138 -2.32 -8.14 14.10
C ARG C 138 -1.11 -8.79 13.41
N TYR C 139 -1.29 -9.37 12.20
CA TYR C 139 -0.22 -9.86 11.30
C TYR C 139 0.56 -8.62 10.80
N LEU C 140 1.90 -8.70 10.71
CA LEU C 140 2.77 -7.65 10.13
C LEU C 140 2.54 -6.35 10.90
N PRO C 141 2.69 -6.38 12.25
CA PRO C 141 2.17 -5.32 13.10
C PRO C 141 2.76 -3.91 12.88
N SER C 142 3.99 -3.81 12.33
CA SER C 142 4.65 -2.53 12.07
C SER C 142 3.96 -1.81 10.90
N THR C 143 3.15 -2.54 10.10
CA THR C 143 2.33 -2.00 8.98
C THR C 143 0.92 -1.66 9.46
N LYS C 144 0.50 -0.40 9.31
CA LYS C 144 -0.88 0.06 9.56
C LYS C 144 -1.66 -0.05 8.24
N SER C 145 -2.14 -1.24 7.90
CA SER C 145 -3.10 -1.42 6.80
C SER C 145 -4.48 -0.92 7.21
N ILE C 146 -5.42 -0.78 6.26
CA ILE C 146 -6.85 -0.44 6.50
C ILE C 146 -7.61 -1.56 7.22
N ASN C 147 -7.10 -2.79 7.28
CA ASN C 147 -7.83 -3.98 7.76
C ASN C 147 -7.96 -3.89 9.28
N TYR C 148 -9.10 -3.40 9.76
CA TYR C 148 -9.46 -3.29 11.19
C TYR C 148 -10.68 -4.15 11.46
N MET C 149 -10.96 -5.15 10.61
CA MET C 149 -12.14 -6.04 10.78
C MET C 149 -12.11 -6.63 12.19
N LEU C 150 -10.95 -7.10 12.68
CA LEU C 150 -10.75 -7.71 14.03
C LEU C 150 -11.07 -6.71 15.17
N SER C 151 -10.91 -5.39 14.99
CA SER C 151 -11.23 -4.38 16.05
C SER C 151 -12.74 -4.35 16.35
N PHE C 152 -13.53 -4.86 15.41
CA PHE C 152 -15.02 -4.83 15.45
C PHE C 152 -15.55 -6.21 15.87
N THR C 153 -15.17 -7.26 15.13
CA THR C 153 -15.64 -8.67 15.35
C THR C 153 -15.26 -9.12 16.79
N GLY C 154 -14.13 -8.64 17.35
CA GLY C 154 -13.69 -8.91 18.73
C GLY C 154 -14.63 -8.35 19.81
N GLN C 155 -15.53 -7.40 19.49
CA GLN C 155 -16.70 -6.94 20.30
C GLN C 155 -17.85 -8.00 20.22
N ARG C 156 -19.12 -7.70 20.61
CA ARG C 156 -20.33 -8.60 20.44
C ARG C 156 -20.40 -9.67 21.55
N ASP C 157 -19.29 -10.33 21.94
CA ASP C 157 -19.13 -11.06 23.24
C ASP C 157 -18.26 -10.25 24.24
N SER C 158 -18.09 -8.93 24.01
CA SER C 158 -17.44 -7.86 24.80
C SER C 158 -18.58 -7.12 25.52
N LYS C 159 -18.50 -7.02 26.84
CA LYS C 159 -19.62 -6.64 27.71
C LYS C 159 -19.21 -5.25 28.19
N GLY C 160 -19.42 -4.25 27.34
CA GLY C 160 -19.25 -2.82 27.69
C GLY C 160 -17.88 -2.23 27.35
N ALA C 161 -16.86 -3.03 27.00
CA ALA C 161 -15.42 -2.67 27.00
C ALA C 161 -15.10 -1.48 26.08
N TYR C 162 -14.16 -0.61 26.48
CA TYR C 162 -13.70 0.56 25.67
C TYR C 162 -13.02 0.09 24.37
N GLU C 163 -12.20 -0.92 24.46
CA GLU C 163 -11.33 -1.35 23.34
C GLU C 163 -10.97 -2.82 23.56
N ILE C 164 -10.72 -3.54 22.47
CA ILE C 164 -10.26 -4.95 22.57
C ILE C 164 -8.74 -4.93 22.72
N LEU C 165 -8.20 -5.96 23.36
CA LEU C 165 -6.76 -6.16 23.62
C LEU C 165 -6.36 -7.50 23.00
N TYR C 166 -5.33 -7.46 22.15
CA TYR C 166 -4.78 -8.63 21.47
C TYR C 166 -3.89 -9.38 22.47
N CYS C 167 -4.33 -10.57 22.88
CA CYS C 167 -3.67 -11.46 23.88
C CYS C 167 -3.46 -12.85 23.25
N PRO C 168 -2.70 -12.95 22.13
CA PRO C 168 -2.41 -14.24 21.51
C PRO C 168 -1.65 -15.18 22.45
N GLU C 169 -2.21 -16.36 22.73
CA GLU C 169 -1.61 -17.42 23.59
C GLU C 169 -1.36 -16.83 25.00
N GLY C 170 -2.25 -15.92 25.47
CA GLY C 170 -2.11 -15.21 26.76
C GLY C 170 -0.95 -14.22 26.84
N GLU C 171 -0.29 -13.88 25.72
CA GLU C 171 0.76 -12.82 25.70
C GLU C 171 0.07 -11.50 25.30
N ILE C 172 0.10 -10.47 26.15
CA ILE C 172 -0.55 -9.17 25.82
C ILE C 172 0.36 -8.47 24.80
N VAL C 173 -0.16 -8.15 23.61
CA VAL C 173 0.64 -7.46 22.55
C VAL C 173 0.24 -5.97 22.51
N GLU C 174 -1.01 -5.66 22.14
CA GLU C 174 -1.44 -4.25 21.98
C GLU C 174 -2.96 -4.16 21.88
N GLY C 175 -3.51 -2.94 21.98
CA GLY C 175 -4.94 -2.66 21.80
C GLY C 175 -5.25 -2.57 20.33
N SER C 176 -6.54 -2.57 19.96
CA SER C 176 -7.01 -2.43 18.56
C SER C 176 -6.59 -1.10 17.96
N HIS C 177 -6.44 -0.04 18.79
CA HIS C 177 -6.09 1.34 18.39
C HIS C 177 -5.03 1.90 19.34
N SER C 178 -4.15 1.10 19.93
CA SER C 178 -3.36 1.53 21.12
C SER C 178 -2.12 0.66 21.38
N THR C 179 -1.05 1.28 21.90
CA THR C 179 0.03 0.56 22.60
C THR C 179 -0.47 0.24 24.01
N PHE C 180 -0.14 -0.95 24.54
CA PHE C 180 -0.47 -1.36 25.93
C PHE C 180 0.78 -1.28 26.81
N PHE C 181 0.64 -0.65 27.98
CA PHE C 181 1.66 -0.57 29.03
C PHE C 181 1.14 -1.21 30.33
N LEU C 182 1.93 -2.10 30.91
CA LEU C 182 1.71 -2.62 32.28
C LEU C 182 2.71 -2.00 33.24
N ILE C 183 2.30 -1.76 34.51
CA ILE C 183 3.13 -1.18 35.59
C ILE C 183 3.22 -2.21 36.73
N LYS C 184 4.44 -2.68 37.02
CA LYS C 184 4.82 -3.64 38.09
C LYS C 184 6.05 -3.10 38.82
N ASN C 185 6.04 -3.04 40.16
CA ASN C 185 6.98 -2.34 41.10
C ASN C 185 7.55 -1.07 40.45
N GLY C 186 6.68 -0.15 40.08
CA GLY C 186 7.08 1.14 39.48
C GLY C 186 7.89 1.04 38.16
N HIS C 187 7.96 -0.11 37.46
CA HIS C 187 8.59 -0.34 36.13
C HIS C 187 7.51 -0.41 35.03
N LEU C 188 7.85 0.02 33.83
CA LEU C 188 6.96 -0.03 32.63
C LEU C 188 7.24 -1.33 31.90
N ILE C 189 6.20 -2.05 31.49
CA ILE C 189 6.32 -3.25 30.61
C ILE C 189 5.46 -3.03 29.36
N THR C 190 6.06 -3.18 28.17
CA THR C 190 5.30 -3.05 26.89
C THR C 190 5.88 -3.98 25.84
N ALA C 191 5.02 -4.54 25.00
CA ALA C 191 5.42 -5.48 23.91
C ALA C 191 6.45 -4.80 23.00
N PRO C 192 7.50 -5.52 22.52
CA PRO C 192 8.50 -4.95 21.63
C PRO C 192 7.88 -4.69 20.25
N THR C 193 8.56 -3.93 19.39
CA THR C 193 8.05 -3.49 18.06
C THR C 193 8.06 -4.64 17.03
N SER C 194 8.69 -5.80 17.34
CA SER C 194 8.60 -7.04 16.56
C SER C 194 7.18 -7.60 16.68
N ARG C 195 6.43 -7.23 17.73
CA ARG C 195 5.05 -7.73 17.98
C ARG C 195 3.97 -6.64 17.86
N ALA C 196 4.24 -5.37 18.15
CA ALA C 196 3.24 -4.26 18.18
C ALA C 196 3.62 -3.16 17.22
N LEU C 197 2.65 -2.33 16.81
CA LEU C 197 2.86 -1.09 16.02
C LEU C 197 3.84 -0.22 16.80
N SER C 198 4.80 0.39 16.10
CA SER C 198 5.85 1.29 16.65
C SER C 198 5.16 2.62 16.92
N GLY C 199 4.33 2.68 17.97
CA GLY C 199 3.50 3.86 18.22
C GLY C 199 4.34 5.13 18.41
N THR C 200 3.81 6.28 17.98
CA THR C 200 4.45 7.60 18.18
C THR C 200 4.34 7.98 19.65
N THR C 201 3.18 7.71 20.26
CA THR C 201 2.92 7.92 21.69
C THR C 201 3.85 6.99 22.47
N ARG C 202 3.94 5.71 22.11
CA ARG C 202 4.87 4.76 22.75
C ARG C 202 6.27 5.32 22.77
N GLN C 203 6.75 5.76 21.62
CA GLN C 203 8.12 6.34 21.46
C GLN C 203 8.25 7.55 22.40
N ILE C 204 7.25 8.42 22.45
CA ILE C 204 7.32 9.61 23.35
C ILE C 204 7.35 9.11 24.80
N VAL C 205 6.55 8.10 25.15
CA VAL C 205 6.50 7.58 26.56
C VAL C 205 7.86 6.96 26.89
N LEU C 206 8.48 6.14 26.02
CA LEU C 206 9.82 5.55 26.28
C LEU C 206 10.83 6.68 26.61
N GLU C 207 10.78 7.78 25.87
CA GLU C 207 11.65 8.95 26.05
C GLU C 207 11.35 9.61 27.42
N LEU C 208 10.09 9.73 27.83
CA LEU C 208 9.72 10.31 29.14
C LEU C 208 10.20 9.37 30.28
N ALA C 209 10.11 8.06 30.10
CA ALA C 209 10.67 7.03 31.02
C ALA C 209 12.18 7.20 31.16
N ARG C 210 12.92 7.45 30.08
CA ARG C 210 14.39 7.69 30.08
C ARG C 210 14.66 8.95 30.91
N ARG C 211 13.95 10.06 30.65
CA ARG C 211 14.07 11.35 31.38
C ARG C 211 13.71 11.14 32.86
N GLY C 212 12.80 10.23 33.18
CA GLY C 212 12.31 9.98 34.56
C GLY C 212 13.07 8.89 35.29
N ASN C 213 14.00 8.20 34.62
CA ASN C 213 14.76 7.04 35.13
C ASN C 213 13.82 5.87 35.49
N ILE C 214 12.72 5.72 34.75
CA ILE C 214 11.81 4.54 34.89
C ILE C 214 12.33 3.47 33.95
N GLN C 215 12.58 2.27 34.52
CA GLN C 215 12.95 1.07 33.77
C GLN C 215 11.78 0.80 32.83
N VAL C 216 12.11 0.43 31.58
CA VAL C 216 11.21 -0.13 30.56
C VAL C 216 11.69 -1.56 30.25
N GLU C 217 10.83 -2.57 30.39
CA GLU C 217 11.05 -3.94 29.82
C GLU C 217 10.28 -4.02 28.51
N GLU C 218 11.00 -4.13 27.38
CA GLU C 218 10.35 -4.39 26.06
C GLU C 218 10.14 -5.91 25.98
N ARG C 219 9.08 -6.41 26.62
CA ARG C 219 8.56 -7.80 26.46
C ARG C 219 7.03 -7.78 26.51
N CYS C 220 6.38 -8.82 26.00
CA CYS C 220 4.90 -9.02 26.16
C CYS C 220 4.57 -9.26 27.63
N PRO C 221 3.78 -8.39 28.30
CA PRO C 221 3.20 -8.75 29.59
C PRO C 221 2.21 -9.89 29.41
N LEU C 222 2.00 -10.70 30.43
CA LEU C 222 1.13 -11.90 30.31
C LEU C 222 -0.16 -11.62 31.05
N LEU C 223 -1.28 -12.20 30.60
CA LEU C 223 -2.55 -12.19 31.35
C LEU C 223 -2.32 -12.70 32.77
N THR C 224 -1.45 -13.70 32.97
CA THR C 224 -1.20 -14.32 34.31
C THR C 224 -0.39 -13.38 35.24
N GLU C 225 0.20 -12.28 34.76
CA GLU C 225 0.92 -11.29 35.62
C GLU C 225 -0.04 -10.19 36.10
N LEU C 226 -1.27 -10.12 35.60
CA LEU C 226 -2.19 -9.00 35.88
C LEU C 226 -2.51 -8.96 37.38
N PRO C 227 -2.75 -10.09 38.09
CA PRO C 227 -2.91 -10.05 39.55
C PRO C 227 -1.76 -9.35 40.31
N GLU C 228 -0.52 -9.37 39.80
CA GLU C 228 0.67 -8.78 40.48
C GLU C 228 0.86 -7.33 40.02
N ALA C 229 0.21 -6.90 38.92
CA ALA C 229 0.40 -5.52 38.38
C ALA C 229 -0.31 -4.50 39.28
N GLU C 230 0.26 -3.28 39.37
CA GLU C 230 -0.29 -2.12 40.10
C GLU C 230 -1.21 -1.33 39.16
N GLU C 231 -0.76 -1.09 37.92
CA GLU C 231 -1.44 -0.14 37.01
C GLU C 231 -1.32 -0.68 35.59
N ALA C 232 -2.05 -0.04 34.70
CA ALA C 232 -1.97 -0.32 33.26
C ALA C 232 -2.55 0.87 32.54
N PHE C 233 -2.10 1.10 31.30
CA PHE C 233 -2.66 2.15 30.44
C PHE C 233 -2.38 1.81 28.98
N ILE C 234 -3.17 2.42 28.10
CA ILE C 234 -3.06 2.33 26.63
C ILE C 234 -2.74 3.71 26.09
N THR C 235 -2.02 3.80 24.99
CA THR C 235 -1.57 5.06 24.38
C THR C 235 -1.89 5.11 22.89
N GLY C 236 -2.27 6.29 22.45
CA GLY C 236 -2.32 6.69 21.04
C GLY C 236 -2.40 8.17 20.92
N THR C 237 -2.28 8.68 19.70
CA THR C 237 -2.09 10.10 19.44
C THR C 237 -3.36 10.85 19.86
N VAL C 238 -4.56 10.22 19.73
CA VAL C 238 -5.81 10.92 20.17
C VAL C 238 -5.98 10.73 21.68
N LYS C 239 -5.97 9.52 22.17
CA LYS C 239 -6.30 9.21 23.61
C LYS C 239 -5.15 9.63 24.56
N GLU C 240 -3.94 9.83 24.08
CA GLU C 240 -2.78 10.27 24.93
C GLU C 240 -2.43 9.07 25.80
N LEU C 241 -2.41 9.20 27.14
CA LEU C 241 -2.26 8.06 28.06
C LEU C 241 -3.60 7.84 28.75
N LEU C 242 -4.23 6.68 28.57
CA LEU C 242 -5.60 6.41 29.08
C LEU C 242 -5.52 5.25 30.05
N PRO C 243 -5.84 5.46 31.36
CA PRO C 243 -5.75 4.40 32.34
C PRO C 243 -6.68 3.22 32.00
N VAL C 244 -6.18 2.01 32.26
CA VAL C 244 -6.88 0.72 32.11
C VAL C 244 -6.97 0.13 33.51
N VAL C 245 -8.16 0.06 34.07
CA VAL C 245 -8.43 -0.47 35.44
C VAL C 245 -8.97 -1.91 35.44
N ARG C 246 -9.34 -2.47 34.29
CA ARG C 246 -9.87 -3.85 34.20
C ARG C 246 -9.56 -4.45 32.85
N ILE C 247 -9.12 -5.70 32.85
CA ILE C 247 -8.92 -6.48 31.59
C ILE C 247 -9.70 -7.77 31.74
N GLY C 248 -10.78 -7.93 31.01
CA GLY C 248 -11.69 -9.09 31.10
C GLY C 248 -12.29 -9.16 32.50
N ASP C 249 -12.07 -10.27 33.18
CA ASP C 249 -12.52 -10.60 34.56
C ASP C 249 -11.52 -10.09 35.61
N GLN C 250 -10.41 -9.45 35.21
CA GLN C 250 -9.30 -9.13 36.13
C GLN C 250 -9.27 -7.62 36.41
N ILE C 251 -9.52 -7.22 37.64
CA ILE C 251 -9.33 -5.82 38.11
C ILE C 251 -7.83 -5.58 38.24
N ILE C 252 -7.32 -4.43 37.80
CA ILE C 252 -5.90 -4.02 37.88
C ILE C 252 -5.69 -3.28 39.20
N GLY C 253 -4.84 -3.79 40.11
CA GLY C 253 -4.52 -3.26 41.45
C GLY C 253 -5.74 -2.71 42.16
N ASN C 254 -5.76 -1.40 42.45
CA ASN C 254 -6.86 -0.72 43.18
C ASN C 254 -8.09 -0.44 42.32
N GLY C 255 -8.05 -0.69 40.99
CA GLY C 255 -9.25 -0.50 40.12
C GLY C 255 -9.56 1.00 39.87
N VAL C 256 -8.65 1.92 40.19
CA VAL C 256 -8.66 3.34 39.81
C VAL C 256 -7.31 3.64 39.17
N PRO C 257 -7.19 4.73 38.36
CA PRO C 257 -5.92 5.04 37.72
C PRO C 257 -4.84 5.21 38.79
N GLY C 258 -3.63 4.75 38.49
CA GLY C 258 -2.49 4.75 39.44
C GLY C 258 -1.67 6.00 39.29
N LYS C 259 -0.76 6.20 40.25
CA LYS C 259 0.05 7.44 40.37
C LYS C 259 1.06 7.51 39.23
N LEU C 260 1.72 6.42 38.84
CA LEU C 260 2.76 6.49 37.76
C LEU C 260 2.09 6.77 36.40
N THR C 261 0.87 6.27 36.16
CA THR C 261 0.10 6.56 34.94
C THR C 261 -0.20 8.06 34.92
N LYS C 262 -0.80 8.59 36.01
CA LYS C 262 -1.19 10.03 36.10
C LYS C 262 0.06 10.90 35.96
N HIS C 263 1.16 10.49 36.59
CA HIS C 263 2.42 11.25 36.52
C HIS C 263 2.88 11.35 35.04
N LEU C 264 2.91 10.22 34.32
CA LEU C 264 3.41 10.18 32.92
C LEU C 264 2.50 10.97 31.98
N HIS C 265 1.21 10.95 32.25
CA HIS C 265 0.21 11.71 31.46
C HIS C 265 0.47 13.22 31.64
N GLN C 266 0.63 13.69 32.88
CA GLN C 266 0.96 15.10 33.22
C GLN C 266 2.29 15.46 32.53
N VAL C 267 3.32 14.62 32.59
CA VAL C 267 4.61 14.88 31.86
C VAL C 267 4.36 14.93 30.34
N TYR C 268 3.57 13.99 29.80
CA TYR C 268 3.29 13.94 28.33
C TYR C 268 2.67 15.30 27.94
N LEU C 269 1.65 15.78 28.64
CA LEU C 269 0.93 17.04 28.27
C LEU C 269 1.85 18.29 28.40
N SER C 270 2.71 18.34 29.44
CA SER C 270 3.66 19.44 29.74
C SER C 270 4.75 19.50 28.69
N SER C 271 5.09 18.36 28.07
CA SER C 271 6.28 18.17 27.23
C SER C 271 5.94 18.23 25.75
N ILE C 272 4.66 18.30 25.39
CA ILE C 272 4.20 17.85 24.04
C ILE C 272 4.74 18.80 22.96
N VAL C 273 5.00 20.09 23.31
CA VAL C 273 5.30 21.15 22.28
C VAL C 273 6.56 20.77 21.49
N GLU C 274 7.49 20.03 22.10
CA GLU C 274 8.69 19.45 21.45
C GLU C 274 8.37 18.67 20.16
N TRP C 275 7.24 17.95 20.09
CA TRP C 275 7.00 17.01 18.96
C TRP C 275 5.93 17.59 18.02
N LEU C 276 5.46 18.83 18.27
CA LEU C 276 4.50 19.45 17.35
C LEU C 276 5.27 20.02 16.16
N GLU C 277 4.63 20.02 14.97
CA GLU C 277 5.09 20.67 13.72
C GLU C 277 3.98 21.59 13.16
N GLY D 1 -18.30 -11.63 -25.57
CA GLY D 1 -17.62 -10.63 -24.61
C GLY D 1 -18.56 -9.52 -24.15
N HIS D 2 -18.22 -8.80 -23.11
CA HIS D 2 -18.98 -7.60 -22.68
C HIS D 2 -18.05 -6.74 -21.83
N MET D 3 -18.28 -5.44 -21.79
CA MET D 3 -17.53 -4.56 -20.88
C MET D 3 -17.78 -5.11 -19.48
N ASN D 4 -16.86 -4.87 -18.55
CA ASN D 4 -17.12 -5.14 -17.12
C ASN D 4 -18.34 -4.32 -16.62
N LEU D 5 -19.21 -4.89 -15.81
CA LEU D 5 -20.43 -4.25 -15.25
C LEU D 5 -20.29 -4.28 -13.74
N CYS D 6 -20.90 -3.28 -13.11
CA CYS D 6 -21.06 -3.17 -11.65
C CYS D 6 -22.49 -2.75 -11.38
N TYR D 7 -23.25 -3.64 -10.75
CA TYR D 7 -24.56 -3.32 -10.17
C TYR D 7 -24.35 -2.61 -8.83
N ILE D 8 -24.92 -1.41 -8.69
CA ILE D 8 -24.81 -0.55 -7.49
C ILE D 8 -25.98 0.45 -7.50
N ASP D 9 -26.65 0.65 -6.36
CA ASP D 9 -27.82 1.57 -6.24
C ASP D 9 -28.90 1.30 -7.29
N GLY D 10 -29.24 0.03 -7.51
CA GLY D 10 -30.34 -0.36 -8.41
C GLY D 10 -30.01 -0.32 -9.90
N LYS D 11 -28.82 0.08 -10.35
CA LYS D 11 -28.50 0.19 -11.81
C LYS D 11 -27.25 -0.66 -12.13
N PHE D 12 -27.21 -1.26 -13.32
CA PHE D 12 -25.98 -1.87 -13.91
C PHE D 12 -25.18 -0.77 -14.60
N LEU D 13 -24.04 -0.37 -14.04
CA LEU D 13 -23.14 0.66 -14.63
C LEU D 13 -22.00 -0.06 -15.30
N PRO D 14 -21.30 0.53 -16.29
CA PRO D 14 -19.95 0.10 -16.61
C PRO D 14 -19.08 0.15 -15.32
N LEU D 15 -18.26 -0.88 -15.05
CA LEU D 15 -17.50 -1.03 -13.79
C LEU D 15 -16.66 0.23 -13.51
N GLU D 16 -16.07 0.80 -14.55
CA GLU D 16 -15.18 1.96 -14.53
C GLU D 16 -15.91 3.21 -13.96
N GLU D 17 -17.23 3.29 -14.03
CA GLU D 17 -18.05 4.42 -13.51
C GLU D 17 -18.66 4.12 -12.14
N ALA D 18 -18.58 2.90 -11.59
CA ALA D 18 -19.13 2.62 -10.24
C ALA D 18 -18.20 3.23 -9.20
N LYS D 19 -18.81 3.91 -8.23
CA LYS D 19 -18.09 4.63 -7.16
C LYS D 19 -18.69 4.29 -5.81
N LEU D 20 -17.90 4.49 -4.75
CA LEU D 20 -18.34 4.21 -3.35
C LEU D 20 -17.93 5.38 -2.50
N PRO D 21 -18.79 5.86 -1.57
CA PRO D 21 -18.39 6.95 -0.67
C PRO D 21 -17.20 6.53 0.21
N VAL D 22 -16.26 7.42 0.50
CA VAL D 22 -15.11 7.13 1.39
C VAL D 22 -15.60 7.06 2.83
N THR D 23 -16.84 7.46 3.14
CA THR D 23 -17.43 7.27 4.49
C THR D 23 -17.56 5.78 4.79
N ASP D 24 -17.74 4.96 3.73
CA ASP D 24 -17.99 3.52 3.90
C ASP D 24 -16.80 2.87 4.62
N LEU D 25 -17.09 2.09 5.66
CA LEU D 25 -16.05 1.44 6.50
C LEU D 25 -15.34 0.30 5.77
N ILE D 26 -15.80 -0.09 4.57
CA ILE D 26 -14.99 -1.02 3.72
C ILE D 26 -13.71 -0.30 3.36
N ILE D 27 -13.78 0.98 3.06
CA ILE D 27 -12.59 1.77 2.65
C ILE D 27 -11.78 2.07 3.91
N GLN D 28 -12.39 2.69 4.94
CA GLN D 28 -11.63 3.24 6.09
C GLN D 28 -11.07 2.10 6.95
N ARG D 29 -11.77 0.96 7.08
CA ARG D 29 -11.44 -0.08 8.11
C ARG D 29 -11.50 -1.52 7.56
N GLY D 30 -11.58 -1.73 6.25
CA GLY D 30 -11.62 -3.10 5.67
C GLY D 30 -12.88 -3.89 6.00
N VAL D 31 -13.99 -3.25 6.37
CA VAL D 31 -15.22 -3.98 6.72
C VAL D 31 -16.00 -4.26 5.44
N GLY D 32 -15.80 -5.48 4.93
CA GLY D 32 -16.54 -5.93 3.74
C GLY D 32 -16.34 -7.41 3.55
N VAL D 33 -17.30 -8.03 2.90
CA VAL D 33 -17.25 -9.48 2.57
C VAL D 33 -17.69 -9.61 1.13
N PHE D 34 -17.25 -10.71 0.49
CA PHE D 34 -17.61 -10.98 -0.90
C PHE D 34 -17.60 -12.48 -1.17
N GLU D 35 -18.16 -12.84 -2.32
CA GLU D 35 -18.06 -14.16 -2.91
C GLU D 35 -17.64 -14.08 -4.36
N THR D 36 -17.04 -15.16 -4.86
CA THR D 36 -16.75 -15.35 -6.30
C THR D 36 -17.66 -16.47 -6.79
N ILE D 37 -18.49 -16.16 -7.79
CA ILE D 37 -19.44 -17.09 -8.44
C ILE D 37 -19.06 -17.16 -9.92
N SER D 38 -19.02 -18.36 -10.47
CA SER D 38 -18.61 -18.57 -11.88
C SER D 38 -19.74 -19.35 -12.56
N THR D 39 -19.76 -19.28 -13.90
CA THR D 39 -20.81 -19.93 -14.72
C THR D 39 -20.19 -21.12 -15.48
N HIS D 40 -20.99 -22.17 -15.69
CA HIS D 40 -20.89 -23.15 -16.80
C HIS D 40 -22.19 -23.00 -17.62
N SER D 41 -22.07 -22.83 -18.94
CA SER D 41 -23.20 -22.69 -19.88
C SER D 41 -24.13 -21.55 -19.44
N ARG D 42 -23.56 -20.43 -18.93
CA ARG D 42 -24.31 -19.18 -18.60
C ARG D 42 -25.23 -19.42 -17.39
N ARG D 43 -25.00 -20.49 -16.63
CA ARG D 43 -25.76 -20.82 -15.40
C ARG D 43 -24.79 -20.70 -14.22
N PRO D 44 -25.16 -19.96 -13.15
CA PRO D 44 -24.27 -19.83 -12.02
C PRO D 44 -24.10 -21.16 -11.29
N LEU D 45 -22.86 -21.46 -10.91
CA LEU D 45 -22.52 -22.71 -10.19
C LEU D 45 -22.59 -22.43 -8.70
N MET D 46 -23.32 -23.30 -7.98
CA MET D 46 -23.46 -23.26 -6.50
C MET D 46 -23.96 -21.88 -6.06
N LEU D 47 -24.94 -21.30 -6.77
CA LEU D 47 -25.38 -19.91 -6.46
C LEU D 47 -25.84 -19.84 -4.99
N THR D 48 -26.76 -20.71 -4.59
CA THR D 48 -27.36 -20.66 -3.23
C THR D 48 -26.27 -20.90 -2.21
N PRO D 49 -25.46 -21.98 -2.32
CA PRO D 49 -24.34 -22.18 -1.38
C PRO D 49 -23.43 -20.93 -1.28
N HIS D 50 -23.18 -20.23 -2.39
CA HIS D 50 -22.38 -18.98 -2.42
C HIS D 50 -23.14 -17.89 -1.67
N LEU D 51 -24.44 -17.72 -1.91
CA LEU D 51 -25.17 -16.64 -1.22
C LEU D 51 -25.28 -16.92 0.27
N LYS D 52 -25.32 -18.18 0.68
CA LYS D 52 -25.39 -18.59 2.10
C LYS D 52 -24.03 -18.33 2.76
N ARG D 53 -22.93 -18.54 2.02
CA ARG D 53 -21.57 -18.30 2.56
C ARG D 53 -21.36 -16.78 2.67
N LEU D 54 -21.89 -16.00 1.72
CA LEU D 54 -21.85 -14.51 1.75
C LEU D 54 -22.56 -14.04 3.00
N GLU D 55 -23.79 -14.53 3.26
CA GLU D 55 -24.53 -14.18 4.49
C GLU D 55 -23.77 -14.61 5.74
N GLY D 56 -23.16 -15.79 5.76
CA GLY D 56 -22.37 -16.29 6.90
C GLY D 56 -21.15 -15.43 7.15
N SER D 57 -20.46 -14.98 6.08
CA SER D 57 -19.35 -13.98 6.14
C SER D 57 -19.89 -12.68 6.73
N ALA D 58 -21.05 -12.21 6.28
CA ALA D 58 -21.63 -10.95 6.77
C ALA D 58 -21.96 -11.08 8.26
N THR D 59 -22.66 -12.14 8.60
CA THR D 59 -23.13 -12.39 9.98
C THR D 59 -21.90 -12.48 10.90
N ALA D 60 -20.84 -13.19 10.49
CA ALA D 60 -19.62 -13.40 11.27
C ALA D 60 -18.85 -12.06 11.46
N SER D 61 -19.01 -11.07 10.59
CA SER D 61 -18.41 -9.71 10.64
C SER D 61 -19.37 -8.69 11.27
N SER D 62 -20.49 -9.13 11.84
CA SER D 62 -21.50 -8.27 12.50
C SER D 62 -22.16 -7.32 11.49
N ILE D 63 -22.29 -7.74 10.24
CA ILE D 63 -22.92 -6.93 9.15
C ILE D 63 -24.33 -7.44 8.90
N VAL D 64 -25.34 -6.57 9.02
CA VAL D 64 -26.75 -6.91 8.69
C VAL D 64 -26.82 -6.83 7.16
N MET D 65 -27.30 -7.90 6.55
CA MET D 65 -27.53 -8.00 5.09
C MET D 65 -28.36 -6.81 4.63
N PRO D 66 -27.88 -6.04 3.62
CA PRO D 66 -28.67 -4.93 3.06
C PRO D 66 -29.70 -5.38 2.00
N ALA D 67 -29.72 -6.65 1.57
CA ALA D 67 -30.73 -7.21 0.66
C ALA D 67 -30.92 -8.69 0.97
N THR D 68 -32.03 -9.28 0.56
CA THR D 68 -32.35 -10.70 0.77
C THR D 68 -31.49 -11.54 -0.18
N LEU D 69 -31.30 -12.82 0.12
CA LEU D 69 -30.59 -13.77 -0.77
C LEU D 69 -31.33 -13.87 -2.11
N ASP D 70 -32.67 -13.86 -2.08
CA ASP D 70 -33.50 -13.89 -3.31
C ASP D 70 -33.23 -12.63 -4.16
N GLU D 71 -33.06 -11.43 -3.57
CA GLU D 71 -32.83 -10.19 -4.38
C GLU D 71 -31.41 -10.29 -4.99
N MET D 72 -30.42 -10.74 -4.24
CA MET D 72 -29.03 -10.91 -4.71
C MET D 72 -29.03 -11.87 -5.90
N ALA D 73 -29.71 -13.01 -5.77
CA ALA D 73 -29.88 -14.06 -6.82
C ALA D 73 -30.47 -13.44 -8.09
N ARG D 74 -31.54 -12.66 -7.97
CA ARG D 74 -32.21 -12.02 -9.14
C ARG D 74 -31.22 -11.07 -9.84
N ILE D 75 -30.48 -10.25 -9.09
CA ILE D 75 -29.49 -9.29 -9.66
C ILE D 75 -28.38 -10.08 -10.38
N ILE D 76 -27.86 -11.12 -9.72
CA ILE D 76 -26.78 -11.98 -10.29
C ILE D 76 -27.23 -12.53 -11.62
N ARG D 77 -28.45 -13.12 -11.68
CA ARG D 77 -29.01 -13.73 -12.92
C ARG D 77 -29.14 -12.68 -14.01
N GLU D 78 -29.68 -11.50 -13.68
CA GLU D 78 -29.91 -10.42 -14.69
C GLU D 78 -28.54 -9.99 -15.24
N GLY D 79 -27.51 -9.84 -14.40
CA GLY D 79 -26.20 -9.39 -14.91
C GLY D 79 -25.54 -10.44 -15.80
N ILE D 80 -25.66 -11.70 -15.46
CA ILE D 80 -25.18 -12.83 -16.32
C ILE D 80 -25.86 -12.73 -17.71
N LYS D 81 -27.17 -12.51 -17.75
CA LYS D 81 -27.94 -12.37 -19.00
C LYS D 81 -27.40 -11.15 -19.79
N LYS D 82 -27.14 -10.00 -19.15
CA LYS D 82 -26.61 -8.81 -19.88
C LYS D 82 -25.20 -9.07 -20.41
N MET D 83 -24.39 -9.86 -19.71
CA MET D 83 -22.98 -10.16 -20.16
C MET D 83 -23.03 -11.03 -21.41
N GLY D 84 -23.96 -11.98 -21.47
CA GLY D 84 -24.23 -12.83 -22.66
C GLY D 84 -23.09 -13.81 -22.94
N CYS D 85 -22.32 -14.14 -21.91
CA CYS D 85 -21.06 -14.93 -22.01
C CYS D 85 -20.84 -15.62 -20.68
N GLU D 86 -19.82 -16.48 -20.63
CA GLU D 86 -19.41 -17.12 -19.35
C GLU D 86 -18.83 -16.00 -18.46
N THR D 87 -19.30 -15.92 -17.20
CA THR D 87 -19.19 -14.73 -16.31
C THR D 87 -18.61 -15.12 -14.96
N MET D 88 -17.71 -14.32 -14.43
CA MET D 88 -17.26 -14.29 -13.01
C MET D 88 -18.03 -13.14 -12.34
N VAL D 89 -18.73 -13.45 -11.24
CA VAL D 89 -19.65 -12.53 -10.54
C VAL D 89 -19.12 -12.39 -9.13
N ARG D 90 -18.98 -11.15 -8.66
CA ARG D 90 -18.51 -10.88 -7.29
C ARG D 90 -19.50 -9.94 -6.60
N PRO D 91 -20.44 -10.44 -5.78
CA PRO D 91 -21.20 -9.59 -4.88
C PRO D 91 -20.34 -9.20 -3.66
N TYR D 92 -20.35 -7.91 -3.33
CA TYR D 92 -19.63 -7.29 -2.20
C TYR D 92 -20.68 -6.72 -1.22
N ILE D 93 -20.51 -7.00 0.07
CA ILE D 93 -21.35 -6.41 1.16
C ILE D 93 -20.38 -5.55 1.96
N THR D 94 -20.63 -4.26 2.06
CA THR D 94 -19.74 -3.32 2.79
C THR D 94 -20.29 -3.13 4.21
N GLY D 95 -19.48 -2.60 5.12
CA GLY D 95 -20.00 -2.26 6.45
C GLY D 95 -20.90 -1.03 6.44
N GLY D 96 -20.75 -0.11 5.48
CA GLY D 96 -21.51 1.16 5.46
C GLY D 96 -20.87 2.19 6.40
N ASP D 97 -21.63 3.21 6.76
CA ASP D 97 -21.07 4.43 7.38
C ASP D 97 -20.89 4.30 8.90
N SER D 98 -21.55 3.37 9.58
CA SER D 98 -21.47 3.27 11.05
C SER D 98 -21.48 1.82 11.59
N PHE D 99 -20.72 1.65 12.66
CA PHE D 99 -20.86 0.57 13.66
C PHE D 99 -21.75 1.12 14.78
N GLY D 100 -23.01 0.70 14.84
CA GLY D 100 -24.02 1.15 15.81
C GLY D 100 -23.63 0.83 17.27
N LYS D 101 -24.31 1.52 18.21
CA LYS D 101 -24.43 1.19 19.66
C LYS D 101 -24.54 -0.32 19.89
N ASP D 102 -25.33 -1.00 19.06
CA ASP D 102 -25.69 -2.44 19.13
C ASP D 102 -24.59 -3.37 18.61
N HIS D 103 -23.37 -2.90 18.33
CA HIS D 103 -22.20 -3.70 17.84
C HIS D 103 -22.55 -4.43 16.51
N LEU D 104 -23.34 -3.74 15.66
CA LEU D 104 -23.77 -4.20 14.30
C LEU D 104 -23.55 -3.08 13.27
N PHE D 105 -23.20 -3.45 12.04
CA PHE D 105 -23.18 -2.55 10.87
C PHE D 105 -24.57 -2.61 10.24
N SER D 106 -25.35 -1.55 10.43
CA SER D 106 -26.80 -1.53 10.10
C SER D 106 -27.08 -0.90 8.74
N SER D 107 -26.14 -0.11 8.20
CA SER D 107 -26.38 0.71 6.97
C SER D 107 -25.47 0.24 5.81
N SER D 108 -25.24 -1.06 5.76
CA SER D 108 -24.43 -1.77 4.75
C SER D 108 -24.82 -1.33 3.33
N ARG D 109 -23.85 -1.15 2.45
CA ARG D 109 -24.04 -1.05 0.98
C ARG D 109 -23.68 -2.37 0.33
N TYR D 110 -24.08 -2.53 -0.92
CA TYR D 110 -23.81 -3.76 -1.71
C TYR D 110 -23.65 -3.40 -3.17
N PHE D 111 -22.80 -4.18 -3.84
CA PHE D 111 -22.53 -4.02 -5.28
C PHE D 111 -22.01 -5.35 -5.82
N VAL D 112 -22.24 -5.53 -7.12
CA VAL D 112 -21.99 -6.82 -7.84
C VAL D 112 -21.20 -6.50 -9.08
N ILE D 113 -19.97 -6.97 -9.14
CA ILE D 113 -19.08 -6.85 -10.32
C ILE D 113 -19.30 -8.10 -11.19
N PHE D 114 -19.51 -7.87 -12.49
CA PHE D 114 -19.62 -8.87 -13.55
C PHE D 114 -18.45 -8.68 -14.51
N ALA D 115 -17.61 -9.72 -14.68
CA ALA D 115 -16.56 -9.77 -15.73
C ALA D 115 -16.70 -11.08 -16.52
N GLU D 116 -16.18 -11.11 -17.73
CA GLU D 116 -15.93 -12.35 -18.51
C GLU D 116 -15.03 -13.26 -17.68
N ILE D 117 -15.36 -14.56 -17.62
CA ILE D 117 -14.54 -15.59 -16.93
C ILE D 117 -13.13 -15.62 -17.58
N ARG D 118 -12.08 -15.70 -16.78
CA ARG D 118 -10.65 -15.77 -17.21
C ARG D 118 -10.16 -17.11 -16.64
N LYS D 119 -10.48 -18.19 -17.31
CA LYS D 119 -10.11 -19.59 -16.96
C LYS D 119 -8.63 -19.80 -17.20
N PRO D 120 -7.91 -20.60 -16.38
CA PRO D 120 -6.50 -20.87 -16.68
C PRO D 120 -6.37 -21.49 -18.08
N ASP D 121 -5.32 -21.12 -18.81
CA ASP D 121 -5.11 -21.64 -20.21
C ASP D 121 -4.94 -23.15 -20.15
N PRO D 122 -5.39 -23.91 -21.17
CA PRO D 122 -5.24 -25.39 -21.13
C PRO D 122 -3.84 -25.88 -20.74
N ILE D 123 -2.78 -25.16 -21.14
CA ILE D 123 -1.36 -25.51 -20.85
C ILE D 123 -1.10 -25.64 -19.34
N LEU D 124 -1.78 -24.86 -18.50
CA LEU D 124 -1.55 -24.90 -17.04
C LEU D 124 -2.12 -26.19 -16.46
N TYR D 125 -3.20 -26.72 -17.02
CA TYR D 125 -3.75 -28.04 -16.59
C TYR D 125 -2.85 -29.19 -17.07
N GLU D 126 -2.26 -29.06 -18.24
CA GLU D 126 -1.44 -30.12 -18.89
C GLU D 126 -0.06 -30.21 -18.20
N LYS D 127 0.64 -29.08 -17.94
CA LYS D 127 1.97 -29.05 -17.28
C LYS D 127 1.80 -28.91 -15.74
N GLY D 128 0.68 -28.36 -15.25
CA GLY D 128 0.51 -28.09 -13.81
C GLY D 128 1.27 -26.80 -13.39
N VAL D 129 1.11 -26.35 -12.16
CA VAL D 129 1.66 -25.04 -11.71
C VAL D 129 2.58 -25.19 -10.49
N ALA D 130 3.36 -24.13 -10.22
CA ALA D 130 4.17 -23.92 -9.00
C ALA D 130 3.43 -22.97 -8.05
N LEU D 131 3.51 -23.29 -6.75
CA LEU D 131 3.02 -22.45 -5.64
C LEU D 131 4.22 -22.00 -4.80
N HIS D 132 4.17 -20.80 -4.28
CA HIS D 132 5.18 -20.16 -3.41
C HIS D 132 4.68 -20.22 -1.99
N PRO D 133 5.30 -21.01 -1.09
CA PRO D 133 4.88 -21.09 0.31
C PRO D 133 5.37 -19.86 1.06
N ILE D 134 4.55 -19.34 1.97
CA ILE D 134 4.94 -18.26 2.93
C ILE D 134 4.49 -18.65 4.35
N ASN D 135 5.21 -18.12 5.34
CA ASN D 135 5.02 -18.44 6.78
C ASN D 135 3.98 -17.47 7.35
N ALA D 136 2.70 -17.69 7.02
CA ALA D 136 1.59 -16.75 7.32
C ALA D 136 0.27 -17.39 6.94
N GLU D 137 -0.82 -16.86 7.49
CA GLU D 137 -2.20 -17.37 7.36
C GLU D 137 -3.17 -16.19 7.29
N ARG D 138 -4.44 -16.48 6.94
CA ARG D 138 -5.56 -15.50 6.84
C ARG D 138 -6.15 -15.20 8.24
N TYR D 139 -6.42 -13.92 8.53
CA TYR D 139 -7.26 -13.47 9.70
C TYR D 139 -8.69 -14.05 9.56
N LEU D 140 -9.31 -14.64 10.59
CA LEU D 140 -10.73 -15.05 10.62
C LEU D 140 -11.03 -15.97 9.42
N PRO D 141 -10.25 -17.07 9.26
CA PRO D 141 -10.16 -17.78 7.98
C PRO D 141 -11.46 -18.37 7.42
N SER D 142 -12.43 -18.69 8.27
CA SER D 142 -13.77 -19.22 7.88
C SER D 142 -14.59 -18.13 7.16
N THR D 143 -14.30 -16.83 7.37
CA THR D 143 -15.02 -15.67 6.73
C THR D 143 -14.29 -15.23 5.44
N LYS D 144 -15.00 -15.05 4.29
CA LYS D 144 -14.40 -14.38 3.11
C LYS D 144 -14.55 -12.85 3.21
N SER D 145 -13.63 -12.22 3.93
CA SER D 145 -13.60 -10.73 3.99
C SER D 145 -12.89 -10.25 2.71
N ILE D 146 -12.92 -8.93 2.47
CA ILE D 146 -12.10 -8.27 1.39
C ILE D 146 -10.58 -8.30 1.66
N ASN D 147 -10.07 -8.75 2.80
CA ASN D 147 -8.62 -8.54 3.10
C ASN D 147 -7.80 -9.58 2.32
N TYR D 148 -7.27 -9.23 1.15
CA TYR D 148 -6.34 -10.07 0.37
C TYR D 148 -4.97 -9.39 0.25
N MET D 149 -4.59 -8.56 1.21
CA MET D 149 -3.29 -7.83 1.18
C MET D 149 -2.14 -8.82 1.03
N LEU D 150 -2.19 -9.92 1.77
CA LEU D 150 -1.17 -11.01 1.80
C LEU D 150 -1.10 -11.75 0.46
N SER D 151 -2.14 -11.77 -0.35
CA SER D 151 -2.14 -12.45 -1.68
C SER D 151 -1.20 -11.72 -2.66
N PHE D 152 -0.86 -10.48 -2.32
CA PHE D 152 -0.07 -9.55 -3.18
C PHE D 152 1.35 -9.48 -2.61
N THR D 153 1.47 -9.07 -1.35
CA THR D 153 2.78 -8.91 -0.65
C THR D 153 3.58 -10.23 -0.64
N GLY D 154 2.90 -11.41 -0.56
CA GLY D 154 3.57 -12.73 -0.59
C GLY D 154 4.23 -13.07 -1.93
N GLN D 155 3.83 -12.39 -3.02
CA GLN D 155 4.50 -12.40 -4.34
C GLN D 155 5.72 -11.46 -4.37
N ARG D 156 6.39 -11.09 -3.25
CA ARG D 156 7.61 -10.19 -3.30
CA ARG D 156 7.60 -10.21 -3.30
C ARG D 156 8.80 -10.98 -3.90
N ASP D 157 9.08 -12.21 -3.39
CA ASP D 157 10.16 -13.13 -3.88
C ASP D 157 9.53 -14.39 -4.48
N SER D 158 8.32 -14.31 -5.07
CA SER D 158 7.60 -15.43 -5.73
C SER D 158 8.14 -15.50 -7.16
N LYS D 159 8.92 -16.55 -7.45
CA LYS D 159 9.90 -16.56 -8.58
C LYS D 159 9.21 -17.18 -9.80
N GLY D 160 8.08 -16.59 -10.23
CA GLY D 160 7.21 -17.06 -11.32
C GLY D 160 6.06 -17.95 -10.87
N ALA D 161 5.75 -18.03 -9.56
CA ALA D 161 4.71 -18.92 -9.01
C ALA D 161 3.30 -18.47 -9.41
N TYR D 162 2.40 -19.41 -9.68
CA TYR D 162 0.99 -19.18 -10.08
C TYR D 162 0.22 -18.57 -8.90
N GLU D 163 0.47 -19.07 -7.69
CA GLU D 163 -0.28 -18.59 -6.51
C GLU D 163 0.60 -18.78 -5.29
N ILE D 164 0.34 -17.98 -4.25
CA ILE D 164 1.03 -18.20 -2.96
C ILE D 164 0.21 -19.22 -2.17
N LEU D 165 0.90 -19.94 -1.30
CA LEU D 165 0.39 -21.00 -0.42
C LEU D 165 0.70 -20.60 1.02
N TYR D 166 -0.34 -20.53 1.82
CA TYR D 166 -0.24 -20.18 3.26
C TYR D 166 0.25 -21.43 4.01
N CYS D 167 1.48 -21.37 4.51
CA CYS D 167 2.21 -22.45 5.24
C CYS D 167 2.68 -21.96 6.60
N PRO D 168 1.76 -21.53 7.50
CA PRO D 168 2.15 -21.03 8.83
C PRO D 168 2.80 -22.16 9.65
N GLU D 169 4.02 -21.93 10.10
CA GLU D 169 4.85 -22.85 10.94
C GLU D 169 5.01 -24.18 10.19
N GLY D 170 5.11 -24.17 8.86
CA GLY D 170 5.23 -25.37 8.02
C GLY D 170 3.94 -26.22 7.93
N GLU D 171 2.77 -25.72 8.38
CA GLU D 171 1.47 -26.42 8.12
C GLU D 171 0.87 -25.82 6.85
N ILE D 172 0.58 -26.61 5.81
CA ILE D 172 -0.09 -26.10 4.57
C ILE D 172 -1.55 -25.92 4.93
N VAL D 173 -2.10 -24.71 4.77
CA VAL D 173 -3.52 -24.38 5.10
C VAL D 173 -4.29 -24.26 3.79
N GLU D 174 -3.98 -23.27 2.96
CA GLU D 174 -4.73 -23.04 1.68
C GLU D 174 -3.97 -22.07 0.79
N GLY D 175 -4.38 -21.93 -0.46
CA GLY D 175 -3.84 -20.96 -1.43
C GLY D 175 -4.51 -19.62 -1.18
N SER D 176 -3.97 -18.57 -1.79
CA SER D 176 -4.50 -17.18 -1.66
C SER D 176 -5.89 -17.07 -2.28
N HIS D 177 -6.21 -17.90 -3.28
CA HIS D 177 -7.50 -17.94 -4.02
C HIS D 177 -7.96 -19.39 -4.19
N SER D 178 -7.61 -20.30 -3.28
CA SER D 178 -7.79 -21.76 -3.55
C SER D 178 -7.82 -22.60 -2.26
N THR D 179 -8.54 -23.72 -2.33
CA THR D 179 -8.33 -24.86 -1.39
C THR D 179 -7.13 -25.65 -1.91
N PHE D 180 -6.27 -26.14 -1.04
CA PHE D 180 -5.09 -26.99 -1.36
C PHE D 180 -5.39 -28.42 -0.92
N PHE D 181 -5.14 -29.35 -1.85
CA PHE D 181 -5.28 -30.83 -1.64
C PHE D 181 -3.93 -31.47 -1.93
N LEU D 182 -3.46 -32.28 -0.96
CA LEU D 182 -2.32 -33.21 -1.19
C LEU D 182 -2.86 -34.62 -1.40
N ILE D 183 -2.16 -35.40 -2.24
CA ILE D 183 -2.42 -36.86 -2.47
C ILE D 183 -1.20 -37.65 -1.97
N LYS D 184 -1.38 -38.45 -0.92
CA LYS D 184 -0.34 -39.34 -0.33
C LYS D 184 -0.96 -40.74 -0.15
N ASN D 185 -0.28 -41.79 -0.62
CA ASN D 185 -0.70 -43.22 -0.63
C ASN D 185 -2.17 -43.32 -1.08
N GLY D 186 -2.50 -42.74 -2.22
CA GLY D 186 -3.86 -42.73 -2.80
C GLY D 186 -4.94 -42.07 -1.94
N HIS D 187 -4.66 -41.33 -0.84
CA HIS D 187 -5.71 -40.56 -0.10
C HIS D 187 -5.54 -39.04 -0.28
N LEU D 188 -6.62 -38.33 -0.03
CA LEU D 188 -6.74 -36.85 -0.08
C LEU D 188 -6.41 -36.31 1.30
N ILE D 189 -5.56 -35.27 1.35
CA ILE D 189 -5.25 -34.54 2.61
C ILE D 189 -5.52 -33.05 2.35
N THR D 190 -6.35 -32.43 3.16
CA THR D 190 -6.73 -30.99 3.02
C THR D 190 -7.03 -30.44 4.39
N ALA D 191 -6.68 -29.18 4.64
CA ALA D 191 -6.78 -28.51 5.95
C ALA D 191 -8.22 -28.52 6.40
N PRO D 192 -8.53 -28.70 7.71
CA PRO D 192 -9.91 -28.64 8.18
C PRO D 192 -10.44 -27.21 8.05
N THR D 193 -11.76 -27.04 8.18
CA THR D 193 -12.49 -25.76 8.04
C THR D 193 -12.25 -24.80 9.22
N SER D 194 -11.62 -25.24 10.32
CA SER D 194 -11.13 -24.36 11.41
C SER D 194 -9.96 -23.50 10.88
N ARG D 195 -9.28 -23.95 9.81
CA ARG D 195 -8.07 -23.27 9.29
C ARG D 195 -8.23 -22.72 7.87
N ALA D 196 -9.08 -23.34 7.00
CA ALA D 196 -9.27 -22.93 5.59
C ALA D 196 -10.72 -22.52 5.34
N LEU D 197 -10.92 -21.67 4.33
CA LEU D 197 -12.26 -21.23 3.91
C LEU D 197 -13.00 -22.50 3.51
N SER D 198 -14.30 -22.59 3.83
CA SER D 198 -15.24 -23.64 3.37
C SER D 198 -15.54 -23.42 1.88
N GLY D 199 -14.59 -23.67 1.00
CA GLY D 199 -14.82 -23.55 -0.45
C GLY D 199 -15.99 -24.37 -0.98
N THR D 200 -16.66 -23.87 -2.01
CA THR D 200 -17.71 -24.60 -2.76
C THR D 200 -17.05 -25.70 -3.58
N THR D 201 -15.87 -25.43 -4.16
CA THR D 201 -15.15 -26.48 -4.92
C THR D 201 -14.67 -27.56 -3.95
N ARG D 202 -14.12 -27.17 -2.80
CA ARG D 202 -13.72 -28.11 -1.72
CA ARG D 202 -13.73 -28.08 -1.69
C ARG D 202 -14.88 -29.05 -1.40
N GLN D 203 -16.05 -28.48 -1.14
CA GLN D 203 -17.27 -29.22 -0.79
C GLN D 203 -17.59 -30.21 -1.91
N ILE D 204 -17.52 -29.76 -3.16
CA ILE D 204 -17.85 -30.64 -4.30
C ILE D 204 -16.79 -31.74 -4.33
N VAL D 205 -15.51 -31.43 -4.12
CA VAL D 205 -14.45 -32.47 -4.17
C VAL D 205 -14.65 -33.48 -3.02
N LEU D 206 -14.91 -33.03 -1.79
CA LEU D 206 -15.18 -33.98 -0.67
C LEU D 206 -16.35 -34.91 -0.99
N GLU D 207 -17.40 -34.41 -1.64
CA GLU D 207 -18.57 -35.20 -2.06
C GLU D 207 -18.14 -36.21 -3.14
N LEU D 208 -17.29 -35.83 -4.09
CA LEU D 208 -16.78 -36.77 -5.12
C LEU D 208 -15.90 -37.85 -4.46
N ALA D 209 -15.08 -37.49 -3.49
CA ALA D 209 -14.29 -38.44 -2.66
C ALA D 209 -15.20 -39.46 -1.94
N ARG D 210 -16.32 -39.01 -1.35
CA ARG D 210 -17.32 -39.87 -0.67
C ARG D 210 -17.92 -40.82 -1.71
N ARG D 211 -18.37 -40.31 -2.86
CA ARG D 211 -18.93 -41.10 -4.00
C ARG D 211 -17.90 -42.09 -4.55
N GLY D 212 -16.61 -41.73 -4.50
CA GLY D 212 -15.52 -42.56 -5.07
C GLY D 212 -14.88 -43.47 -4.07
N ASN D 213 -15.28 -43.37 -2.78
CA ASN D 213 -14.74 -44.18 -1.65
C ASN D 213 -13.25 -43.81 -1.46
N ILE D 214 -12.84 -42.57 -1.77
CA ILE D 214 -11.47 -42.05 -1.53
C ILE D 214 -11.45 -41.46 -0.12
N GLN D 215 -10.55 -41.98 0.72
CA GLN D 215 -10.40 -41.55 2.11
C GLN D 215 -9.91 -40.09 2.00
N VAL D 216 -10.46 -39.23 2.86
CA VAL D 216 -10.05 -37.82 3.06
C VAL D 216 -9.60 -37.69 4.53
N GLU D 217 -8.37 -37.24 4.79
CA GLU D 217 -7.97 -36.72 6.13
C GLU D 217 -8.13 -35.19 6.11
N GLU D 218 -9.05 -34.66 6.93
CA GLU D 218 -9.20 -33.21 7.18
C GLU D 218 -8.15 -32.82 8.22
N ARG D 219 -6.89 -32.71 7.79
CA ARG D 219 -5.77 -32.12 8.60
C ARG D 219 -4.88 -31.28 7.67
N CYS D 220 -4.07 -30.38 8.22
CA CYS D 220 -3.07 -29.61 7.45
C CYS D 220 -2.00 -30.56 6.94
N PRO D 221 -1.78 -30.69 5.60
CA PRO D 221 -0.59 -31.36 5.10
C PRO D 221 0.63 -30.52 5.47
N LEU D 222 1.79 -31.13 5.62
CA LEU D 222 2.99 -30.38 6.08
C LEU D 222 3.91 -30.22 4.90
N LEU D 223 4.67 -29.14 4.86
CA LEU D 223 5.77 -28.96 3.89
C LEU D 223 6.71 -30.18 3.97
N THR D 224 6.97 -30.72 5.16
CA THR D 224 7.93 -31.84 5.35
C THR D 224 7.40 -33.17 4.77
N GLU D 225 6.10 -33.31 4.44
CA GLU D 225 5.55 -34.52 3.77
C GLU D 225 5.69 -34.49 2.25
N LEU D 226 6.03 -33.35 1.66
CA LEU D 226 5.97 -33.16 0.19
C LEU D 226 6.91 -34.11 -0.54
N PRO D 227 8.16 -34.37 -0.10
CA PRO D 227 8.98 -35.43 -0.74
C PRO D 227 8.28 -36.80 -0.90
N GLU D 228 7.38 -37.19 0.01
CA GLU D 228 6.70 -38.52 0.03
C GLU D 228 5.34 -38.42 -0.69
N ALA D 229 4.87 -37.23 -1.09
CA ALA D 229 3.54 -37.07 -1.75
C ALA D 229 3.62 -37.57 -3.19
N GLU D 230 2.50 -38.02 -3.72
CA GLU D 230 2.32 -38.47 -5.13
C GLU D 230 1.91 -37.25 -5.98
N GLU D 231 0.90 -36.53 -5.53
CA GLU D 231 0.25 -35.45 -6.33
C GLU D 231 -0.18 -34.29 -5.42
N ALA D 232 -0.62 -33.22 -6.03
CA ALA D 232 -1.23 -32.08 -5.33
C ALA D 232 -2.03 -31.28 -6.33
N PHE D 233 -3.04 -30.59 -5.85
CA PHE D 233 -3.89 -29.71 -6.68
C PHE D 233 -4.57 -28.68 -5.80
N ILE D 234 -4.97 -27.58 -6.44
CA ILE D 234 -5.71 -26.44 -5.82
C ILE D 234 -7.06 -26.34 -6.50
N THR D 235 -8.07 -25.86 -5.79
CA THR D 235 -9.44 -25.76 -6.30
C THR D 235 -10.02 -24.36 -6.07
N GLY D 236 -10.82 -23.94 -7.01
CA GLY D 236 -11.73 -22.78 -6.92
C GLY D 236 -12.74 -22.83 -8.05
N THR D 237 -13.75 -21.96 -7.99
CA THR D 237 -14.93 -22.06 -8.86
C THR D 237 -14.47 -21.65 -10.27
N VAL D 238 -13.45 -20.78 -10.42
CA VAL D 238 -12.90 -20.45 -11.77
C VAL D 238 -11.94 -21.55 -12.20
N LYS D 239 -10.89 -21.81 -11.43
CA LYS D 239 -9.80 -22.74 -11.85
C LYS D 239 -10.22 -24.23 -11.86
N GLU D 240 -11.32 -24.61 -11.21
CA GLU D 240 -11.83 -26.01 -11.13
C GLU D 240 -10.82 -26.79 -10.28
N LEU D 241 -10.19 -27.85 -10.78
CA LEU D 241 -9.07 -28.56 -10.15
C LEU D 241 -7.85 -28.29 -11.01
N LEU D 242 -6.82 -27.67 -10.42
CA LEU D 242 -5.60 -27.25 -11.16
C LEU D 242 -4.42 -27.99 -10.54
N PRO D 243 -3.71 -28.83 -11.33
CA PRO D 243 -2.59 -29.59 -10.80
C PRO D 243 -1.45 -28.67 -10.30
N VAL D 244 -0.84 -29.07 -9.19
CA VAL D 244 0.31 -28.39 -8.57
C VAL D 244 1.46 -29.38 -8.63
N VAL D 245 2.50 -29.08 -9.42
CA VAL D 245 3.67 -30.00 -9.62
C VAL D 245 4.91 -29.55 -8.84
N ARG D 246 4.91 -28.36 -8.25
CA ARG D 246 6.08 -27.82 -7.49
C ARG D 246 5.60 -26.87 -6.38
N ILE D 247 6.18 -27.03 -5.18
CA ILE D 247 5.91 -26.08 -4.07
C ILE D 247 7.27 -25.60 -3.57
N GLY D 248 7.58 -24.30 -3.74
CA GLY D 248 8.92 -23.75 -3.44
C GLY D 248 9.98 -24.44 -4.28
N ASP D 249 10.98 -25.09 -3.67
CA ASP D 249 12.08 -25.81 -4.38
C ASP D 249 11.72 -27.30 -4.59
N GLN D 250 10.52 -27.73 -4.23
CA GLN D 250 10.22 -29.17 -4.02
C GLN D 250 9.29 -29.65 -5.15
N ILE D 251 9.78 -30.54 -6.00
CA ILE D 251 9.00 -31.18 -7.10
C ILE D 251 8.06 -32.21 -6.46
N ILE D 252 6.80 -32.25 -6.86
CA ILE D 252 5.74 -33.14 -6.30
C ILE D 252 5.71 -34.41 -7.14
N GLY D 253 6.04 -35.58 -6.54
CA GLY D 253 6.29 -36.85 -7.26
C GLY D 253 7.14 -36.63 -8.48
N ASN D 254 6.67 -37.09 -9.64
CA ASN D 254 7.23 -36.69 -10.98
C ASN D 254 6.75 -35.24 -11.26
N GLY D 255 7.31 -34.50 -12.21
CA GLY D 255 6.94 -33.08 -12.37
C GLY D 255 5.66 -32.84 -13.13
N VAL D 256 4.72 -33.81 -13.25
CA VAL D 256 3.56 -33.68 -14.19
C VAL D 256 2.29 -34.00 -13.45
N PRO D 257 1.10 -33.50 -13.88
CA PRO D 257 -0.14 -33.77 -13.19
C PRO D 257 -0.36 -35.27 -12.99
N GLY D 258 -0.92 -35.69 -11.85
CA GLY D 258 -1.07 -37.07 -11.38
C GLY D 258 -2.38 -37.67 -11.81
N LYS D 259 -2.52 -39.00 -11.72
CA LYS D 259 -3.73 -39.75 -12.20
C LYS D 259 -4.97 -39.36 -11.38
N LEU D 260 -4.87 -39.32 -10.04
CA LEU D 260 -6.06 -39.09 -9.17
C LEU D 260 -6.52 -37.63 -9.34
N THR D 261 -5.59 -36.68 -9.57
CA THR D 261 -5.92 -35.26 -9.83
C THR D 261 -6.73 -35.20 -11.12
N LYS D 262 -6.21 -35.78 -12.21
CA LYS D 262 -6.88 -35.74 -13.55
C LYS D 262 -8.20 -36.48 -13.46
N HIS D 263 -8.25 -37.61 -12.74
CA HIS D 263 -9.50 -38.37 -12.46
C HIS D 263 -10.53 -37.43 -11.87
N LEU D 264 -10.18 -36.68 -10.81
CA LEU D 264 -11.19 -35.94 -10.03
C LEU D 264 -11.66 -34.73 -10.84
N HIS D 265 -10.76 -34.16 -11.64
CA HIS D 265 -11.08 -33.04 -12.56
C HIS D 265 -12.11 -33.51 -13.60
N GLN D 266 -11.85 -34.66 -14.24
CA GLN D 266 -12.79 -35.31 -15.22
C GLN D 266 -14.13 -35.59 -14.51
N VAL D 267 -14.14 -36.16 -13.31
CA VAL D 267 -15.42 -36.41 -12.57
C VAL D 267 -16.09 -35.07 -12.23
N TYR D 268 -15.32 -34.06 -11.78
CA TYR D 268 -15.88 -32.74 -11.41
C TYR D 268 -16.60 -32.21 -12.64
N LEU D 269 -15.98 -32.19 -13.83
CA LEU D 269 -16.61 -31.61 -15.04
C LEU D 269 -17.87 -32.39 -15.49
N SER D 270 -17.85 -33.73 -15.37
CA SER D 270 -18.96 -34.67 -15.74
C SER D 270 -20.14 -34.45 -14.83
N SER D 271 -19.90 -34.06 -13.56
CA SER D 271 -20.91 -34.06 -12.47
C SER D 271 -21.52 -32.67 -12.28
N ILE D 272 -20.93 -31.63 -12.86
CA ILE D 272 -21.08 -30.22 -12.37
C ILE D 272 -22.54 -29.78 -12.51
N VAL D 273 -23.27 -30.30 -13.51
CA VAL D 273 -24.67 -29.94 -13.89
C VAL D 273 -25.56 -30.00 -12.64
N GLU D 274 -25.33 -30.95 -11.75
CA GLU D 274 -26.09 -31.14 -10.48
C GLU D 274 -26.12 -29.87 -9.63
N TRP D 275 -25.08 -29.05 -9.62
CA TRP D 275 -24.98 -27.90 -8.70
C TRP D 275 -25.17 -26.59 -9.47
N LEU D 276 -25.48 -26.63 -10.78
CA LEU D 276 -25.82 -25.40 -11.51
C LEU D 276 -27.25 -25.03 -11.13
N GLU D 277 -27.58 -23.76 -11.17
CA GLU D 277 -28.90 -23.17 -10.83
C GLU D 277 -29.16 -22.14 -11.91
N MET E 3 -59.40 -40.38 16.87
CA MET E 3 -60.07 -41.35 15.92
C MET E 3 -59.05 -41.93 14.90
N ASN E 4 -58.86 -43.23 14.96
CA ASN E 4 -57.72 -44.02 14.48
C ASN E 4 -58.19 -45.00 13.38
N LEU E 5 -57.41 -45.18 12.31
CA LEU E 5 -57.78 -46.04 11.15
C LEU E 5 -56.74 -47.11 10.99
N CYS E 6 -57.18 -48.26 10.46
CA CYS E 6 -56.31 -49.35 9.99
C CYS E 6 -56.73 -49.77 8.60
N TYR E 7 -55.85 -49.61 7.61
CA TYR E 7 -56.01 -50.25 6.30
C TYR E 7 -55.56 -51.69 6.34
N ILE E 8 -56.43 -52.63 5.98
CA ILE E 8 -56.18 -54.10 5.94
C ILE E 8 -57.19 -54.73 4.98
N ASP E 9 -56.77 -55.66 4.12
CA ASP E 9 -57.64 -56.39 3.16
C ASP E 9 -58.44 -55.42 2.28
N GLY E 10 -57.82 -54.33 1.79
CA GLY E 10 -58.49 -53.39 0.85
C GLY E 10 -59.46 -52.40 1.48
N LYS E 11 -59.68 -52.41 2.81
CA LYS E 11 -60.69 -51.52 3.45
C LYS E 11 -59.99 -50.69 4.56
N PHE E 12 -60.39 -49.42 4.70
CA PHE E 12 -60.05 -48.58 5.88
C PHE E 12 -61.04 -48.90 7.00
N LEU E 13 -60.60 -49.63 8.02
CA LEU E 13 -61.45 -49.96 9.19
C LEU E 13 -61.14 -48.95 10.30
N PRO E 14 -62.09 -48.71 11.23
CA PRO E 14 -61.71 -48.17 12.54
C PRO E 14 -60.63 -49.11 13.14
N LEU E 15 -59.57 -48.55 13.74
CA LEU E 15 -58.39 -49.33 14.25
C LEU E 15 -58.84 -50.47 15.19
N GLU E 16 -59.82 -50.16 16.03
CA GLU E 16 -60.29 -51.00 17.17
C GLU E 16 -60.98 -52.23 16.57
N GLU E 17 -61.45 -52.19 15.31
CA GLU E 17 -62.13 -53.34 14.64
C GLU E 17 -61.17 -54.17 13.78
N ALA E 18 -59.95 -53.70 13.47
CA ALA E 18 -59.06 -54.42 12.53
C ALA E 18 -58.48 -55.63 13.24
N LYS E 19 -58.48 -56.76 12.53
CA LYS E 19 -57.92 -58.02 13.07
C LYS E 19 -56.94 -58.62 12.07
N LEU E 20 -55.99 -59.40 12.58
CA LEU E 20 -55.05 -60.20 11.77
C LEU E 20 -55.23 -61.68 12.13
N PRO E 21 -55.21 -62.59 11.12
CA PRO E 21 -55.28 -64.02 11.39
C PRO E 21 -54.10 -64.51 12.25
N VAL E 22 -54.36 -65.42 13.20
CA VAL E 22 -53.40 -65.90 14.22
C VAL E 22 -52.36 -66.78 13.54
N THR E 23 -52.65 -67.29 12.34
CA THR E 23 -51.79 -67.94 11.32
C THR E 23 -50.50 -67.12 11.17
N ASP E 24 -50.64 -65.79 11.14
CA ASP E 24 -49.57 -64.88 10.68
C ASP E 24 -48.37 -64.98 11.63
N LEU E 25 -47.18 -65.19 11.06
CA LEU E 25 -45.91 -65.37 11.81
C LEU E 25 -45.46 -64.10 12.49
N ILE E 26 -46.06 -62.93 12.21
CA ILE E 26 -45.75 -61.71 13.00
C ILE E 26 -46.26 -61.96 14.42
N ILE E 27 -47.41 -62.61 14.55
CA ILE E 27 -47.95 -62.93 15.90
C ILE E 27 -47.15 -64.07 16.52
N GLN E 28 -47.02 -65.20 15.83
CA GLN E 28 -46.46 -66.45 16.43
C GLN E 28 -44.96 -66.34 16.66
N ARG E 29 -44.21 -65.65 15.82
CA ARG E 29 -42.72 -65.69 15.77
C ARG E 29 -42.10 -64.28 15.66
N GLY E 30 -42.84 -63.16 15.74
CA GLY E 30 -42.25 -61.81 15.55
C GLY E 30 -41.75 -61.52 14.12
N VAL E 31 -42.21 -62.23 13.10
CA VAL E 31 -41.73 -61.99 11.71
C VAL E 31 -42.54 -60.87 11.09
N GLY E 32 -41.96 -59.65 11.11
CA GLY E 32 -42.50 -58.54 10.34
C GLY E 32 -41.69 -57.28 10.55
N VAL E 33 -41.95 -56.26 9.74
CA VAL E 33 -41.26 -54.97 9.88
C VAL E 33 -42.31 -53.88 9.72
N PHE E 34 -41.87 -52.69 10.05
CA PHE E 34 -42.68 -51.45 9.97
C PHE E 34 -41.77 -50.24 9.87
N GLU E 35 -42.39 -49.13 9.49
CA GLU E 35 -41.79 -47.81 9.29
C GLU E 35 -42.74 -46.80 9.92
N THR E 36 -42.22 -45.69 10.43
CA THR E 36 -43.02 -44.59 11.02
C THR E 36 -42.85 -43.38 10.10
N ILE E 37 -43.98 -42.87 9.58
CA ILE E 37 -44.08 -41.72 8.65
C ILE E 37 -44.91 -40.66 9.36
N SER E 38 -44.55 -39.42 9.22
CA SER E 38 -45.29 -38.28 9.81
C SER E 38 -45.61 -37.31 8.67
N THR E 39 -46.61 -36.46 8.94
CA THR E 39 -47.06 -35.38 8.04
C THR E 39 -46.65 -34.03 8.61
N HIS E 40 -46.32 -33.12 7.69
CA HIS E 40 -46.36 -31.64 7.83
C HIS E 40 -47.38 -31.14 6.79
N SER E 41 -48.34 -30.31 7.21
CA SER E 41 -49.41 -29.73 6.34
C SER E 41 -50.15 -30.85 5.57
N ARG E 42 -50.47 -31.97 6.23
CA ARG E 42 -51.33 -33.07 5.63
C ARG E 42 -50.52 -33.82 4.54
N ARG E 43 -49.21 -33.58 4.38
CA ARG E 43 -48.38 -34.21 3.34
C ARG E 43 -47.33 -35.11 4.02
N PRO E 44 -47.20 -36.39 3.60
CA PRO E 44 -46.21 -37.28 4.23
C PRO E 44 -44.79 -36.79 3.93
N LEU E 45 -43.95 -36.74 4.94
CA LEU E 45 -42.53 -36.31 4.83
C LEU E 45 -41.69 -37.53 4.47
N MET E 46 -40.84 -37.41 3.45
CA MET E 46 -39.89 -38.46 2.99
C MET E 46 -40.67 -39.75 2.68
N LEU E 47 -41.82 -39.67 2.00
CA LEU E 47 -42.67 -40.87 1.81
C LEU E 47 -41.90 -41.94 1.07
N THR E 48 -41.32 -41.61 -0.08
CA THR E 48 -40.62 -42.59 -0.96
C THR E 48 -39.43 -43.13 -0.16
N PRO E 49 -38.52 -42.30 0.42
CA PRO E 49 -37.43 -42.82 1.23
C PRO E 49 -37.91 -43.76 2.35
N HIS E 50 -39.05 -43.45 3.01
CA HIS E 50 -39.66 -44.34 4.05
C HIS E 50 -40.10 -45.64 3.38
N LEU E 51 -40.81 -45.59 2.25
CA LEU E 51 -41.33 -46.87 1.65
C LEU E 51 -40.14 -47.71 1.14
N LYS E 52 -39.03 -47.10 0.72
CA LYS E 52 -37.81 -47.79 0.27
C LYS E 52 -37.13 -48.45 1.47
N ARG E 53 -37.10 -47.78 2.62
CA ARG E 53 -36.51 -48.35 3.86
C ARG E 53 -37.40 -49.53 4.34
N LEU E 54 -38.73 -49.40 4.20
CA LEU E 54 -39.67 -50.49 4.55
C LEU E 54 -39.41 -51.69 3.67
N GLU E 55 -39.26 -51.51 2.36
CA GLU E 55 -38.87 -52.62 1.45
C GLU E 55 -37.53 -53.22 1.85
N GLY E 56 -36.54 -52.39 2.16
CA GLY E 56 -35.20 -52.83 2.61
C GLY E 56 -35.27 -53.65 3.88
N SER E 57 -36.10 -53.23 4.85
CA SER E 57 -36.39 -53.99 6.11
C SER E 57 -37.06 -55.32 5.74
N ALA E 58 -38.02 -55.31 4.83
CA ALA E 58 -38.70 -56.56 4.41
C ALA E 58 -37.67 -57.50 3.79
N THR E 59 -36.91 -57.01 2.81
CA THR E 59 -35.89 -57.81 2.09
C THR E 59 -34.91 -58.38 3.13
N ALA E 60 -34.41 -57.59 4.08
CA ALA E 60 -33.43 -58.02 5.10
C ALA E 60 -34.01 -59.07 6.04
N SER E 61 -35.33 -59.13 6.21
CA SER E 61 -36.06 -60.17 7.02
C SER E 61 -36.60 -61.32 6.15
N SER E 62 -36.17 -61.42 4.90
CA SER E 62 -36.52 -62.50 3.93
C SER E 62 -38.01 -62.45 3.59
N ILE E 63 -38.62 -61.26 3.61
CA ILE E 63 -40.06 -61.08 3.29
C ILE E 63 -40.17 -60.49 1.89
N VAL E 64 -40.93 -61.13 0.99
CA VAL E 64 -41.26 -60.55 -0.34
C VAL E 64 -42.38 -59.52 -0.09
N MET E 65 -42.18 -58.28 -0.51
CA MET E 65 -43.19 -57.21 -0.45
C MET E 65 -44.52 -57.71 -1.02
N PRO E 66 -45.64 -57.61 -0.27
CA PRO E 66 -46.97 -57.97 -0.80
C PRO E 66 -47.69 -56.89 -1.64
N ALA E 67 -47.10 -55.70 -1.79
CA ALA E 67 -47.63 -54.62 -2.64
C ALA E 67 -46.46 -53.77 -3.13
N THR E 68 -46.66 -53.07 -4.24
CA THR E 68 -45.66 -52.16 -4.84
C THR E 68 -45.56 -50.91 -3.97
N LEU E 69 -44.45 -50.19 -4.11
CA LEU E 69 -44.26 -48.91 -3.39
C LEU E 69 -45.34 -47.90 -3.82
N ASP E 70 -45.72 -47.90 -5.09
CA ASP E 70 -46.80 -47.02 -5.62
C ASP E 70 -48.14 -47.36 -4.94
N GLU E 71 -48.48 -48.65 -4.73
CA GLU E 71 -49.78 -48.98 -4.09
C GLU E 71 -49.75 -48.53 -2.62
N MET E 72 -48.64 -48.77 -1.93
CA MET E 72 -48.47 -48.37 -0.49
C MET E 72 -48.66 -46.84 -0.39
N ALA E 73 -48.03 -46.07 -1.28
CA ALA E 73 -48.11 -44.58 -1.36
C ALA E 73 -49.57 -44.14 -1.56
N ARG E 74 -50.30 -44.75 -2.48
CA ARG E 74 -51.73 -44.42 -2.74
C ARG E 74 -52.55 -44.65 -1.46
N ILE E 75 -52.36 -45.79 -0.79
CA ILE E 75 -53.11 -46.12 0.47
C ILE E 75 -52.77 -45.10 1.56
N ILE E 76 -51.48 -44.80 1.73
CA ILE E 76 -50.99 -43.87 2.78
C ILE E 76 -51.65 -42.51 2.56
N ARG E 77 -51.63 -42.01 1.32
CA ARG E 77 -52.23 -40.68 0.97
C ARG E 77 -53.74 -40.68 1.29
N GLU E 78 -54.45 -41.74 0.88
CA GLU E 78 -55.92 -41.83 1.05
C GLU E 78 -56.21 -41.84 2.57
N GLY E 79 -55.44 -42.57 3.37
CA GLY E 79 -55.70 -42.65 4.82
C GLY E 79 -55.49 -41.31 5.52
N ILE E 80 -54.43 -40.61 5.12
CA ILE E 80 -54.14 -39.23 5.64
C ILE E 80 -55.32 -38.32 5.34
N LYS E 81 -55.87 -38.37 4.13
CA LYS E 81 -57.01 -37.55 3.70
C LYS E 81 -58.20 -37.86 4.60
N LYS E 82 -58.51 -39.14 4.86
CA LYS E 82 -59.69 -39.49 5.68
C LYS E 82 -59.48 -39.06 7.13
N MET E 83 -58.25 -39.08 7.65
CA MET E 83 -57.95 -38.65 9.05
C MET E 83 -58.21 -37.15 9.21
N GLY E 84 -57.86 -36.34 8.21
CA GLY E 84 -58.14 -34.89 8.15
C GLY E 84 -57.43 -34.10 9.25
N CYS E 85 -56.27 -34.58 9.67
CA CYS E 85 -55.42 -33.95 10.72
C CYS E 85 -53.98 -34.34 10.42
N GLU E 86 -53.03 -33.77 11.14
CA GLU E 86 -51.61 -34.21 11.05
C GLU E 86 -51.56 -35.62 11.64
N THR E 87 -50.93 -36.55 10.89
CA THR E 87 -51.09 -38.00 11.06
C THR E 87 -49.71 -38.66 11.21
N MET E 88 -49.62 -39.58 12.16
CA MET E 88 -48.54 -40.58 12.27
C MET E 88 -49.02 -41.85 11.59
N VAL E 89 -48.24 -42.35 10.62
CA VAL E 89 -48.64 -43.48 9.74
C VAL E 89 -47.65 -44.61 9.98
N ARG E 90 -48.15 -45.83 10.20
CA ARG E 90 -47.26 -47.00 10.33
C ARG E 90 -47.73 -48.14 9.47
N PRO E 91 -47.10 -48.32 8.29
CA PRO E 91 -47.31 -49.54 7.52
C PRO E 91 -46.49 -50.68 8.12
N TYR E 92 -47.14 -51.84 8.17
CA TYR E 92 -46.62 -53.09 8.71
C TYR E 92 -46.60 -54.13 7.57
N ILE E 93 -45.49 -54.82 7.39
CA ILE E 93 -45.31 -55.90 6.39
C ILE E 93 -45.04 -57.15 7.19
N THR E 94 -45.94 -58.13 7.14
CA THR E 94 -45.89 -59.31 8.05
C THR E 94 -45.22 -60.43 7.31
N GLY E 95 -44.68 -61.39 8.03
CA GLY E 95 -44.15 -62.65 7.47
C GLY E 95 -45.22 -63.48 6.80
N GLY E 96 -46.53 -63.31 7.15
CA GLY E 96 -47.60 -64.17 6.61
C GLY E 96 -47.57 -65.56 7.23
N ASP E 97 -48.12 -66.57 6.56
CA ASP E 97 -48.43 -67.88 7.18
C ASP E 97 -47.23 -68.82 7.17
N SER E 98 -46.32 -68.73 6.21
CA SER E 98 -45.40 -69.87 5.88
C SER E 98 -44.09 -69.37 5.31
N PHE E 99 -43.04 -70.14 5.61
CA PHE E 99 -41.68 -69.91 5.12
C PHE E 99 -41.49 -70.86 3.91
N GLY E 100 -42.19 -70.57 2.82
CA GLY E 100 -42.41 -71.45 1.64
C GLY E 100 -41.13 -71.73 0.88
N LYS E 101 -40.69 -73.00 0.86
CA LYS E 101 -39.48 -73.54 0.15
C LYS E 101 -38.26 -72.71 0.56
N ASP E 102 -37.27 -72.55 -0.32
CA ASP E 102 -36.33 -71.39 -0.31
C ASP E 102 -36.95 -70.15 -0.97
N HIS E 103 -38.25 -70.19 -1.35
CA HIS E 103 -39.03 -69.01 -1.80
C HIS E 103 -39.07 -67.92 -0.69
N LEU E 104 -38.90 -68.21 0.61
CA LEU E 104 -38.82 -67.28 1.79
C LEU E 104 -40.23 -66.96 2.33
N PHE E 105 -40.51 -65.79 2.89
CA PHE E 105 -41.90 -65.42 3.29
C PHE E 105 -42.60 -64.81 2.07
N SER E 106 -43.40 -65.59 1.37
CA SER E 106 -43.88 -65.34 -0.02
C SER E 106 -45.36 -64.95 0.05
N SER E 107 -46.05 -65.14 1.19
CA SER E 107 -47.49 -64.80 1.37
C SER E 107 -47.61 -63.74 2.48
N SER E 108 -46.71 -62.77 2.49
CA SER E 108 -46.76 -61.59 3.41
C SER E 108 -48.16 -60.94 3.42
N ARG E 109 -48.65 -60.49 4.59
CA ARG E 109 -49.77 -59.53 4.70
C ARG E 109 -49.25 -58.14 4.96
N TYR E 110 -50.13 -57.16 4.85
CA TYR E 110 -49.80 -55.74 5.12
C TYR E 110 -51.01 -55.02 5.66
N PHE E 111 -50.72 -54.04 6.50
CA PHE E 111 -51.73 -53.15 7.09
C PHE E 111 -51.03 -51.88 7.50
N VAL E 112 -51.84 -50.82 7.55
CA VAL E 112 -51.38 -49.43 7.79
C VAL E 112 -52.24 -48.83 8.88
N ILE E 113 -51.59 -48.46 9.98
CA ILE E 113 -52.28 -47.78 11.10
C ILE E 113 -52.05 -46.29 10.89
N PHE E 114 -53.16 -45.53 11.01
CA PHE E 114 -53.19 -44.06 10.96
C PHE E 114 -53.65 -43.56 12.35
N ALA E 115 -52.83 -42.74 13.03
CA ALA E 115 -53.21 -42.05 14.30
C ALA E 115 -52.93 -40.54 14.19
N GLU E 116 -53.66 -39.72 14.96
CA GLU E 116 -53.31 -38.28 15.14
C GLU E 116 -51.87 -38.23 15.71
N ILE E 117 -51.04 -37.35 15.17
CA ILE E 117 -49.61 -37.24 15.55
C ILE E 117 -49.56 -36.73 16.99
N ARG E 118 -48.64 -37.20 17.81
CA ARG E 118 -48.50 -36.71 19.23
C ARG E 118 -47.10 -36.09 19.33
N LYS E 119 -46.97 -34.83 18.92
CA LYS E 119 -45.68 -34.08 18.91
C LYS E 119 -45.28 -33.75 20.35
N PRO E 120 -43.98 -33.83 20.74
CA PRO E 120 -43.59 -33.41 22.08
C PRO E 120 -44.07 -31.99 22.40
N ASP E 121 -44.46 -31.74 23.64
CA ASP E 121 -44.99 -30.44 24.11
C ASP E 121 -43.92 -29.38 23.90
N PRO E 122 -44.29 -28.13 23.50
CA PRO E 122 -43.31 -27.06 23.33
C PRO E 122 -42.27 -26.94 24.46
N ILE E 123 -42.68 -27.21 25.70
CA ILE E 123 -41.77 -27.04 26.89
C ILE E 123 -40.53 -27.92 26.77
N LEU E 124 -40.65 -29.10 26.15
CA LEU E 124 -39.51 -30.04 26.04
C LEU E 124 -38.47 -29.50 25.07
N TYR E 125 -38.86 -28.76 24.03
CA TYR E 125 -37.90 -28.10 23.11
C TYR E 125 -37.21 -26.90 23.80
N GLU E 126 -37.92 -26.17 24.66
CA GLU E 126 -37.39 -24.94 25.30
C GLU E 126 -36.39 -25.33 26.40
N LYS E 127 -36.73 -26.28 27.29
CA LYS E 127 -35.86 -26.66 28.43
C LYS E 127 -34.98 -27.87 28.03
N GLY E 128 -35.35 -28.66 26.99
CA GLY E 128 -34.60 -29.88 26.58
C GLY E 128 -34.87 -31.03 27.50
N VAL E 129 -34.34 -32.22 27.22
CA VAL E 129 -34.71 -33.47 27.97
C VAL E 129 -33.47 -34.14 28.54
N ALA E 130 -33.70 -35.09 29.48
CA ALA E 130 -32.70 -36.03 30.04
C ALA E 130 -32.81 -37.38 29.38
N LEU E 131 -31.67 -38.04 29.17
CA LEU E 131 -31.58 -39.47 28.80
C LEU E 131 -30.90 -40.25 29.94
N HIS E 132 -31.28 -41.51 30.10
CA HIS E 132 -30.68 -42.44 31.08
C HIS E 132 -29.79 -43.38 30.29
N PRO E 133 -28.46 -43.34 30.50
CA PRO E 133 -27.54 -44.21 29.78
C PRO E 133 -27.55 -45.61 30.41
N ILE E 134 -27.43 -46.68 29.61
CA ILE E 134 -27.15 -48.05 30.11
C ILE E 134 -26.00 -48.68 29.29
N ASN E 135 -25.31 -49.61 29.92
CA ASN E 135 -24.24 -50.44 29.31
C ASN E 135 -24.88 -51.67 28.63
N ALA E 136 -25.50 -51.44 27.47
CA ALA E 136 -26.29 -52.44 26.74
C ALA E 136 -26.64 -51.89 25.36
N GLU E 137 -26.82 -52.80 24.43
CA GLU E 137 -27.38 -52.63 23.07
C GLU E 137 -28.90 -52.64 23.19
N ARG E 138 -29.53 -52.23 22.09
CA ARG E 138 -30.99 -52.28 21.83
C ARG E 138 -31.49 -53.67 22.13
N TYR E 139 -30.72 -54.73 21.82
CA TYR E 139 -31.27 -56.07 21.51
C TYR E 139 -30.98 -56.95 22.70
N LEU E 140 -30.14 -56.57 23.66
CA LEU E 140 -29.96 -57.28 24.97
C LEU E 140 -31.34 -57.52 25.58
N PRO E 141 -31.71 -58.75 25.98
CA PRO E 141 -33.10 -59.07 26.35
C PRO E 141 -33.75 -58.24 27.49
N SER E 142 -32.92 -57.69 28.39
CA SER E 142 -33.30 -56.83 29.53
C SER E 142 -33.68 -55.41 29.06
N THR E 143 -33.37 -55.00 27.83
CA THR E 143 -33.36 -53.56 27.42
C THR E 143 -34.82 -53.14 27.19
N LYS E 144 -35.56 -53.99 26.48
CA LYS E 144 -37.03 -53.86 26.28
C LYS E 144 -37.64 -53.61 27.66
N SER E 145 -37.32 -54.37 28.70
CA SER E 145 -37.88 -54.12 30.05
C SER E 145 -37.45 -52.73 30.61
N ILE E 146 -36.21 -52.26 30.35
CA ILE E 146 -35.79 -50.97 30.99
C ILE E 146 -36.47 -49.77 30.33
N ASN E 147 -36.88 -49.88 29.07
CA ASN E 147 -37.88 -48.98 28.45
C ASN E 147 -39.21 -48.93 29.20
N TYR E 148 -39.60 -49.87 30.02
CA TYR E 148 -40.90 -49.80 30.73
C TYR E 148 -40.80 -48.97 32.00
N MET E 149 -39.59 -48.84 32.55
CA MET E 149 -39.29 -48.05 33.76
C MET E 149 -39.62 -46.55 33.56
N LEU E 150 -39.60 -46.01 32.33
CA LEU E 150 -39.82 -44.54 32.09
C LEU E 150 -41.26 -44.04 32.43
N SER E 151 -41.35 -43.01 33.27
CA SER E 151 -42.58 -42.21 33.54
C SER E 151 -42.67 -41.05 32.53
N PHE E 152 -42.65 -39.77 32.96
CA PHE E 152 -42.86 -38.58 32.08
C PHE E 152 -41.50 -37.89 31.89
N GLY E 160 -37.73 -36.55 35.46
CA GLY E 160 -37.86 -37.96 34.99
C GLY E 160 -37.48 -38.13 33.52
N ALA E 161 -36.57 -39.07 33.21
CA ALA E 161 -35.83 -39.14 31.92
C ALA E 161 -36.77 -39.49 30.75
N TYR E 162 -36.56 -38.84 29.61
CA TYR E 162 -37.46 -38.92 28.44
C TYR E 162 -37.26 -40.27 27.74
N GLU E 163 -36.03 -40.76 27.66
CA GLU E 163 -35.69 -41.93 26.86
C GLU E 163 -34.39 -42.58 27.39
N ILE E 164 -34.22 -43.86 27.13
CA ILE E 164 -32.97 -44.58 27.49
C ILE E 164 -31.98 -44.40 26.36
N LEU E 165 -30.67 -44.36 26.70
CA LEU E 165 -29.57 -44.21 25.70
C LEU E 165 -28.66 -45.43 25.82
N TYR E 166 -28.50 -46.13 24.71
CA TYR E 166 -27.68 -47.37 24.63
C TYR E 166 -26.23 -46.97 24.50
N CYS E 167 -25.44 -47.25 25.53
CA CYS E 167 -24.00 -46.86 25.67
C CYS E 167 -23.14 -48.12 25.96
N PRO E 168 -23.21 -49.14 25.07
CA PRO E 168 -22.43 -50.36 25.25
C PRO E 168 -20.92 -50.06 25.28
N GLU E 169 -20.28 -50.48 26.37
CA GLU E 169 -18.82 -50.37 26.66
CA GLU E 169 -18.80 -50.39 26.58
C GLU E 169 -18.42 -48.89 26.56
N GLY E 170 -19.30 -47.97 27.03
CA GLY E 170 -19.08 -46.51 26.99
C GLY E 170 -19.11 -45.89 25.60
N GLU E 171 -19.53 -46.61 24.54
CA GLU E 171 -19.78 -46.00 23.20
C GLU E 171 -21.28 -45.65 23.13
N ILE E 172 -21.65 -44.40 22.89
CA ILE E 172 -23.08 -43.98 22.71
C ILE E 172 -23.49 -44.44 21.31
N VAL E 173 -24.54 -45.26 21.21
CA VAL E 173 -25.05 -45.74 19.89
C VAL E 173 -26.30 -44.93 19.52
N GLU E 174 -27.38 -45.10 20.27
CA GLU E 174 -28.67 -44.50 19.92
C GLU E 174 -29.63 -44.50 21.12
N GLY E 175 -30.70 -43.71 21.00
CA GLY E 175 -31.84 -43.77 21.95
C GLY E 175 -32.74 -44.94 21.61
N SER E 176 -33.66 -45.30 22.50
CA SER E 176 -34.63 -46.41 22.32
C SER E 176 -35.56 -46.19 21.13
N HIS E 177 -35.84 -44.93 20.77
CA HIS E 177 -36.75 -44.51 19.67
C HIS E 177 -36.11 -43.33 18.89
N SER E 178 -34.77 -43.23 18.84
CA SER E 178 -34.10 -42.00 18.36
C SER E 178 -32.66 -42.23 17.87
N THR E 179 -32.26 -41.42 16.87
CA THR E 179 -30.84 -41.16 16.54
C THR E 179 -30.32 -40.15 17.58
N PHE E 180 -29.09 -40.33 18.05
CA PHE E 180 -28.41 -39.43 19.01
C PHE E 180 -27.31 -38.68 18.25
N PHE E 181 -27.27 -37.38 18.46
CA PHE E 181 -26.26 -36.41 17.96
C PHE E 181 -25.60 -35.73 19.17
N LEU E 182 -24.26 -35.75 19.20
CA LEU E 182 -23.45 -34.89 20.10
C LEU E 182 -22.87 -33.74 19.27
N ILE E 183 -22.70 -32.57 19.90
CA ILE E 183 -22.04 -31.37 19.32
C ILE E 183 -20.78 -31.06 20.16
N LYS E 184 -19.59 -31.21 19.58
CA LYS E 184 -18.26 -30.90 20.22
C LYS E 184 -17.45 -30.00 19.28
N ASN E 185 -16.94 -28.87 19.80
CA ASN E 185 -16.21 -27.78 19.06
C ASN E 185 -16.90 -27.53 17.69
N GLY E 186 -18.19 -27.23 17.74
CA GLY E 186 -19.03 -26.90 16.56
C GLY E 186 -19.21 -28.04 15.55
N HIS E 187 -18.76 -29.29 15.79
CA HIS E 187 -18.92 -30.50 14.92
C HIS E 187 -20.10 -31.37 15.42
N LEU E 188 -20.83 -32.01 14.50
CA LEU E 188 -21.83 -33.09 14.78
C LEU E 188 -21.12 -34.44 14.89
N ILE E 189 -21.44 -35.19 15.95
CA ILE E 189 -20.91 -36.56 16.15
C ILE E 189 -22.12 -37.51 16.33
N THR E 190 -22.21 -38.55 15.53
CA THR E 190 -23.36 -39.49 15.56
C THR E 190 -22.88 -40.86 15.13
N ALA E 191 -23.40 -41.90 15.78
CA ALA E 191 -22.98 -43.32 15.55
C ALA E 191 -23.17 -43.66 14.08
N PRO E 192 -22.26 -44.44 13.44
CA PRO E 192 -22.43 -44.82 12.03
C PRO E 192 -23.62 -45.79 11.91
N THR E 193 -24.06 -46.05 10.68
CA THR E 193 -25.22 -46.93 10.38
C THR E 193 -24.89 -48.43 10.61
N SER E 194 -23.63 -48.80 10.77
CA SER E 194 -23.18 -50.16 11.18
C SER E 194 -23.57 -50.39 12.65
N ARG E 195 -23.79 -49.32 13.43
CA ARG E 195 -24.13 -49.45 14.88
C ARG E 195 -25.54 -48.97 15.23
N ALA E 196 -26.10 -47.97 14.54
CA ALA E 196 -27.45 -47.40 14.85
C ALA E 196 -28.39 -47.59 13.68
N LEU E 197 -29.68 -47.69 13.99
CA LEU E 197 -30.77 -47.79 12.97
C LEU E 197 -30.65 -46.58 12.06
N SER E 198 -30.78 -46.74 10.75
CA SER E 198 -30.74 -45.61 9.77
C SER E 198 -32.09 -44.87 9.92
N GLY E 199 -32.05 -43.56 9.94
CA GLY E 199 -33.23 -42.70 10.21
C GLY E 199 -33.41 -41.74 9.06
N THR E 200 -34.66 -41.44 8.65
CA THR E 200 -34.96 -40.37 7.67
C THR E 200 -34.59 -39.01 8.27
N THR E 201 -34.85 -38.83 9.57
CA THR E 201 -34.45 -37.58 10.26
C THR E 201 -32.92 -37.43 10.28
N ARG E 202 -32.22 -38.48 10.65
CA ARG E 202 -30.73 -38.55 10.67
C ARG E 202 -30.19 -38.09 9.32
N GLN E 203 -30.73 -38.71 8.27
CA GLN E 203 -30.34 -38.44 6.86
C GLN E 203 -30.59 -36.98 6.55
N ILE E 204 -31.74 -36.43 6.95
CA ILE E 204 -32.06 -35.00 6.70
C ILE E 204 -31.04 -34.16 7.46
N VAL E 205 -30.73 -34.50 8.72
CA VAL E 205 -29.78 -33.67 9.53
C VAL E 205 -28.37 -33.72 8.87
N LEU E 206 -27.88 -34.88 8.45
CA LEU E 206 -26.54 -34.96 7.79
C LEU E 206 -26.50 -34.07 6.53
N GLU E 207 -27.60 -34.04 5.76
CA GLU E 207 -27.75 -33.19 4.55
C GLU E 207 -27.73 -31.72 4.97
N LEU E 208 -28.40 -31.33 6.07
CA LEU E 208 -28.42 -29.92 6.51
C LEU E 208 -27.01 -29.52 6.98
N ALA E 209 -26.27 -30.42 7.63
CA ALA E 209 -24.86 -30.23 8.01
C ALA E 209 -23.99 -29.99 6.78
N ARG E 210 -24.16 -30.76 5.70
CA ARG E 210 -23.45 -30.56 4.42
C ARG E 210 -23.76 -29.16 3.86
N ARG E 211 -25.05 -28.78 3.79
CA ARG E 211 -25.52 -27.44 3.31
CA ARG E 211 -25.47 -27.43 3.28
C ARG E 211 -24.98 -26.32 4.21
N GLY E 212 -24.79 -26.59 5.50
CA GLY E 212 -24.35 -25.57 6.50
C GLY E 212 -22.84 -25.56 6.69
N ASN E 213 -22.11 -26.48 6.06
CA ASN E 213 -20.63 -26.65 6.19
C ASN E 213 -20.27 -27.01 7.64
N ILE E 214 -21.14 -27.77 8.32
CA ILE E 214 -20.85 -28.34 9.66
C ILE E 214 -20.23 -29.71 9.43
N GLN E 215 -19.05 -29.93 10.01
CA GLN E 215 -18.33 -31.23 9.92
C GLN E 215 -19.23 -32.25 10.62
N VAL E 216 -19.33 -33.44 10.05
CA VAL E 216 -19.98 -34.63 10.65
C VAL E 216 -18.90 -35.72 10.85
N GLU E 217 -18.71 -36.20 12.07
CA GLU E 217 -17.93 -37.45 12.35
C GLU E 217 -18.94 -38.55 12.59
N GLU E 218 -19.03 -39.51 11.67
CA GLU E 218 -19.88 -40.72 11.76
C GLU E 218 -19.11 -41.75 12.58
N ARG E 219 -19.05 -41.55 13.90
CA ARG E 219 -18.48 -42.48 14.90
C ARG E 219 -19.35 -42.42 16.16
N CYS E 220 -19.28 -43.44 17.03
CA CYS E 220 -19.98 -43.48 18.33
C CYS E 220 -19.36 -42.40 19.24
N PRO E 221 -20.13 -41.37 19.67
CA PRO E 221 -19.60 -40.43 20.66
C PRO E 221 -19.47 -41.20 21.98
N LEU E 222 -18.56 -40.80 22.84
CA LEU E 222 -18.21 -41.61 24.03
C LEU E 222 -18.85 -40.93 25.22
N LEU E 223 -19.29 -41.69 26.20
CA LEU E 223 -19.68 -41.13 27.53
C LEU E 223 -18.57 -40.24 28.07
N THR E 224 -17.29 -40.58 27.89
CA THR E 224 -16.15 -39.78 28.45
C THR E 224 -15.97 -38.43 27.72
N GLU E 225 -16.59 -38.21 26.55
CA GLU E 225 -16.53 -36.92 25.82
C GLU E 225 -17.60 -35.94 26.29
N LEU E 226 -18.58 -36.39 27.07
CA LEU E 226 -19.76 -35.56 27.42
C LEU E 226 -19.36 -34.30 28.18
N PRO E 227 -18.44 -34.32 29.19
CA PRO E 227 -17.96 -33.07 29.79
C PRO E 227 -17.48 -31.98 28.80
N GLU E 228 -16.87 -32.37 27.68
CA GLU E 228 -16.23 -31.46 26.70
C GLU E 228 -17.23 -31.10 25.59
N ALA E 229 -18.40 -31.79 25.50
CA ALA E 229 -19.44 -31.46 24.51
C ALA E 229 -20.17 -30.18 24.91
N GLU E 230 -20.61 -29.42 23.91
CA GLU E 230 -21.36 -28.16 24.00
C GLU E 230 -22.86 -28.47 24.07
N GLU E 231 -23.34 -29.36 23.18
CA GLU E 231 -24.79 -29.64 23.01
C GLU E 231 -24.99 -31.12 22.70
N ALA E 232 -26.24 -31.55 22.70
CA ALA E 232 -26.66 -32.86 22.21
C ALA E 232 -28.15 -32.76 21.85
N PHE E 233 -28.59 -33.64 20.98
CA PHE E 233 -30.02 -33.77 20.62
C PHE E 233 -30.28 -35.17 20.06
N ILE E 234 -31.55 -35.55 20.09
CA ILE E 234 -32.05 -36.84 19.52
C ILE E 234 -33.01 -36.49 18.38
N THR E 235 -33.21 -37.41 17.43
CA THR E 235 -34.08 -37.17 16.26
C THR E 235 -34.98 -38.36 16.01
N GLY E 236 -36.14 -38.05 15.42
CA GLY E 236 -37.02 -39.00 14.74
C GLY E 236 -38.16 -38.19 14.11
N THR E 237 -39.04 -38.86 13.35
CA THR E 237 -39.91 -38.11 12.39
C THR E 237 -40.96 -37.34 13.20
N VAL E 238 -41.32 -37.82 14.40
CA VAL E 238 -42.33 -37.14 15.27
C VAL E 238 -41.61 -36.03 16.04
N LYS E 239 -40.54 -36.36 16.77
CA LYS E 239 -39.88 -35.39 17.69
C LYS E 239 -39.06 -34.36 16.90
N GLU E 240 -38.71 -34.60 15.65
CA GLU E 240 -37.91 -33.66 14.82
C GLU E 240 -36.50 -33.63 15.43
N LEU E 241 -36.00 -32.45 15.86
CA LEU E 241 -34.73 -32.37 16.65
C LEU E 241 -35.11 -31.96 18.07
N LEU E 242 -34.82 -32.80 19.05
CA LEU E 242 -35.21 -32.56 20.46
C LEU E 242 -33.95 -32.40 21.31
N PRO E 243 -33.73 -31.23 21.93
CA PRO E 243 -32.51 -30.99 22.70
C PRO E 243 -32.36 -31.95 23.89
N VAL E 244 -31.15 -32.40 24.13
CA VAL E 244 -30.76 -33.27 25.26
C VAL E 244 -29.78 -32.45 26.12
N VAL E 245 -30.19 -32.07 27.33
CA VAL E 245 -29.39 -31.22 28.27
C VAL E 245 -28.75 -32.03 29.40
N ARG E 246 -29.10 -33.30 29.61
CA ARG E 246 -28.45 -34.14 30.67
C ARG E 246 -28.43 -35.60 30.22
N ILE E 247 -27.32 -36.27 30.46
CA ILE E 247 -27.25 -37.74 30.26
C ILE E 247 -26.72 -38.32 31.58
N GLY E 248 -27.55 -39.06 32.31
CA GLY E 248 -27.27 -39.61 33.64
C GLY E 248 -26.91 -38.49 34.61
N ASP E 249 -25.71 -38.56 35.18
CA ASP E 249 -25.13 -37.60 36.17
C ASP E 249 -24.44 -36.42 35.46
N GLN E 250 -24.42 -36.41 34.12
CA GLN E 250 -23.58 -35.48 33.33
C GLN E 250 -24.46 -34.40 32.68
N ILE E 251 -24.31 -33.14 33.10
CA ILE E 251 -25.04 -32.01 32.46
C ILE E 251 -24.30 -31.70 31.14
N ILE E 252 -25.00 -31.46 30.04
CA ILE E 252 -24.40 -31.16 28.68
C ILE E 252 -24.16 -29.65 28.55
N GLY E 253 -22.90 -29.20 28.47
CA GLY E 253 -22.47 -27.79 28.49
C GLY E 253 -23.23 -27.01 29.56
N ASN E 254 -23.91 -25.95 29.18
CA ASN E 254 -24.67 -25.07 30.12
C ASN E 254 -26.01 -25.65 30.54
N GLY E 255 -26.46 -26.80 29.99
CA GLY E 255 -27.69 -27.44 30.51
C GLY E 255 -28.98 -26.77 30.05
N VAL E 256 -28.92 -25.96 28.98
CA VAL E 256 -30.12 -25.48 28.21
C VAL E 256 -29.86 -25.82 26.75
N PRO E 257 -30.89 -25.85 25.87
CA PRO E 257 -30.67 -26.18 24.46
C PRO E 257 -29.65 -25.21 23.86
N GLY E 258 -28.74 -25.71 23.00
CA GLY E 258 -27.59 -24.96 22.49
C GLY E 258 -27.94 -24.27 21.17
N LYS E 259 -27.09 -23.33 20.72
CA LYS E 259 -27.33 -22.47 19.54
C LYS E 259 -27.37 -23.33 18.26
N LEU E 260 -26.43 -24.28 18.09
CA LEU E 260 -26.33 -25.05 16.83
C LEU E 260 -27.53 -26.01 16.75
N THR E 261 -28.02 -26.56 17.87
CA THR E 261 -29.22 -27.42 17.89
C THR E 261 -30.40 -26.57 17.46
N LYS E 262 -30.65 -25.42 18.12
CA LYS E 262 -31.81 -24.51 17.84
C LYS E 262 -31.73 -24.06 16.37
N HIS E 263 -30.52 -23.70 15.90
CA HIS E 263 -30.32 -23.30 14.51
C HIS E 263 -30.74 -24.42 13.57
N LEU E 264 -30.28 -25.64 13.77
CA LEU E 264 -30.54 -26.78 12.85
C LEU E 264 -32.02 -27.17 12.87
N HIS E 265 -32.67 -27.04 14.02
CA HIS E 265 -34.12 -27.31 14.16
C HIS E 265 -34.90 -26.27 13.33
N GLN E 266 -34.57 -25.00 13.46
CA GLN E 266 -35.15 -23.91 12.64
C GLN E 266 -34.85 -24.14 11.15
N VAL E 267 -33.63 -24.53 10.76
CA VAL E 267 -33.31 -24.89 9.32
C VAL E 267 -34.13 -26.11 8.92
N TYR E 268 -34.25 -27.15 9.78
CA TYR E 268 -35.04 -28.37 9.48
C TYR E 268 -36.46 -27.91 9.11
N LEU E 269 -37.11 -27.09 9.94
CA LEU E 269 -38.53 -26.68 9.73
C LEU E 269 -38.70 -25.81 8.47
N SER E 270 -37.73 -24.93 8.17
CA SER E 270 -37.67 -24.02 6.97
C SER E 270 -37.54 -24.85 5.70
N SER E 271 -36.82 -25.98 5.77
CA SER E 271 -36.28 -26.73 4.61
C SER E 271 -37.17 -27.94 4.33
N ILE E 272 -38.10 -28.29 5.23
CA ILE E 272 -38.74 -29.65 5.14
C ILE E 272 -39.63 -29.74 3.91
N VAL E 273 -40.12 -28.62 3.38
CA VAL E 273 -41.05 -28.53 2.21
C VAL E 273 -40.44 -29.31 1.04
N GLU E 274 -39.14 -29.24 0.87
CA GLU E 274 -38.36 -29.95 -0.19
C GLU E 274 -38.59 -31.46 -0.16
N TRP E 275 -38.77 -32.08 1.00
CA TRP E 275 -38.88 -33.57 1.05
C TRP E 275 -40.33 -33.99 1.31
N LEU E 276 -41.31 -33.08 1.33
CA LEU E 276 -42.73 -33.46 1.45
C LEU E 276 -43.18 -34.01 0.08
N GLU E 277 -44.09 -34.98 0.10
CA GLU E 277 -44.71 -35.58 -1.09
C GLU E 277 -46.23 -35.50 -0.87
#